data_2LYC
#
_entry.id   2LYC
#
_entity_poly.entity_id   1
_entity_poly.type   'polypeptide(L)'
_entity_poly.pdbx_seq_one_letter_code
;MNDIRIVPQITDEEFKTIPKYQLGRLTLEMMNEIVSKMDDFLMKKSKILGKTNKQLTRSDREVLDNWRELEMKARKRLPT
TLFFIETDIRPMLQDRLRPSFAKAIPCLRHIRRIREERCGPLTFYYPGSS
;
_entity_poly.pdbx_strand_id   A
#
# COMPACT_ATOMS: atom_id res chain seq x y z
N MET A 1 13.39 12.38 -12.38
CA MET A 1 11.96 12.58 -12.24
C MET A 1 11.57 12.74 -10.77
N ASN A 2 10.44 13.41 -10.53
CA ASN A 2 9.96 13.62 -9.17
C ASN A 2 9.01 12.50 -8.74
N ASP A 3 8.03 12.21 -9.59
CA ASP A 3 7.06 11.16 -9.30
C ASP A 3 7.63 9.79 -9.66
N ILE A 4 8.24 9.14 -8.68
CA ILE A 4 8.82 7.81 -8.89
C ILE A 4 8.16 6.78 -7.99
N ARG A 5 8.20 5.52 -8.42
CA ARG A 5 7.61 4.43 -7.65
C ARG A 5 8.18 4.40 -6.22
N ILE A 6 7.45 3.75 -5.33
CA ILE A 6 7.89 3.63 -3.93
C ILE A 6 8.14 2.18 -3.55
N VAL A 7 7.48 1.27 -4.25
CA VAL A 7 7.64 -0.15 -3.99
C VAL A 7 7.37 -0.99 -5.24
N PRO A 8 8.44 -1.53 -5.84
CA PRO A 8 8.35 -2.35 -7.05
C PRO A 8 7.69 -3.70 -6.79
N GLN A 9 7.65 -4.54 -7.81
CA GLN A 9 7.05 -5.87 -7.70
C GLN A 9 8.06 -6.88 -7.18
N ILE A 10 7.56 -8.00 -6.67
CA ILE A 10 8.42 -9.06 -6.14
C ILE A 10 8.30 -10.33 -6.97
N THR A 11 9.44 -10.97 -7.22
CA THR A 11 9.46 -12.20 -8.00
C THR A 11 9.88 -13.39 -7.14
N ASP A 12 10.17 -14.51 -7.80
CA ASP A 12 10.57 -15.72 -7.09
C ASP A 12 11.81 -15.47 -6.24
N GLU A 13 12.56 -14.43 -6.60
CA GLU A 13 13.76 -14.08 -5.85
C GLU A 13 13.42 -13.49 -4.49
N GLU A 14 12.27 -12.83 -4.40
CA GLU A 14 11.83 -12.24 -3.15
C GLU A 14 10.89 -13.16 -2.40
N PHE A 15 10.02 -13.85 -3.14
CA PHE A 15 9.06 -14.77 -2.54
C PHE A 15 9.78 -15.94 -1.88
N LYS A 16 10.82 -16.43 -2.53
CA LYS A 16 11.61 -17.55 -2.00
C LYS A 16 12.17 -17.22 -0.62
N THR A 17 12.25 -15.93 -0.32
CA THR A 17 12.77 -15.48 0.97
C THR A 17 11.74 -15.65 2.07
N ILE A 18 10.50 -15.94 1.68
CA ILE A 18 9.41 -16.12 2.63
C ILE A 18 8.91 -17.56 2.61
N PRO A 19 9.19 -18.31 3.69
CA PRO A 19 8.77 -19.70 3.81
C PRO A 19 7.26 -19.84 4.00
N LYS A 20 6.75 -21.04 3.76
CA LYS A 20 5.31 -21.31 3.90
C LYS A 20 4.85 -20.99 5.31
N TYR A 21 5.79 -20.94 6.25
CA TYR A 21 5.46 -20.66 7.64
C TYR A 21 4.84 -19.26 7.78
N GLN A 22 5.05 -18.42 6.77
CA GLN A 22 4.51 -17.07 6.77
C GLN A 22 3.46 -16.90 5.69
N LEU A 23 3.66 -17.58 4.57
CA LEU A 23 2.73 -17.51 3.44
C LEU A 23 1.46 -18.31 3.73
N GLY A 24 1.64 -19.56 4.12
CA GLY A 24 0.50 -20.42 4.43
C GLY A 24 -0.31 -20.77 3.19
N ARG A 25 -1.29 -19.93 2.89
CA ARG A 25 -2.15 -20.15 1.73
C ARG A 25 -1.96 -19.04 0.70
N LEU A 26 -0.81 -18.38 0.74
CA LEU A 26 -0.51 -17.30 -0.18
C LEU A 26 0.36 -17.81 -1.33
N THR A 27 0.63 -16.92 -2.29
CA THR A 27 1.45 -17.27 -3.45
C THR A 27 2.05 -16.03 -4.09
N LEU A 28 3.08 -16.23 -4.90
CA LEU A 28 3.74 -15.13 -5.59
C LEU A 28 2.73 -14.24 -6.31
N GLU A 29 1.76 -14.88 -6.97
CA GLU A 29 0.73 -14.15 -7.70
C GLU A 29 -0.05 -13.24 -6.77
N MET A 30 -0.37 -13.74 -5.58
CA MET A 30 -1.11 -12.98 -4.59
C MET A 30 -0.33 -11.75 -4.15
N MET A 31 0.98 -11.92 -3.93
CA MET A 31 1.84 -10.83 -3.51
C MET A 31 2.13 -9.88 -4.68
N ASN A 32 2.28 -10.46 -5.87
CA ASN A 32 2.56 -9.66 -7.06
C ASN A 32 1.47 -8.62 -7.29
N GLU A 33 0.22 -9.02 -7.10
CA GLU A 33 -0.91 -8.13 -7.29
C GLU A 33 -1.07 -7.19 -6.08
N ILE A 34 -0.62 -7.67 -4.92
CA ILE A 34 -0.71 -6.88 -3.69
C ILE A 34 0.28 -5.73 -3.69
N VAL A 35 1.51 -6.03 -4.07
CA VAL A 35 2.57 -5.02 -4.12
C VAL A 35 2.38 -4.10 -5.31
N SER A 36 1.75 -4.61 -6.36
CA SER A 36 1.52 -3.83 -7.57
C SER A 36 0.43 -2.78 -7.34
N LYS A 37 -0.72 -3.23 -6.84
CA LYS A 37 -1.83 -2.33 -6.56
C LYS A 37 -1.46 -1.30 -5.49
N MET A 38 -0.78 -1.76 -4.45
CA MET A 38 -0.36 -0.88 -3.37
C MET A 38 0.54 0.23 -3.89
N ASP A 39 1.56 -0.15 -4.67
CA ASP A 39 2.49 0.82 -5.23
C ASP A 39 1.77 1.83 -6.12
N ASP A 40 0.67 1.40 -6.72
CA ASP A 40 -0.13 2.26 -7.58
C ASP A 40 -0.77 3.40 -6.78
N PHE A 41 -1.51 3.02 -5.75
CA PHE A 41 -2.19 4.00 -4.90
C PHE A 41 -1.17 4.91 -4.21
N LEU A 42 -0.06 4.34 -3.77
CA LEU A 42 1.00 5.09 -3.11
C LEU A 42 1.75 5.96 -4.10
N MET A 43 1.92 5.47 -5.31
CA MET A 43 2.62 6.21 -6.35
C MET A 43 1.86 7.47 -6.73
N LYS A 44 0.54 7.36 -6.83
CA LYS A 44 -0.30 8.50 -7.18
C LYS A 44 -0.35 9.50 -6.03
N LYS A 45 -0.31 9.01 -4.80
CA LYS A 45 -0.35 9.86 -3.62
C LYS A 45 0.85 10.79 -3.59
N SER A 46 2.05 10.21 -3.68
CA SER A 46 3.28 10.99 -3.66
C SER A 46 3.37 11.90 -4.87
N LYS A 47 2.69 11.53 -5.94
CA LYS A 47 2.69 12.32 -7.17
C LYS A 47 1.87 13.59 -7.00
N ILE A 48 0.86 13.54 -6.13
CA ILE A 48 0.01 14.69 -5.87
C ILE A 48 0.66 15.64 -4.88
N LEU A 49 1.42 15.08 -3.94
CA LEU A 49 2.10 15.88 -2.93
C LEU A 49 3.09 16.86 -3.58
N GLY A 50 3.46 16.58 -4.83
CA GLY A 50 4.38 17.44 -5.53
C GLY A 50 3.71 18.21 -6.65
N LYS A 51 2.69 17.60 -7.26
CA LYS A 51 1.97 18.23 -8.35
C LYS A 51 1.39 19.58 -7.92
N THR A 52 0.61 20.19 -8.80
CA THR A 52 0.00 21.48 -8.51
C THR A 52 -1.43 21.54 -9.04
N ASN A 53 -2.03 22.72 -8.97
CA ASN A 53 -3.40 22.91 -9.44
C ASN A 53 -3.49 22.70 -10.95
N LYS A 54 -2.33 22.71 -11.61
CA LYS A 54 -2.27 22.51 -13.05
C LYS A 54 -2.61 21.07 -13.43
N GLN A 55 -1.91 20.13 -12.81
CA GLN A 55 -2.13 18.71 -13.07
C GLN A 55 -3.30 18.19 -12.25
N LEU A 56 -3.52 18.79 -11.10
CA LEU A 56 -4.62 18.39 -10.21
C LEU A 56 -5.93 18.30 -10.98
N THR A 57 -6.50 17.10 -11.03
CA THR A 57 -7.76 16.89 -11.73
C THR A 57 -8.84 16.38 -10.78
N ARG A 58 -10.01 16.04 -11.33
CA ARG A 58 -11.11 15.53 -10.53
C ARG A 58 -10.65 14.40 -9.62
N SER A 59 -9.97 13.41 -10.20
CA SER A 59 -9.48 12.28 -9.44
C SER A 59 -8.52 12.72 -8.35
N ASP A 60 -7.88 13.86 -8.57
CA ASP A 60 -6.93 14.40 -7.59
C ASP A 60 -7.65 15.00 -6.39
N ARG A 61 -8.83 15.58 -6.65
CA ARG A 61 -9.61 16.19 -5.59
C ARG A 61 -10.31 15.13 -4.74
N GLU A 62 -10.79 14.08 -5.40
CA GLU A 62 -11.48 12.99 -4.71
C GLU A 62 -10.50 12.20 -3.83
N VAL A 63 -9.29 12.02 -4.33
CA VAL A 63 -8.26 11.28 -3.59
C VAL A 63 -7.75 12.10 -2.42
N LEU A 64 -7.61 13.41 -2.61
CA LEU A 64 -7.13 14.30 -1.57
C LEU A 64 -8.12 14.38 -0.41
N ASP A 65 -9.40 14.38 -0.74
CA ASP A 65 -10.45 14.44 0.28
C ASP A 65 -10.50 13.15 1.09
N ASN A 66 -10.35 12.02 0.39
CA ASN A 66 -10.38 10.72 1.05
C ASN A 66 -9.10 10.48 1.83
N TRP A 67 -7.96 10.80 1.22
CA TRP A 67 -6.66 10.62 1.86
C TRP A 67 -6.58 11.43 3.15
N ARG A 68 -7.05 12.67 3.10
CA ARG A 68 -7.02 13.55 4.26
C ARG A 68 -8.06 13.11 5.30
N GLU A 69 -9.08 12.40 4.83
CA GLU A 69 -10.14 11.93 5.71
C GLU A 69 -9.62 10.85 6.65
N LEU A 70 -8.86 9.91 6.11
CA LEU A 70 -8.31 8.81 6.89
C LEU A 70 -7.13 9.29 7.74
N GLU A 71 -6.39 10.26 7.21
CA GLU A 71 -5.24 10.82 7.92
C GLU A 71 -5.67 11.60 9.15
N MET A 72 -6.84 12.23 9.05
CA MET A 72 -7.37 13.02 10.16
C MET A 72 -8.19 12.14 11.09
N LYS A 73 -8.61 10.99 10.61
CA LYS A 73 -9.40 10.05 11.40
C LYS A 73 -8.50 9.20 12.28
N ALA A 74 -7.23 9.12 11.93
CA ALA A 74 -6.27 8.33 12.69
C ALA A 74 -5.87 9.04 13.98
N ARG A 75 -6.48 10.19 14.22
CA ARG A 75 -6.19 10.97 15.43
C ARG A 75 -4.79 11.57 15.36
N LYS A 76 -4.54 12.36 14.32
CA LYS A 76 -3.25 13.00 14.13
C LYS A 76 -2.12 12.04 14.50
N ARG A 77 -2.26 10.79 14.11
CA ARG A 77 -1.25 9.77 14.41
C ARG A 77 -0.41 9.48 13.17
N LEU A 78 0.47 8.48 13.28
CA LEU A 78 1.33 8.10 12.16
C LEU A 78 2.28 9.23 11.80
N PRO A 79 3.58 9.00 12.00
CA PRO A 79 4.62 9.98 11.69
C PRO A 79 4.79 10.20 10.19
N THR A 80 4.31 9.24 9.40
CA THR A 80 4.41 9.33 7.94
C THR A 80 3.16 9.98 7.35
N THR A 81 3.21 10.26 6.05
CA THR A 81 2.09 10.87 5.36
C THR A 81 1.87 10.23 3.99
N LEU A 82 2.56 9.13 3.74
CA LEU A 82 2.45 8.43 2.46
C LEU A 82 1.91 7.02 2.67
N PHE A 83 0.67 6.91 3.13
CA PHE A 83 0.06 5.62 3.37
C PHE A 83 -1.39 5.61 2.87
N PHE A 84 -2.01 4.43 2.91
CA PHE A 84 -3.39 4.28 2.46
C PHE A 84 -4.13 3.27 3.32
N ILE A 85 -5.44 3.18 3.10
CA ILE A 85 -6.28 2.25 3.86
C ILE A 85 -6.55 0.98 3.06
N GLU A 86 -6.59 -0.16 3.75
CA GLU A 86 -6.84 -1.44 3.10
C GLU A 86 -8.15 -1.41 2.33
N THR A 87 -9.05 -0.54 2.76
CA THR A 87 -10.36 -0.41 2.10
C THR A 87 -10.23 0.27 0.74
N ASP A 88 -9.05 0.80 0.47
CA ASP A 88 -8.79 1.49 -0.80
C ASP A 88 -8.02 0.58 -1.75
N ILE A 89 -7.25 -0.35 -1.19
CA ILE A 89 -6.46 -1.26 -1.98
C ILE A 89 -7.18 -2.59 -2.19
N ARG A 90 -7.91 -3.02 -1.16
CA ARG A 90 -8.66 -4.27 -1.24
C ARG A 90 -9.52 -4.33 -2.50
N PRO A 91 -10.41 -3.34 -2.65
CA PRO A 91 -11.30 -3.24 -3.82
C PRO A 91 -10.55 -2.90 -5.09
N MET A 92 -9.23 -2.84 -5.00
CA MET A 92 -8.39 -2.52 -6.16
C MET A 92 -7.62 -3.76 -6.62
N LEU A 93 -7.43 -4.71 -5.72
CA LEU A 93 -6.71 -5.94 -6.04
C LEU A 93 -7.53 -6.83 -6.96
N GLN A 94 -7.95 -7.98 -6.44
CA GLN A 94 -8.74 -8.93 -7.23
C GLN A 94 -9.88 -9.50 -6.39
N ASP A 95 -11.03 -9.68 -7.02
CA ASP A 95 -12.20 -10.21 -6.34
C ASP A 95 -11.99 -11.68 -5.97
N ARG A 96 -11.09 -12.34 -6.69
CA ARG A 96 -10.79 -13.74 -6.44
C ARG A 96 -9.50 -13.90 -5.64
N LEU A 97 -8.85 -12.77 -5.35
CA LEU A 97 -7.60 -12.78 -4.59
C LEU A 97 -7.83 -13.28 -3.18
N ARG A 98 -9.08 -13.19 -2.72
CA ARG A 98 -9.43 -13.64 -1.37
C ARG A 98 -8.68 -12.82 -0.32
N PRO A 99 -9.16 -12.89 0.93
CA PRO A 99 -8.55 -12.18 2.05
C PRO A 99 -7.20 -12.75 2.44
N SER A 100 -6.21 -12.58 1.56
CA SER A 100 -4.87 -13.08 1.81
C SER A 100 -3.96 -11.97 2.34
N PHE A 101 -4.41 -10.73 2.18
CA PHE A 101 -3.63 -9.58 2.65
C PHE A 101 -3.22 -9.76 4.10
N ALA A 102 -4.18 -10.05 4.96
CA ALA A 102 -3.91 -10.25 6.37
C ALA A 102 -2.83 -11.31 6.59
N LYS A 103 -2.66 -12.17 5.59
CA LYS A 103 -1.67 -13.24 5.67
C LYS A 103 -0.38 -12.84 4.95
N ALA A 104 -0.51 -11.89 4.03
CA ALA A 104 0.65 -11.41 3.27
C ALA A 104 1.41 -10.33 4.04
N ILE A 105 0.75 -9.76 5.04
CA ILE A 105 1.37 -8.72 5.85
C ILE A 105 2.77 -9.12 6.28
N PRO A 106 2.90 -10.31 6.88
CA PRO A 106 4.19 -10.84 7.33
C PRO A 106 5.12 -11.19 6.18
N CYS A 107 4.53 -11.42 5.01
CA CYS A 107 5.31 -11.78 3.82
C CYS A 107 5.86 -10.53 3.13
N LEU A 108 5.15 -9.42 3.31
CA LEU A 108 5.56 -8.16 2.70
C LEU A 108 6.59 -7.44 3.58
N ARG A 109 6.44 -7.60 4.89
CA ARG A 109 7.36 -6.96 5.84
C ARG A 109 8.66 -7.76 5.96
N HIS A 110 8.55 -9.08 5.81
CA HIS A 110 9.70 -9.97 5.91
C HIS A 110 10.79 -9.54 4.92
N ILE A 111 10.38 -8.80 3.89
CA ILE A 111 11.32 -8.33 2.87
C ILE A 111 11.60 -6.84 3.03
N ARG A 112 10.80 -6.18 3.86
CA ARG A 112 10.96 -4.74 4.10
C ARG A 112 10.53 -3.94 2.87
N ARG A 113 9.39 -4.31 2.30
CA ARG A 113 8.87 -3.63 1.12
C ARG A 113 7.78 -2.63 1.51
N ILE A 114 7.07 -2.93 2.59
CA ILE A 114 6.00 -2.07 3.06
C ILE A 114 5.84 -2.15 4.58
N ARG A 115 4.89 -1.41 5.11
CA ARG A 115 4.63 -1.40 6.56
C ARG A 115 3.14 -1.36 6.85
N GLU A 116 2.78 -1.56 8.11
CA GLU A 116 1.39 -1.54 8.51
C GLU A 116 1.22 -0.91 9.90
N GLU A 117 0.34 0.08 9.98
CA GLU A 117 0.11 0.78 11.25
C GLU A 117 -1.32 0.54 11.73
N ARG A 118 -1.45 -0.20 12.83
CA ARG A 118 -2.77 -0.49 13.39
C ARG A 118 -3.25 0.65 14.27
N CYS A 119 -4.14 1.48 13.73
CA CYS A 119 -4.68 2.62 14.46
C CYS A 119 -6.20 2.53 14.55
N GLY A 120 -6.70 1.87 15.59
CA GLY A 120 -8.12 1.74 15.77
C GLY A 120 -8.78 0.95 14.65
N PRO A 121 -10.04 1.28 14.34
CA PRO A 121 -10.80 0.61 13.28
C PRO A 121 -10.27 0.95 11.89
N LEU A 122 -8.96 1.10 11.79
CA LEU A 122 -8.32 1.41 10.51
C LEU A 122 -6.98 0.72 10.38
N THR A 123 -6.43 0.71 9.16
CA THR A 123 -5.15 0.08 8.91
C THR A 123 -4.40 0.79 7.79
N PHE A 124 -3.33 1.49 8.15
CA PHE A 124 -2.52 2.22 7.19
C PHE A 124 -1.31 1.41 6.77
N TYR A 125 -0.69 1.79 5.66
CA TYR A 125 0.49 1.10 5.15
C TYR A 125 1.42 2.06 4.41
N TYR A 126 2.67 2.12 4.86
CA TYR A 126 3.65 3.00 4.25
C TYR A 126 4.86 2.21 3.76
N PRO A 127 5.63 2.82 2.84
CA PRO A 127 6.82 2.18 2.27
C PRO A 127 7.96 2.07 3.28
N GLY A 128 8.07 0.90 3.90
CA GLY A 128 9.11 0.68 4.90
C GLY A 128 9.16 1.78 5.93
N SER A 129 10.36 2.04 6.46
CA SER A 129 10.54 3.07 7.48
C SER A 129 11.74 3.96 7.14
N SER A 130 11.58 5.25 7.40
CA SER A 130 12.65 6.21 7.11
C SER A 130 13.60 6.33 8.30
N MET A 1 10.68 15.04 -3.27
CA MET A 1 9.95 13.82 -3.54
C MET A 1 9.52 13.76 -5.01
N ASN A 2 9.76 12.61 -5.64
CA ASN A 2 9.39 12.43 -7.04
C ASN A 2 8.14 11.58 -7.18
N ASP A 3 7.74 11.30 -8.41
CA ASP A 3 6.56 10.50 -8.68
C ASP A 3 6.94 9.06 -9.03
N ILE A 4 8.15 8.68 -8.65
CA ILE A 4 8.64 7.33 -8.92
C ILE A 4 7.93 6.29 -8.05
N ARG A 5 8.03 5.03 -8.44
CA ARG A 5 7.39 3.95 -7.70
C ARG A 5 7.95 3.88 -6.27
N ILE A 6 7.09 3.48 -5.34
CA ILE A 6 7.50 3.37 -3.95
C ILE A 6 7.81 1.93 -3.57
N VAL A 7 7.10 0.99 -4.20
CA VAL A 7 7.30 -0.43 -3.93
C VAL A 7 6.88 -1.28 -5.13
N PRO A 8 7.87 -1.70 -5.93
CA PRO A 8 7.62 -2.52 -7.12
C PRO A 8 7.17 -3.94 -6.77
N GLN A 9 6.62 -4.64 -7.75
CA GLN A 9 6.15 -6.00 -7.54
C GLN A 9 7.30 -6.92 -7.14
N ILE A 10 6.97 -8.13 -6.71
CA ILE A 10 7.98 -9.10 -6.29
C ILE A 10 7.89 -10.37 -7.14
N THR A 11 8.98 -10.70 -7.83
CA THR A 11 9.02 -11.88 -8.66
C THR A 11 9.37 -13.12 -7.84
N ASP A 12 9.66 -14.22 -8.54
CA ASP A 12 10.01 -15.47 -7.87
C ASP A 12 11.30 -15.32 -7.07
N GLU A 13 12.09 -14.30 -7.41
CA GLU A 13 13.35 -14.05 -6.74
C GLU A 13 13.12 -13.32 -5.42
N GLU A 14 12.06 -12.52 -5.35
CA GLU A 14 11.72 -11.78 -4.15
C GLU A 14 10.72 -12.53 -3.30
N PHE A 15 9.81 -13.25 -3.96
CA PHE A 15 8.79 -14.02 -3.25
C PHE A 15 9.40 -15.23 -2.57
N LYS A 16 10.44 -15.81 -3.18
CA LYS A 16 11.11 -16.97 -2.64
C LYS A 16 11.83 -16.62 -1.33
N THR A 17 11.92 -15.33 -1.05
CA THR A 17 12.59 -14.86 0.17
C THR A 17 11.69 -15.05 1.38
N ILE A 18 10.44 -15.44 1.14
CA ILE A 18 9.49 -15.66 2.22
C ILE A 18 9.16 -17.13 2.37
N PRO A 19 9.43 -17.69 3.56
CA PRO A 19 9.17 -19.10 3.86
C PRO A 19 7.67 -19.40 3.96
N LYS A 20 7.31 -20.65 3.70
CA LYS A 20 5.92 -21.08 3.77
C LYS A 20 5.32 -20.77 5.14
N TYR A 21 6.17 -20.77 6.16
CA TYR A 21 5.73 -20.50 7.53
C TYR A 21 5.15 -19.09 7.65
N GLN A 22 5.47 -18.24 6.66
CA GLN A 22 4.98 -16.87 6.67
C GLN A 22 3.92 -16.68 5.58
N LEU A 23 4.08 -17.39 4.47
CA LEU A 23 3.14 -17.29 3.36
C LEU A 23 1.74 -17.71 3.80
N GLY A 24 1.60 -18.95 4.25
CA GLY A 24 0.32 -19.46 4.69
C GLY A 24 -0.69 -19.53 3.57
N ARG A 25 -0.52 -20.52 2.69
CA ARG A 25 -1.43 -20.69 1.56
C ARG A 25 -1.32 -19.53 0.58
N LEU A 26 -0.28 -18.73 0.75
CA LEU A 26 -0.05 -17.57 -0.12
C LEU A 26 0.68 -17.98 -1.39
N THR A 27 0.60 -17.14 -2.42
CA THR A 27 1.25 -17.41 -3.69
C THR A 27 1.78 -16.13 -4.32
N LEU A 28 2.75 -16.28 -5.22
CA LEU A 28 3.35 -15.13 -5.90
C LEU A 28 2.26 -14.24 -6.49
N GLU A 29 1.25 -14.85 -7.10
CA GLU A 29 0.16 -14.10 -7.70
C GLU A 29 -0.55 -13.23 -6.66
N MET A 30 -0.70 -13.77 -5.46
CA MET A 30 -1.35 -13.05 -4.37
C MET A 30 -0.58 -11.79 -4.01
N MET A 31 0.73 -11.93 -3.84
CA MET A 31 1.58 -10.80 -3.49
C MET A 31 1.81 -9.90 -4.70
N ASN A 32 1.83 -10.50 -5.89
CA ASN A 32 2.04 -9.75 -7.12
C ASN A 32 0.96 -8.68 -7.30
N GLU A 33 -0.29 -9.05 -7.01
CA GLU A 33 -1.41 -8.12 -7.14
C GLU A 33 -1.49 -7.20 -5.92
N ILE A 34 -1.07 -7.71 -4.77
CA ILE A 34 -1.09 -6.93 -3.55
C ILE A 34 -0.09 -5.79 -3.59
N VAL A 35 1.14 -6.11 -4.02
CA VAL A 35 2.20 -5.11 -4.12
C VAL A 35 1.99 -4.21 -5.33
N SER A 36 1.32 -4.74 -6.34
CA SER A 36 1.05 -3.97 -7.56
C SER A 36 -0.02 -2.91 -7.31
N LYS A 37 -1.15 -3.33 -6.76
CA LYS A 37 -2.25 -2.41 -6.47
C LYS A 37 -1.85 -1.42 -5.39
N MET A 38 -1.17 -1.91 -4.35
CA MET A 38 -0.73 -1.06 -3.26
C MET A 38 0.17 0.06 -3.76
N ASP A 39 1.22 -0.31 -4.49
CA ASP A 39 2.15 0.66 -5.03
C ASP A 39 1.46 1.62 -5.99
N ASP A 40 0.44 1.11 -6.69
CA ASP A 40 -0.31 1.91 -7.64
C ASP A 40 -0.95 3.11 -6.95
N PHE A 41 -1.74 2.84 -5.91
CA PHE A 41 -2.41 3.90 -5.17
C PHE A 41 -1.40 4.88 -4.56
N LEU A 42 -0.39 4.33 -3.89
CA LEU A 42 0.64 5.14 -3.26
C LEU A 42 1.42 5.94 -4.31
N MET A 43 1.58 5.35 -5.49
CA MET A 43 2.30 5.99 -6.57
C MET A 43 1.57 7.25 -7.03
N LYS A 44 0.24 7.19 -7.07
CA LYS A 44 -0.56 8.32 -7.49
C LYS A 44 -0.56 9.43 -6.43
N LYS A 45 -0.56 9.01 -5.17
CA LYS A 45 -0.55 9.96 -4.05
C LYS A 45 0.72 10.82 -4.08
N SER A 46 1.87 10.17 -4.15
CA SER A 46 3.14 10.88 -4.19
C SER A 46 3.27 11.70 -5.46
N LYS A 47 2.57 11.27 -6.51
CA LYS A 47 2.61 11.96 -7.79
C LYS A 47 1.87 13.30 -7.71
N ILE A 48 0.88 13.36 -6.83
CA ILE A 48 0.09 14.58 -6.65
C ILE A 48 0.78 15.54 -5.69
N LEU A 49 1.48 14.98 -4.72
CA LEU A 49 2.19 15.79 -3.72
C LEU A 49 3.25 16.67 -4.39
N GLY A 50 3.61 16.33 -5.62
CA GLY A 50 4.59 17.11 -6.34
C GLY A 50 3.97 17.95 -7.45
N LYS A 51 2.95 17.40 -8.10
CA LYS A 51 2.28 18.11 -9.18
C LYS A 51 1.83 19.49 -8.73
N THR A 52 1.37 20.31 -9.68
CA THR A 52 0.90 21.65 -9.36
C THR A 52 -0.59 21.81 -9.68
N ASN A 53 -1.14 22.95 -9.31
CA ASN A 53 -2.55 23.23 -9.56
C ASN A 53 -2.88 23.15 -11.04
N LYS A 54 -1.85 23.31 -11.87
CA LYS A 54 -2.02 23.25 -13.32
C LYS A 54 -2.34 21.82 -13.77
N GLN A 55 -1.59 20.86 -13.25
CA GLN A 55 -1.78 19.46 -13.60
C GLN A 55 -2.88 18.83 -12.73
N LEU A 56 -3.07 19.38 -11.54
CA LEU A 56 -4.09 18.89 -10.62
C LEU A 56 -5.42 18.72 -11.33
N THR A 57 -5.98 17.51 -11.28
CA THR A 57 -7.26 17.21 -11.91
C THR A 57 -8.23 16.58 -10.92
N ARG A 58 -9.37 16.13 -11.43
CA ARG A 58 -10.38 15.50 -10.59
C ARG A 58 -9.77 14.41 -9.73
N SER A 59 -8.94 13.56 -10.34
CA SER A 59 -8.30 12.48 -9.63
C SER A 59 -7.38 13.00 -8.52
N ASP A 60 -6.85 14.21 -8.74
CA ASP A 60 -5.96 14.84 -7.77
C ASP A 60 -6.76 15.39 -6.59
N ARG A 61 -7.97 15.85 -6.86
CA ARG A 61 -8.83 16.40 -5.82
C ARG A 61 -9.41 15.30 -4.95
N GLU A 62 -9.77 14.19 -5.58
CA GLU A 62 -10.35 13.05 -4.85
C GLU A 62 -9.29 12.39 -3.97
N VAL A 63 -8.09 12.22 -4.51
CA VAL A 63 -7.00 11.59 -3.77
C VAL A 63 -6.57 12.46 -2.60
N LEU A 64 -6.52 13.77 -2.82
CA LEU A 64 -6.12 14.71 -1.77
C LEU A 64 -7.11 14.69 -0.61
N ASP A 65 -8.40 14.69 -0.94
CA ASP A 65 -9.45 14.68 0.07
C ASP A 65 -9.35 13.41 0.92
N ASN A 66 -9.11 12.28 0.26
CA ASN A 66 -9.00 11.00 0.95
C ASN A 66 -7.72 10.94 1.79
N TRP A 67 -6.61 11.35 1.19
CA TRP A 67 -5.33 11.34 1.88
C TRP A 67 -5.44 12.02 3.24
N ARG A 68 -6.04 13.21 3.26
CA ARG A 68 -6.20 13.96 4.50
C ARG A 68 -7.26 13.31 5.39
N GLU A 69 -8.14 12.52 4.78
CA GLU A 69 -9.20 11.84 5.52
C GLU A 69 -8.64 10.67 6.32
N LEU A 70 -7.69 9.96 5.71
CA LEU A 70 -7.07 8.81 6.37
C LEU A 70 -6.09 9.26 7.45
N GLU A 71 -5.30 10.27 7.13
CA GLU A 71 -4.31 10.79 8.07
C GLU A 71 -5.00 11.46 9.27
N MET A 72 -6.20 11.99 9.03
CA MET A 72 -6.96 12.64 10.09
C MET A 72 -7.82 11.64 10.85
N LYS A 73 -8.03 10.48 10.24
CA LYS A 73 -8.82 9.42 10.86
C LYS A 73 -7.95 8.48 11.68
N ALA A 74 -6.64 8.60 11.51
CA ALA A 74 -5.71 7.76 12.25
C ALA A 74 -5.57 8.23 13.70
N ARG A 75 -6.30 9.28 14.05
CA ARG A 75 -6.26 9.83 15.40
C ARG A 75 -4.82 10.02 15.86
N LYS A 76 -3.95 10.41 14.94
CA LYS A 76 -2.55 10.63 15.26
C LYS A 76 -1.78 11.10 14.03
N ARG A 77 -0.57 11.61 14.26
CA ARG A 77 0.26 12.11 13.17
C ARG A 77 1.39 11.14 12.86
N LEU A 78 1.14 10.22 11.94
CA LEU A 78 2.14 9.23 11.55
C LEU A 78 3.35 9.90 10.92
N PRO A 79 4.47 9.17 10.89
CA PRO A 79 5.73 9.66 10.32
C PRO A 79 5.67 9.80 8.80
N THR A 80 4.97 8.86 8.16
CA THR A 80 4.83 8.88 6.71
C THR A 80 3.37 8.90 6.30
N THR A 81 2.86 10.08 5.96
CA THR A 81 1.47 10.24 5.55
C THR A 81 1.20 9.51 4.24
N LEU A 82 2.27 9.09 3.57
CA LEU A 82 2.15 8.38 2.30
C LEU A 82 1.69 6.93 2.53
N PHE A 83 0.43 6.77 2.91
CA PHE A 83 -0.12 5.45 3.17
C PHE A 83 -1.56 5.35 2.65
N PHE A 84 -2.18 4.19 2.87
CA PHE A 84 -3.55 3.97 2.43
C PHE A 84 -4.26 2.97 3.34
N ILE A 85 -5.58 2.86 3.18
CA ILE A 85 -6.37 1.94 3.98
C ILE A 85 -6.66 0.66 3.22
N GLU A 86 -6.87 -0.43 3.95
CA GLU A 86 -7.15 -1.72 3.34
C GLU A 86 -8.38 -1.63 2.44
N THR A 87 -9.30 -0.73 2.78
CA THR A 87 -10.51 -0.55 2.00
C THR A 87 -10.23 0.23 0.73
N ASP A 88 -9.02 0.76 0.61
CA ASP A 88 -8.63 1.54 -0.56
C ASP A 88 -7.82 0.68 -1.53
N ILE A 89 -7.48 -0.54 -1.09
CA ILE A 89 -6.71 -1.45 -1.92
C ILE A 89 -7.46 -2.77 -2.14
N ARG A 90 -8.16 -3.22 -1.10
CA ARG A 90 -8.91 -4.46 -1.17
C ARG A 90 -9.80 -4.49 -2.43
N PRO A 91 -10.69 -3.49 -2.55
CA PRO A 91 -11.60 -3.38 -3.69
C PRO A 91 -10.87 -3.00 -4.98
N MET A 92 -9.54 -3.04 -4.93
CA MET A 92 -8.73 -2.71 -6.09
C MET A 92 -7.98 -3.93 -6.60
N LEU A 93 -7.78 -4.91 -5.71
CA LEU A 93 -7.07 -6.13 -6.06
C LEU A 93 -7.95 -7.04 -6.93
N GLN A 94 -8.24 -8.22 -6.43
CA GLN A 94 -9.07 -9.18 -7.15
C GLN A 94 -10.13 -9.80 -6.24
N ASP A 95 -11.31 -10.04 -6.78
CA ASP A 95 -12.39 -10.64 -6.00
C ASP A 95 -12.05 -12.06 -5.58
N ARG A 96 -11.41 -12.79 -6.49
CA ARG A 96 -11.02 -14.17 -6.21
C ARG A 96 -9.62 -14.24 -5.60
N LEU A 97 -9.18 -13.12 -5.03
CA LEU A 97 -7.87 -13.05 -4.41
C LEU A 97 -7.88 -13.65 -3.01
N ARG A 98 -9.07 -13.71 -2.41
CA ARG A 98 -9.22 -14.27 -1.08
C ARG A 98 -8.47 -13.43 -0.04
N PRO A 99 -8.80 -13.64 1.24
CA PRO A 99 -8.17 -12.91 2.35
C PRO A 99 -6.71 -13.31 2.55
N SER A 100 -5.87 -12.94 1.59
CA SER A 100 -4.45 -13.26 1.68
C SER A 100 -3.64 -12.08 2.20
N PHE A 101 -4.18 -10.88 2.03
CA PHE A 101 -3.53 -9.66 2.49
C PHE A 101 -3.11 -9.79 3.95
N ALA A 102 -4.06 -10.19 4.79
CA ALA A 102 -3.79 -10.36 6.22
C ALA A 102 -2.63 -11.32 6.46
N LYS A 103 -2.35 -12.15 5.46
CA LYS A 103 -1.27 -13.13 5.56
C LYS A 103 -0.02 -12.64 4.84
N ALA A 104 -0.20 -11.68 3.92
CA ALA A 104 0.91 -11.12 3.18
C ALA A 104 1.60 -10.02 3.97
N ILE A 105 0.90 -9.46 4.95
CA ILE A 105 1.45 -8.40 5.78
C ILE A 105 2.86 -8.74 6.24
N PRO A 106 3.02 -9.93 6.82
CA PRO A 106 4.32 -10.40 7.32
C PRO A 106 5.29 -10.72 6.19
N CYS A 107 4.75 -11.15 5.05
CA CYS A 107 5.57 -11.49 3.89
C CYS A 107 6.03 -10.23 3.16
N LEU A 108 5.41 -9.10 3.49
CA LEU A 108 5.75 -7.84 2.86
C LEU A 108 6.76 -7.06 3.71
N ARG A 109 6.64 -7.19 5.03
CA ARG A 109 7.53 -6.50 5.95
C ARG A 109 8.82 -7.31 6.15
N HIS A 110 8.70 -8.63 6.06
CA HIS A 110 9.86 -9.50 6.23
C HIS A 110 10.97 -9.13 5.25
N ILE A 111 10.60 -8.45 4.18
CA ILE A 111 11.57 -8.04 3.17
C ILE A 111 11.95 -6.57 3.34
N ARG A 112 11.21 -5.86 4.18
CA ARG A 112 11.47 -4.45 4.42
C ARG A 112 11.11 -3.61 3.21
N ARG A 113 9.86 -3.70 2.78
CA ARG A 113 9.39 -2.94 1.62
C ARG A 113 8.22 -2.04 1.99
N ILE A 114 7.42 -2.48 2.96
CA ILE A 114 6.27 -1.71 3.41
C ILE A 114 6.06 -1.88 4.92
N ARG A 115 5.02 -1.22 5.43
CA ARG A 115 4.72 -1.29 6.85
C ARG A 115 3.21 -1.23 7.09
N GLU A 116 2.79 -1.38 8.34
CA GLU A 116 1.38 -1.35 8.69
C GLU A 116 1.17 -0.72 10.06
N GLU A 117 0.25 0.25 10.14
CA GLU A 117 -0.04 0.93 11.39
C GLU A 117 -1.45 0.61 11.87
N ARG A 118 -1.53 -0.21 12.90
CA ARG A 118 -2.83 -0.60 13.46
C ARG A 118 -3.36 0.48 14.41
N CYS A 119 -4.31 1.27 13.92
CA CYS A 119 -4.89 2.34 14.72
C CYS A 119 -6.42 2.22 14.76
N GLY A 120 -6.93 1.55 15.79
CA GLY A 120 -8.35 1.37 15.94
C GLY A 120 -8.96 0.61 14.77
N PRO A 121 -10.22 0.92 14.45
CA PRO A 121 -10.94 0.26 13.35
C PRO A 121 -10.40 0.66 11.99
N LEU A 122 -9.08 0.78 11.89
CA LEU A 122 -8.43 1.16 10.64
C LEU A 122 -7.06 0.50 10.52
N THR A 123 -6.49 0.55 9.31
CA THR A 123 -5.18 -0.04 9.07
C THR A 123 -4.47 0.66 7.92
N PHE A 124 -3.40 1.38 8.22
CA PHE A 124 -2.64 2.10 7.22
C PHE A 124 -1.42 1.30 6.79
N TYR A 125 -0.78 1.73 5.71
CA TYR A 125 0.41 1.05 5.19
C TYR A 125 1.33 2.03 4.47
N TYR A 126 2.55 2.18 4.98
CA TYR A 126 3.52 3.08 4.38
C TYR A 126 4.81 2.34 4.02
N PRO A 127 5.60 2.94 3.12
CA PRO A 127 6.86 2.36 2.67
C PRO A 127 7.93 2.38 3.75
N GLY A 128 8.03 1.27 4.50
CA GLY A 128 9.01 1.19 5.57
C GLY A 128 8.94 2.38 6.51
N SER A 129 9.92 2.48 7.40
CA SER A 129 9.97 3.56 8.37
C SER A 129 11.16 4.47 8.11
N SER A 130 12.21 3.91 7.52
CA SER A 130 13.41 4.67 7.21
C SER A 130 13.50 5.00 5.73
N MET A 1 8.31 15.98 -11.20
CA MET A 1 9.31 15.82 -10.15
C MET A 1 9.92 14.42 -10.19
N ASN A 2 9.90 13.80 -11.37
CA ASN A 2 10.44 12.46 -11.55
C ASN A 2 9.75 11.46 -10.64
N ASP A 3 8.41 11.52 -10.61
CA ASP A 3 7.62 10.62 -9.79
C ASP A 3 7.93 9.16 -10.13
N ILE A 4 8.52 8.45 -9.18
CA ILE A 4 8.87 7.05 -9.37
C ILE A 4 8.16 6.17 -8.36
N ARG A 5 8.00 4.88 -8.70
CA ARG A 5 7.34 3.94 -7.82
C ARG A 5 8.01 3.90 -6.46
N ILE A 6 7.31 3.35 -5.47
CA ILE A 6 7.85 3.24 -4.12
C ILE A 6 8.00 1.78 -3.70
N VAL A 7 7.27 0.90 -4.36
CA VAL A 7 7.33 -0.53 -4.06
C VAL A 7 6.96 -1.36 -5.28
N PRO A 8 7.99 -1.86 -5.98
CA PRO A 8 7.80 -2.69 -7.18
C PRO A 8 7.22 -4.06 -6.86
N GLN A 9 6.87 -4.82 -7.89
CA GLN A 9 6.31 -6.15 -7.71
C GLN A 9 7.40 -7.13 -7.30
N ILE A 10 6.98 -8.30 -6.81
CA ILE A 10 7.91 -9.34 -6.38
C ILE A 10 7.76 -10.60 -7.22
N THR A 11 8.83 -10.97 -7.91
CA THR A 11 8.82 -12.16 -8.75
C THR A 11 9.19 -13.40 -7.95
N ASP A 12 9.49 -14.49 -8.66
CA ASP A 12 9.87 -15.75 -8.02
C ASP A 12 11.16 -15.59 -7.24
N GLU A 13 11.93 -14.56 -7.58
CA GLU A 13 13.20 -14.30 -6.91
C GLU A 13 12.97 -13.60 -5.57
N GLU A 14 11.91 -12.82 -5.49
CA GLU A 14 11.58 -12.09 -4.28
C GLU A 14 10.56 -12.86 -3.43
N PHE A 15 9.69 -13.58 -4.10
CA PHE A 15 8.66 -14.37 -3.41
C PHE A 15 9.28 -15.58 -2.73
N LYS A 16 10.27 -16.18 -3.38
CA LYS A 16 10.95 -17.35 -2.82
C LYS A 16 11.74 -16.98 -1.58
N THR A 17 11.87 -15.69 -1.33
CA THR A 17 12.62 -15.21 -0.17
C THR A 17 11.80 -15.35 1.10
N ILE A 18 10.51 -15.68 0.95
CA ILE A 18 9.62 -15.85 2.08
C ILE A 18 9.31 -17.33 2.32
N PRO A 19 9.48 -17.76 3.58
CA PRO A 19 9.22 -19.15 3.97
C PRO A 19 7.74 -19.49 3.95
N LYS A 20 7.43 -20.75 3.62
CA LYS A 20 6.05 -21.20 3.56
C LYS A 20 5.33 -20.96 4.88
N TYR A 21 6.11 -20.86 5.96
CA TYR A 21 5.55 -20.63 7.28
C TYR A 21 4.85 -19.27 7.35
N GLN A 22 5.21 -18.39 6.42
CA GLN A 22 4.61 -17.06 6.37
C GLN A 22 3.55 -16.97 5.28
N LEU A 23 3.82 -17.62 4.15
CA LEU A 23 2.90 -17.63 3.03
C LEU A 23 1.68 -18.49 3.32
N GLY A 24 1.92 -19.73 3.70
CA GLY A 24 0.83 -20.65 4.02
C GLY A 24 -0.05 -20.92 2.81
N ARG A 25 -1.11 -20.13 2.66
CA ARG A 25 -2.03 -20.30 1.55
C ARG A 25 -1.91 -19.14 0.56
N LEU A 26 -0.75 -18.52 0.53
CA LEU A 26 -0.51 -17.39 -0.36
C LEU A 26 0.23 -17.84 -1.63
N THR A 27 0.26 -16.98 -2.63
CA THR A 27 0.94 -17.29 -3.89
C THR A 27 1.54 -16.04 -4.51
N LEU A 28 2.50 -16.23 -5.41
CA LEU A 28 3.16 -15.12 -6.08
C LEU A 28 2.14 -14.17 -6.69
N GLU A 29 1.11 -14.73 -7.31
CA GLU A 29 0.07 -13.93 -7.94
C GLU A 29 -0.64 -13.06 -6.90
N MET A 30 -0.85 -13.60 -5.71
CA MET A 30 -1.51 -12.87 -4.63
C MET A 30 -0.70 -11.63 -4.24
N MET A 31 0.59 -11.82 -4.05
CA MET A 31 1.48 -10.72 -3.66
C MET A 31 1.77 -9.83 -4.86
N ASN A 32 1.82 -10.42 -6.05
CA ASN A 32 2.09 -9.68 -7.27
C ASN A 32 1.06 -8.57 -7.47
N GLU A 33 -0.20 -8.89 -7.22
CA GLU A 33 -1.28 -7.93 -7.37
C GLU A 33 -1.37 -7.01 -6.15
N ILE A 34 -1.09 -7.56 -4.98
CA ILE A 34 -1.14 -6.79 -3.74
C ILE A 34 -0.08 -5.69 -3.74
N VAL A 35 1.14 -6.04 -4.14
CA VAL A 35 2.23 -5.07 -4.19
C VAL A 35 2.09 -4.14 -5.39
N SER A 36 1.52 -4.66 -6.46
CA SER A 36 1.33 -3.88 -7.68
C SER A 36 0.26 -2.80 -7.47
N LYS A 37 -0.88 -3.21 -6.91
CA LYS A 37 -1.96 -2.28 -6.67
C LYS A 37 -1.57 -1.24 -5.62
N MET A 38 -1.13 -1.72 -4.46
CA MET A 38 -0.72 -0.84 -3.37
C MET A 38 0.28 0.21 -3.87
N ASP A 39 1.19 -0.22 -4.75
CA ASP A 39 2.20 0.67 -5.31
C ASP A 39 1.56 1.71 -6.22
N ASP A 40 0.46 1.32 -6.88
CA ASP A 40 -0.24 2.22 -7.78
C ASP A 40 -0.80 3.43 -7.03
N PHE A 41 -1.50 3.16 -5.93
CA PHE A 41 -2.08 4.23 -5.13
C PHE A 41 -1.00 5.11 -4.51
N LEU A 42 -0.02 4.47 -3.88
CA LEU A 42 1.09 5.19 -3.26
C LEU A 42 1.89 5.96 -4.28
N MET A 43 2.00 5.41 -5.48
CA MET A 43 2.75 6.04 -6.56
C MET A 43 2.09 7.36 -6.98
N LYS A 44 0.76 7.35 -7.03
CA LYS A 44 0.00 8.54 -7.41
C LYS A 44 0.11 9.62 -6.34
N LYS A 45 0.19 9.19 -5.08
CA LYS A 45 0.29 10.11 -3.96
C LYS A 45 1.61 10.89 -4.02
N SER A 46 2.72 10.17 -4.11
CA SER A 46 4.03 10.79 -4.17
C SER A 46 4.17 11.66 -5.42
N LYS A 47 3.39 11.33 -6.45
CA LYS A 47 3.43 12.07 -7.71
C LYS A 47 2.72 13.41 -7.54
N ILE A 48 1.73 13.46 -6.66
CA ILE A 48 0.98 14.69 -6.41
C ILE A 48 1.76 15.64 -5.51
N LEU A 49 2.54 15.07 -4.60
CA LEU A 49 3.35 15.87 -3.67
C LEU A 49 4.37 16.71 -4.42
N GLY A 50 4.67 16.32 -5.65
CA GLY A 50 5.62 17.06 -6.46
C GLY A 50 4.98 17.80 -7.60
N LYS A 51 3.85 17.29 -8.08
CA LYS A 51 3.12 17.91 -9.18
C LYS A 51 2.62 19.29 -8.78
N THR A 52 1.87 19.92 -9.67
CA THR A 52 1.32 21.25 -9.42
C THR A 52 -0.17 21.30 -9.76
N ASN A 53 -0.81 22.42 -9.41
CA ASN A 53 -2.23 22.60 -9.68
C ASN A 53 -2.53 22.39 -11.15
N LYS A 54 -1.56 22.69 -12.01
CA LYS A 54 -1.71 22.52 -13.45
C LYS A 54 -1.94 21.07 -13.81
N GLN A 55 -1.20 20.17 -13.17
CA GLN A 55 -1.32 18.75 -13.42
C GLN A 55 -2.45 18.14 -12.60
N LEU A 56 -2.64 18.65 -11.39
CA LEU A 56 -3.69 18.17 -10.51
C LEU A 56 -5.03 18.11 -11.24
N THR A 57 -5.69 16.95 -11.14
CA THR A 57 -6.98 16.76 -11.79
C THR A 57 -8.03 16.26 -10.81
N ARG A 58 -9.20 15.91 -11.33
CA ARG A 58 -10.29 15.42 -10.48
C ARG A 58 -9.81 14.25 -9.62
N SER A 59 -9.17 13.28 -10.23
CA SER A 59 -8.67 12.11 -9.52
C SER A 59 -7.70 12.53 -8.41
N ASP A 60 -7.00 13.64 -8.64
CA ASP A 60 -6.04 14.14 -7.67
C ASP A 60 -6.76 14.78 -6.48
N ARG A 61 -7.91 15.40 -6.75
CA ARG A 61 -8.69 16.05 -5.71
C ARG A 61 -9.42 15.03 -4.86
N GLU A 62 -9.92 13.98 -5.50
CA GLU A 62 -10.65 12.92 -4.81
C GLU A 62 -9.71 12.13 -3.91
N VAL A 63 -8.49 11.91 -4.37
CA VAL A 63 -7.50 11.16 -3.61
C VAL A 63 -6.96 11.98 -2.45
N LEU A 64 -6.74 13.26 -2.69
CA LEU A 64 -6.22 14.16 -1.66
C LEU A 64 -7.20 14.27 -0.50
N ASP A 65 -8.48 14.42 -0.81
CA ASP A 65 -9.51 14.54 0.22
C ASP A 65 -9.65 13.23 0.98
N ASN A 66 -9.65 12.11 0.26
CA ASN A 66 -9.79 10.80 0.86
C ASN A 66 -8.60 10.50 1.78
N TRP A 67 -7.40 10.75 1.27
CA TRP A 67 -6.18 10.52 2.03
C TRP A 67 -6.22 11.25 3.37
N ARG A 68 -6.52 12.53 3.33
CA ARG A 68 -6.60 13.35 4.54
C ARG A 68 -7.69 12.82 5.47
N GLU A 69 -8.65 12.12 4.91
CA GLU A 69 -9.75 11.56 5.69
C GLU A 69 -9.28 10.36 6.51
N LEU A 70 -8.34 9.60 5.95
CA LEU A 70 -7.82 8.42 6.64
C LEU A 70 -6.86 8.83 7.75
N GLU A 71 -5.99 9.78 7.45
CA GLU A 71 -5.01 10.26 8.43
C GLU A 71 -5.71 10.99 9.59
N MET A 72 -6.86 11.59 9.29
CA MET A 72 -7.62 12.31 10.29
C MET A 72 -8.59 11.39 11.02
N LYS A 73 -8.82 10.21 10.44
CA LYS A 73 -9.72 9.23 11.04
C LYS A 73 -8.96 8.28 11.96
N ALA A 74 -7.64 8.29 11.85
CA ALA A 74 -6.80 7.43 12.67
C ALA A 74 -6.71 7.95 14.09
N ARG A 75 -7.41 9.04 14.36
CA ARG A 75 -7.42 9.65 15.69
C ARG A 75 -6.00 9.81 16.22
N LYS A 76 -5.07 10.11 15.32
CA LYS A 76 -3.67 10.29 15.70
C LYS A 76 -2.85 10.79 14.51
N ARG A 77 -1.68 11.34 14.80
CA ARG A 77 -0.80 11.86 13.75
C ARG A 77 0.36 10.89 13.51
N LEU A 78 0.16 9.96 12.58
CA LEU A 78 1.19 8.99 12.24
C LEU A 78 2.51 9.68 11.89
N PRO A 79 3.61 8.91 11.93
CA PRO A 79 4.94 9.43 11.61
C PRO A 79 5.10 9.75 10.13
N THR A 80 4.68 8.82 9.27
CA THR A 80 4.77 9.02 7.83
C THR A 80 3.50 9.64 7.27
N THR A 81 3.62 10.26 6.10
CA THR A 81 2.48 10.91 5.46
C THR A 81 2.15 10.25 4.13
N LEU A 82 2.75 9.09 3.88
CA LEU A 82 2.53 8.35 2.64
C LEU A 82 2.02 6.95 2.92
N PHE A 83 0.80 6.85 3.45
CA PHE A 83 0.21 5.56 3.77
C PHE A 83 -1.22 5.47 3.23
N PHE A 84 -1.78 4.27 3.26
CA PHE A 84 -3.14 4.06 2.78
C PHE A 84 -3.87 3.01 3.63
N ILE A 85 -5.15 2.80 3.34
CA ILE A 85 -5.95 1.83 4.07
C ILE A 85 -6.20 0.58 3.25
N GLU A 86 -6.32 -0.56 3.92
CA GLU A 86 -6.57 -1.82 3.23
C GLU A 86 -7.82 -1.75 2.37
N THR A 87 -8.76 -0.90 2.79
CA THR A 87 -10.01 -0.73 2.06
C THR A 87 -9.80 0.10 0.80
N ASP A 88 -8.59 0.63 0.64
CA ASP A 88 -8.27 1.46 -0.51
C ASP A 88 -7.58 0.62 -1.60
N ILE A 89 -7.21 -0.60 -1.24
CA ILE A 89 -6.55 -1.50 -2.18
C ILE A 89 -7.31 -2.81 -2.31
N ARG A 90 -7.90 -3.27 -1.21
CA ARG A 90 -8.65 -4.52 -1.21
C ARG A 90 -9.65 -4.54 -2.37
N PRO A 91 -10.55 -3.55 -2.40
CA PRO A 91 -11.57 -3.44 -3.45
C PRO A 91 -10.97 -3.09 -4.81
N MET A 92 -9.64 -3.01 -4.87
CA MET A 92 -8.95 -2.69 -6.10
C MET A 92 -8.27 -3.92 -6.69
N LEU A 93 -7.81 -4.80 -5.82
CA LEU A 93 -7.13 -6.02 -6.24
C LEU A 93 -8.08 -6.92 -7.04
N GLN A 94 -8.48 -8.03 -6.43
CA GLN A 94 -9.39 -8.98 -7.09
C GLN A 94 -10.39 -9.53 -6.09
N ASP A 95 -11.62 -9.74 -6.56
CA ASP A 95 -12.69 -10.27 -5.70
C ASP A 95 -12.39 -11.72 -5.31
N ARG A 96 -11.87 -12.48 -6.26
CA ARG A 96 -11.55 -13.88 -6.01
C ARG A 96 -10.14 -14.03 -5.46
N LEU A 97 -9.59 -12.92 -4.94
CA LEU A 97 -8.25 -12.93 -4.38
C LEU A 97 -8.25 -13.49 -2.97
N ARG A 98 -9.40 -13.43 -2.30
CA ARG A 98 -9.54 -13.93 -0.95
C ARG A 98 -8.68 -13.12 0.02
N PRO A 99 -8.97 -13.27 1.33
CA PRO A 99 -8.23 -12.56 2.38
C PRO A 99 -6.79 -13.07 2.53
N SER A 100 -5.95 -12.71 1.56
CA SER A 100 -4.55 -13.13 1.59
C SER A 100 -3.66 -12.02 2.13
N PHE A 101 -4.07 -10.78 1.90
CA PHE A 101 -3.31 -9.62 2.37
C PHE A 101 -2.97 -9.75 3.85
N ALA A 102 -4.00 -10.02 4.67
CA ALA A 102 -3.81 -10.17 6.10
C ALA A 102 -2.75 -11.22 6.41
N LYS A 103 -2.51 -12.11 5.45
CA LYS A 103 -1.50 -13.16 5.63
C LYS A 103 -0.19 -12.78 4.95
N ALA A 104 -0.27 -11.82 4.02
CA ALA A 104 0.91 -11.38 3.30
C ALA A 104 1.61 -10.24 4.05
N ILE A 105 0.90 -9.64 5.00
CA ILE A 105 1.44 -8.54 5.79
C ILE A 105 2.85 -8.86 6.27
N PRO A 106 3.01 -10.03 6.91
CA PRO A 106 4.30 -10.48 7.44
C PRO A 106 5.28 -10.85 6.31
N CYS A 107 4.75 -11.35 5.21
CA CYS A 107 5.57 -11.74 4.07
C CYS A 107 6.07 -10.51 3.32
N LEU A 108 5.43 -9.38 3.55
CA LEU A 108 5.81 -8.14 2.89
C LEU A 108 6.80 -7.35 3.74
N ARG A 109 6.62 -7.38 5.06
CA ARG A 109 7.51 -6.67 5.97
C ARG A 109 8.77 -7.48 6.23
N HIS A 110 8.65 -8.80 6.17
CA HIS A 110 9.78 -9.69 6.40
C HIS A 110 10.93 -9.37 5.44
N ILE A 111 10.60 -8.73 4.32
CA ILE A 111 11.59 -8.35 3.32
C ILE A 111 11.93 -6.87 3.41
N ARG A 112 11.17 -6.14 4.22
CA ARG A 112 11.39 -4.71 4.39
C ARG A 112 10.97 -3.94 3.13
N ARG A 113 9.71 -4.12 2.74
CA ARG A 113 9.19 -3.45 1.56
C ARG A 113 8.04 -2.51 1.93
N ILE A 114 7.30 -2.88 2.97
CA ILE A 114 6.18 -2.06 3.43
C ILE A 114 6.01 -2.16 4.94
N ARG A 115 5.01 -1.46 5.47
CA ARG A 115 4.74 -1.47 6.90
C ARG A 115 3.24 -1.42 7.18
N GLU A 116 2.87 -1.56 8.44
CA GLU A 116 1.47 -1.54 8.84
C GLU A 116 1.31 -0.99 10.25
N GLU A 117 0.47 0.03 10.40
CA GLU A 117 0.22 0.64 11.70
C GLU A 117 -1.20 0.39 12.16
N ARG A 118 -1.36 -0.50 13.13
CA ARG A 118 -2.68 -0.84 13.67
C ARG A 118 -3.25 0.32 14.47
N CYS A 119 -4.16 1.08 13.84
CA CYS A 119 -4.78 2.22 14.50
C CYS A 119 -6.27 1.97 14.74
N GLY A 120 -6.57 1.24 15.82
CA GLY A 120 -7.96 0.94 16.14
C GLY A 120 -8.59 -0.01 15.15
N PRO A 121 -9.87 0.23 14.82
CA PRO A 121 -10.61 -0.61 13.87
C PRO A 121 -10.11 -0.45 12.44
N LEU A 122 -9.03 0.32 12.27
CA LEU A 122 -8.46 0.55 10.95
C LEU A 122 -7.01 0.07 10.91
N THR A 123 -6.41 0.17 9.73
CA THR A 123 -5.02 -0.25 9.54
C THR A 123 -4.40 0.41 8.32
N PHE A 124 -3.33 1.17 8.53
CA PHE A 124 -2.64 1.85 7.44
C PHE A 124 -1.41 1.06 6.99
N TYR A 125 -0.79 1.52 5.90
CA TYR A 125 0.38 0.86 5.37
C TYR A 125 1.27 1.85 4.62
N TYR A 126 2.54 1.93 5.02
CA TYR A 126 3.48 2.84 4.39
C TYR A 126 4.73 2.10 3.94
N PRO A 127 5.43 2.66 2.94
CA PRO A 127 6.66 2.08 2.39
C PRO A 127 7.82 2.14 3.38
N GLY A 128 7.99 1.06 4.15
CA GLY A 128 9.07 1.01 5.12
C GLY A 128 9.10 2.23 6.02
N SER A 129 10.29 2.57 6.51
CA SER A 129 10.45 3.72 7.38
C SER A 129 11.18 4.86 6.67
N SER A 130 10.56 6.02 6.62
CA SER A 130 11.15 7.19 5.96
C SER A 130 11.80 8.11 6.98
N MET A 1 9.64 18.16 -9.51
CA MET A 1 10.03 16.84 -9.03
C MET A 1 9.62 15.76 -10.02
N ASN A 2 10.00 14.52 -9.73
CA ASN A 2 9.67 13.39 -10.58
C ASN A 2 8.82 12.36 -9.84
N ASP A 3 8.07 11.56 -10.59
CA ASP A 3 7.22 10.53 -10.00
C ASP A 3 7.72 9.14 -10.36
N ILE A 4 8.30 8.46 -9.36
CA ILE A 4 8.83 7.11 -9.57
C ILE A 4 8.13 6.11 -8.66
N ARG A 5 8.12 4.85 -9.09
CA ARG A 5 7.48 3.79 -8.31
C ARG A 5 8.08 3.71 -6.90
N ILE A 6 7.26 3.35 -5.93
CA ILE A 6 7.70 3.24 -4.55
C ILE A 6 8.05 1.80 -4.20
N VAL A 7 7.30 0.87 -4.78
CA VAL A 7 7.53 -0.55 -4.53
C VAL A 7 7.03 -1.41 -5.70
N PRO A 8 7.97 -1.83 -6.56
CA PRO A 8 7.65 -2.65 -7.73
C PRO A 8 7.23 -4.06 -7.35
N GLN A 9 6.65 -4.78 -8.31
CA GLN A 9 6.20 -6.15 -8.07
C GLN A 9 7.36 -7.03 -7.63
N ILE A 10 7.03 -8.19 -7.06
CA ILE A 10 8.05 -9.13 -6.59
C ILE A 10 7.95 -10.46 -7.34
N THR A 11 9.09 -10.98 -7.74
CA THR A 11 9.14 -12.25 -8.46
C THR A 11 9.55 -13.39 -7.54
N ASP A 12 9.73 -14.58 -8.13
CA ASP A 12 10.13 -15.75 -7.36
C ASP A 12 11.45 -15.50 -6.63
N GLU A 13 12.22 -14.54 -7.12
CA GLU A 13 13.51 -14.21 -6.51
C GLU A 13 13.31 -13.57 -5.15
N GLU A 14 12.19 -12.90 -4.96
CA GLU A 14 11.87 -12.25 -3.70
C GLU A 14 10.82 -13.03 -2.91
N PHE A 15 9.79 -13.49 -3.62
CA PHE A 15 8.72 -14.25 -3.00
C PHE A 15 9.27 -15.48 -2.29
N LYS A 16 10.33 -16.06 -2.85
CA LYS A 16 10.95 -17.25 -2.28
C LYS A 16 11.77 -16.89 -1.05
N THR A 17 11.94 -15.58 -0.82
CA THR A 17 12.71 -15.11 0.33
C THR A 17 11.89 -15.21 1.61
N ILE A 18 10.62 -15.55 1.48
CA ILE A 18 9.74 -15.69 2.64
C ILE A 18 9.42 -17.16 2.92
N PRO A 19 9.52 -17.54 4.20
CA PRO A 19 9.24 -18.92 4.63
C PRO A 19 7.76 -19.27 4.53
N LYS A 20 7.47 -20.53 4.20
CA LYS A 20 6.09 -20.99 4.08
C LYS A 20 5.32 -20.73 5.37
N TYR A 21 6.04 -20.62 6.47
CA TYR A 21 5.42 -20.37 7.78
C TYR A 21 4.71 -19.03 7.79
N GLN A 22 5.09 -18.15 6.86
CA GLN A 22 4.49 -16.82 6.77
C GLN A 22 3.48 -16.77 5.62
N LEU A 23 3.80 -17.45 4.54
CA LEU A 23 2.92 -17.48 3.37
C LEU A 23 1.68 -18.32 3.65
N GLY A 24 1.89 -19.56 4.07
CA GLY A 24 0.78 -20.45 4.37
C GLY A 24 -0.05 -20.76 3.14
N ARG A 25 -1.09 -19.94 2.91
CA ARG A 25 -1.96 -20.14 1.77
C ARG A 25 -1.80 -19.00 0.75
N LEU A 26 -0.63 -18.39 0.76
CA LEU A 26 -0.34 -17.29 -0.16
C LEU A 26 0.47 -17.78 -1.36
N THR A 27 0.53 -16.96 -2.40
CA THR A 27 1.26 -17.31 -3.61
C THR A 27 1.84 -16.07 -4.28
N LEU A 28 2.82 -16.27 -5.15
CA LEU A 28 3.46 -15.17 -5.87
C LEU A 28 2.41 -14.27 -6.51
N GLU A 29 1.40 -14.88 -7.12
CA GLU A 29 0.34 -14.14 -7.78
C GLU A 29 -0.36 -13.21 -6.79
N MET A 30 -0.58 -13.70 -5.58
CA MET A 30 -1.25 -12.92 -4.54
C MET A 30 -0.44 -11.68 -4.19
N MET A 31 0.86 -11.86 -4.01
CA MET A 31 1.75 -10.75 -3.67
C MET A 31 1.99 -9.87 -4.90
N ASN A 32 2.03 -10.48 -6.07
CA ASN A 32 2.26 -9.75 -7.31
C ASN A 32 1.21 -8.67 -7.52
N GLU A 33 -0.04 -9.01 -7.23
CA GLU A 33 -1.15 -8.07 -7.38
C GLU A 33 -1.23 -7.14 -6.17
N ILE A 34 -0.89 -7.67 -5.00
CA ILE A 34 -0.93 -6.88 -3.77
C ILE A 34 0.11 -5.76 -3.79
N VAL A 35 1.32 -6.10 -4.21
CA VAL A 35 2.40 -5.13 -4.28
C VAL A 35 2.23 -4.20 -5.49
N SER A 36 1.68 -4.74 -6.56
CA SER A 36 1.45 -3.97 -7.78
C SER A 36 0.35 -2.93 -7.57
N LYS A 37 -0.75 -3.37 -6.97
CA LYS A 37 -1.88 -2.48 -6.71
C LYS A 37 -1.51 -1.40 -5.69
N MET A 38 -1.02 -1.83 -4.52
CA MET A 38 -0.62 -0.90 -3.48
C MET A 38 0.35 0.14 -4.01
N ASP A 39 1.26 -0.29 -4.88
CA ASP A 39 2.25 0.61 -5.46
C ASP A 39 1.58 1.58 -6.44
N ASP A 40 0.49 1.13 -7.06
CA ASP A 40 -0.24 1.94 -8.02
C ASP A 40 -0.85 3.16 -7.35
N PHE A 41 -1.64 2.92 -6.31
CA PHE A 41 -2.29 4.00 -5.57
C PHE A 41 -1.26 4.93 -4.95
N LEU A 42 -0.26 4.33 -4.29
CA LEU A 42 0.79 5.11 -3.63
C LEU A 42 1.61 5.89 -4.65
N MET A 43 1.71 5.34 -5.87
CA MET A 43 2.45 5.99 -6.93
C MET A 43 1.76 7.28 -7.38
N LYS A 44 0.44 7.25 -7.43
CA LYS A 44 -0.34 8.41 -7.84
C LYS A 44 -0.29 9.49 -6.76
N LYS A 45 -0.31 9.07 -5.51
CA LYS A 45 -0.27 10.01 -4.39
C LYS A 45 1.03 10.80 -4.38
N SER A 46 2.15 10.07 -4.42
CA SER A 46 3.46 10.70 -4.40
C SER A 46 3.65 11.58 -5.64
N LYS A 47 2.95 11.23 -6.71
CA LYS A 47 3.04 11.99 -7.95
C LYS A 47 2.32 13.32 -7.83
N ILE A 48 1.28 13.36 -6.99
CA ILE A 48 0.52 14.58 -6.79
C ILE A 48 1.22 15.52 -5.81
N LEU A 49 1.96 14.95 -4.87
CA LEU A 49 2.69 15.74 -3.89
C LEU A 49 3.74 16.61 -4.56
N GLY A 50 4.15 16.22 -5.76
CA GLY A 50 5.14 16.98 -6.50
C GLY A 50 4.54 17.79 -7.63
N LYS A 51 3.52 17.24 -8.27
CA LYS A 51 2.86 17.91 -9.38
C LYS A 51 2.36 19.29 -8.96
N THR A 52 1.80 20.03 -9.91
CA THR A 52 1.29 21.36 -9.65
C THR A 52 -0.22 21.42 -9.84
N ASN A 53 -0.83 22.53 -9.43
CA ASN A 53 -2.27 22.71 -9.56
C ASN A 53 -2.69 22.69 -11.03
N LYS A 54 -1.75 22.97 -11.92
CA LYS A 54 -2.01 22.98 -13.35
C LYS A 54 -2.20 21.56 -13.88
N GLN A 55 -1.42 20.63 -13.34
CA GLN A 55 -1.50 19.23 -13.75
C GLN A 55 -2.50 18.47 -12.90
N LEU A 56 -2.64 18.88 -11.64
CA LEU A 56 -3.56 18.23 -10.72
C LEU A 56 -4.96 18.14 -11.32
N THR A 57 -5.55 16.95 -11.26
CA THR A 57 -6.89 16.73 -11.80
C THR A 57 -7.87 16.37 -10.69
N ARG A 58 -9.09 16.02 -11.09
CA ARG A 58 -10.12 15.66 -10.13
C ARG A 58 -9.71 14.43 -9.32
N SER A 59 -9.16 13.44 -10.01
CA SER A 59 -8.72 12.22 -9.35
C SER A 59 -7.74 12.53 -8.22
N ASP A 60 -6.90 13.53 -8.43
CA ASP A 60 -5.92 13.93 -7.43
C ASP A 60 -6.59 14.66 -6.27
N ARG A 61 -7.67 15.38 -6.56
CA ARG A 61 -8.40 16.12 -5.54
C ARG A 61 -9.23 15.18 -4.68
N GLU A 62 -9.92 14.24 -5.32
CA GLU A 62 -10.75 13.28 -4.61
C GLU A 62 -9.90 12.38 -3.70
N VAL A 63 -8.77 11.93 -4.23
CA VAL A 63 -7.88 11.07 -3.46
C VAL A 63 -7.26 11.82 -2.29
N LEU A 64 -6.86 13.06 -2.53
CA LEU A 64 -6.27 13.89 -1.48
C LEU A 64 -7.21 14.03 -0.29
N ASP A 65 -8.49 14.30 -0.58
CA ASP A 65 -9.49 14.45 0.46
C ASP A 65 -9.71 13.13 1.21
N ASN A 66 -9.53 12.02 0.49
CA ASN A 66 -9.72 10.70 1.09
C ASN A 66 -8.54 10.35 2.00
N TRP A 67 -7.34 10.68 1.55
CA TRP A 67 -6.14 10.39 2.33
C TRP A 67 -6.16 11.14 3.65
N ARG A 68 -6.61 12.39 3.61
CA ARG A 68 -6.67 13.22 4.81
C ARG A 68 -7.85 12.80 5.70
N GLU A 69 -8.85 12.19 5.09
CA GLU A 69 -10.04 11.74 5.82
C GLU A 69 -9.70 10.53 6.69
N LEU A 70 -8.95 9.59 6.13
CA LEU A 70 -8.56 8.39 6.85
C LEU A 70 -7.46 8.69 7.88
N GLU A 71 -6.56 9.59 7.51
CA GLU A 71 -5.46 9.97 8.40
C GLU A 71 -5.99 10.72 9.63
N MET A 72 -7.05 11.48 9.43
CA MET A 72 -7.65 12.25 10.53
C MET A 72 -8.70 11.42 11.25
N LYS A 73 -9.12 10.31 10.64
CA LYS A 73 -10.11 9.43 11.22
C LYS A 73 -9.46 8.44 12.19
N ALA A 74 -8.16 8.22 12.03
CA ALA A 74 -7.42 7.30 12.90
C ALA A 74 -7.16 7.94 14.25
N ARG A 75 -7.63 9.16 14.45
CA ARG A 75 -7.44 9.87 15.70
C ARG A 75 -6.01 9.72 16.20
N LYS A 76 -5.07 9.67 15.27
CA LYS A 76 -3.66 9.53 15.61
C LYS A 76 -2.77 10.15 14.54
N ARG A 77 -1.85 11.02 14.97
CA ARG A 77 -0.94 11.69 14.05
C ARG A 77 0.23 10.77 13.67
N LEU A 78 0.05 10.01 12.60
CA LEU A 78 1.09 9.10 12.13
C LEU A 78 2.36 9.85 11.76
N PRO A 79 3.48 9.13 11.72
CA PRO A 79 4.78 9.72 11.38
C PRO A 79 4.87 10.11 9.90
N THR A 80 4.49 9.19 9.03
CA THR A 80 4.52 9.43 7.59
C THR A 80 3.15 9.84 7.06
N THR A 81 3.11 10.32 5.83
CA THR A 81 1.85 10.74 5.21
C THR A 81 1.60 9.98 3.92
N LEU A 82 2.67 9.45 3.33
CA LEU A 82 2.56 8.70 2.09
C LEU A 82 2.10 7.26 2.35
N PHE A 83 0.83 7.12 2.71
CA PHE A 83 0.26 5.80 2.98
C PHE A 83 -1.13 5.66 2.37
N PHE A 84 -1.79 4.55 2.66
CA PHE A 84 -3.13 4.30 2.14
C PHE A 84 -3.91 3.38 3.07
N ILE A 85 -5.18 3.18 2.76
CA ILE A 85 -6.05 2.32 3.56
C ILE A 85 -6.47 1.08 2.79
N GLU A 86 -6.54 -0.05 3.48
CA GLU A 86 -6.94 -1.31 2.86
C GLU A 86 -8.31 -1.18 2.20
N THR A 87 -9.08 -0.21 2.66
CA THR A 87 -10.42 0.03 2.11
C THR A 87 -10.34 0.58 0.69
N ASP A 88 -9.14 0.96 0.28
CA ASP A 88 -8.94 1.51 -1.06
C ASP A 88 -7.99 0.63 -1.87
N ILE A 89 -7.60 -0.51 -1.29
CA ILE A 89 -6.69 -1.43 -1.96
C ILE A 89 -7.31 -2.83 -2.06
N ARG A 90 -8.09 -3.20 -1.04
CA ARG A 90 -8.74 -4.50 -1.02
C ARG A 90 -9.66 -4.67 -2.22
N PRO A 91 -10.62 -3.75 -2.36
CA PRO A 91 -11.59 -3.77 -3.46
C PRO A 91 -10.95 -3.45 -4.81
N MET A 92 -9.63 -3.28 -4.81
CA MET A 92 -8.89 -2.98 -6.03
C MET A 92 -8.21 -4.23 -6.58
N LEU A 93 -7.75 -5.09 -5.68
CA LEU A 93 -7.08 -6.33 -6.09
C LEU A 93 -8.04 -7.24 -6.84
N GLN A 94 -8.47 -8.31 -6.18
CA GLN A 94 -9.38 -9.27 -6.80
C GLN A 94 -10.41 -9.77 -5.78
N ASP A 95 -11.67 -9.80 -6.20
CA ASP A 95 -12.74 -10.26 -5.32
C ASP A 95 -12.57 -11.74 -4.99
N ARG A 96 -11.81 -12.44 -5.81
CA ARG A 96 -11.57 -13.87 -5.60
C ARG A 96 -10.19 -14.10 -4.97
N LEU A 97 -9.44 -13.02 -4.80
CA LEU A 97 -8.11 -13.10 -4.21
C LEU A 97 -8.18 -13.55 -2.76
N ARG A 98 -9.33 -13.32 -2.13
CA ARG A 98 -9.53 -13.70 -0.73
C ARG A 98 -8.67 -12.85 0.19
N PRO A 99 -9.06 -12.80 1.47
CA PRO A 99 -8.33 -12.02 2.48
C PRO A 99 -6.97 -12.63 2.82
N SER A 100 -6.04 -12.54 1.87
CA SER A 100 -4.70 -13.08 2.06
C SER A 100 -3.72 -11.99 2.47
N PHE A 101 -4.12 -10.75 2.24
CA PHE A 101 -3.27 -9.60 2.58
C PHE A 101 -2.80 -9.69 4.03
N ALA A 102 -3.73 -9.94 4.93
CA ALA A 102 -3.41 -10.05 6.36
C ALA A 102 -2.32 -11.09 6.59
N LYS A 103 -2.18 -12.01 5.64
CA LYS A 103 -1.19 -13.07 5.75
C LYS A 103 0.10 -12.67 5.03
N ALA A 104 -0.01 -11.71 4.12
CA ALA A 104 1.15 -11.24 3.36
C ALA A 104 1.80 -10.05 4.05
N ILE A 105 1.07 -9.42 4.97
CA ILE A 105 1.59 -8.27 5.69
C ILE A 105 3.00 -8.53 6.21
N PRO A 106 3.17 -9.66 6.92
CA PRO A 106 4.48 -10.05 7.48
C PRO A 106 5.46 -10.47 6.41
N CYS A 107 4.95 -11.02 5.31
CA CYS A 107 5.80 -11.45 4.20
C CYS A 107 6.27 -10.27 3.37
N LEU A 108 5.61 -9.13 3.57
CA LEU A 108 5.97 -7.91 2.83
C LEU A 108 6.91 -7.04 3.63
N ARG A 109 6.75 -7.06 4.95
CA ARG A 109 7.59 -6.27 5.85
C ARG A 109 8.88 -7.02 6.19
N HIS A 110 8.78 -8.35 6.21
CA HIS A 110 9.94 -9.19 6.53
C HIS A 110 11.10 -8.90 5.58
N ILE A 111 10.78 -8.34 4.42
CA ILE A 111 11.79 -8.00 3.42
C ILE A 111 12.18 -6.53 3.50
N ARG A 112 11.42 -5.77 4.27
CA ARG A 112 11.69 -4.34 4.43
C ARG A 112 11.32 -3.57 3.17
N ARG A 113 10.06 -3.67 2.77
CA ARG A 113 9.58 -2.98 1.57
C ARG A 113 8.39 -2.10 1.90
N ILE A 114 7.55 -2.56 2.82
CA ILE A 114 6.36 -1.81 3.22
C ILE A 114 6.12 -1.93 4.72
N ARG A 115 5.18 -1.15 5.22
CA ARG A 115 4.84 -1.17 6.65
C ARG A 115 3.33 -1.07 6.85
N GLU A 116 2.90 -1.19 8.10
CA GLU A 116 1.48 -1.12 8.43
C GLU A 116 1.27 -0.50 9.80
N GLU A 117 0.39 0.50 9.86
CA GLU A 117 0.11 1.19 11.12
C GLU A 117 -1.33 0.92 11.56
N ARG A 118 -1.48 0.09 12.59
CA ARG A 118 -2.79 -0.25 13.11
C ARG A 118 -3.32 0.85 14.04
N CYS A 119 -4.23 1.67 13.52
CA CYS A 119 -4.80 2.76 14.29
C CYS A 119 -6.33 2.69 14.28
N GLY A 120 -6.89 2.07 15.32
CA GLY A 120 -8.34 1.94 15.42
C GLY A 120 -8.92 1.21 14.22
N PRO A 121 -10.17 1.56 13.87
CA PRO A 121 -10.88 0.95 12.75
C PRO A 121 -10.27 1.33 11.40
N LEU A 122 -8.96 1.37 11.33
CA LEU A 122 -8.25 1.72 10.10
C LEU A 122 -6.89 1.04 10.04
N THR A 123 -6.27 1.08 8.86
CA THR A 123 -4.97 0.46 8.65
C THR A 123 -4.19 1.17 7.56
N PHE A 124 -3.09 1.81 7.94
CA PHE A 124 -2.25 2.53 6.99
C PHE A 124 -1.09 1.67 6.53
N TYR A 125 -0.45 2.07 5.44
CA TYR A 125 0.67 1.33 4.89
C TYR A 125 1.64 2.26 4.15
N TYR A 126 2.87 2.33 4.63
CA TYR A 126 3.88 3.18 4.03
C TYR A 126 5.08 2.36 3.58
N PRO A 127 5.84 2.91 2.62
CA PRO A 127 7.03 2.24 2.08
C PRO A 127 8.18 2.20 3.08
N GLY A 128 8.12 1.24 4.00
CA GLY A 128 9.16 1.11 5.01
C GLY A 128 9.49 2.44 5.67
N SER A 129 8.75 2.78 6.72
CA SER A 129 8.96 4.03 7.44
C SER A 129 10.43 4.16 7.85
N SER A 130 11.03 3.04 8.25
CA SER A 130 12.42 3.04 8.67
C SER A 130 13.37 2.89 7.48
N MET A 1 12.01 11.51 -14.28
CA MET A 1 10.60 11.60 -13.92
C MET A 1 10.44 11.67 -12.41
N ASN A 2 9.80 12.74 -11.93
CA ASN A 2 9.58 12.92 -10.50
C ASN A 2 8.71 11.81 -9.94
N ASP A 3 7.73 11.37 -10.73
CA ASP A 3 6.83 10.30 -10.31
C ASP A 3 7.46 8.94 -10.57
N ILE A 4 8.03 8.35 -9.53
CA ILE A 4 8.66 7.04 -9.64
C ILE A 4 7.99 6.04 -8.71
N ARG A 5 8.08 4.75 -9.06
CA ARG A 5 7.49 3.69 -8.27
C ARG A 5 8.00 3.75 -6.83
N ILE A 6 7.24 3.15 -5.92
CA ILE A 6 7.61 3.13 -4.51
C ILE A 6 7.86 1.71 -4.02
N VAL A 7 7.22 0.74 -4.68
CA VAL A 7 7.38 -0.66 -4.32
C VAL A 7 7.10 -1.57 -5.51
N PRO A 8 8.18 -2.03 -6.17
CA PRO A 8 8.08 -2.91 -7.33
C PRO A 8 7.58 -4.31 -6.97
N GLN A 9 7.35 -5.13 -7.98
CA GLN A 9 6.86 -6.49 -7.76
C GLN A 9 7.97 -7.38 -7.19
N ILE A 10 7.58 -8.49 -6.57
CA ILE A 10 8.54 -9.41 -5.99
C ILE A 10 8.49 -10.77 -6.69
N THR A 11 9.60 -11.13 -7.33
CA THR A 11 9.69 -12.40 -8.04
C THR A 11 10.10 -13.54 -7.10
N ASP A 12 10.42 -14.69 -7.68
CA ASP A 12 10.83 -15.85 -6.88
C ASP A 12 12.09 -15.54 -6.07
N GLU A 13 12.82 -14.52 -6.50
CA GLU A 13 14.04 -14.12 -5.81
C GLU A 13 13.72 -13.37 -4.52
N GLU A 14 12.58 -12.70 -4.50
CA GLU A 14 12.17 -11.94 -3.33
C GLU A 14 11.15 -12.73 -2.52
N PHE A 15 10.30 -13.49 -3.21
CA PHE A 15 9.28 -14.30 -2.54
C PHE A 15 9.90 -15.43 -1.75
N LYS A 16 10.96 -16.03 -2.30
CA LYS A 16 11.65 -17.12 -1.65
C LYS A 16 12.34 -16.65 -0.36
N THR A 17 12.45 -15.34 -0.22
CA THR A 17 13.09 -14.75 0.96
C THR A 17 12.15 -14.78 2.16
N ILE A 18 10.89 -15.11 1.91
CA ILE A 18 9.90 -15.19 2.98
C ILE A 18 9.62 -16.63 3.39
N PRO A 19 9.73 -16.91 4.70
CA PRO A 19 9.49 -18.24 5.25
C PRO A 19 8.03 -18.65 5.18
N LYS A 20 7.79 -19.95 5.02
CA LYS A 20 6.42 -20.47 4.95
C LYS A 20 5.62 -20.07 6.18
N TYR A 21 6.31 -19.80 7.28
CA TYR A 21 5.66 -19.41 8.51
C TYR A 21 4.91 -18.09 8.35
N GLN A 22 5.30 -17.33 7.33
CA GLN A 22 4.66 -16.04 7.06
C GLN A 22 3.68 -16.15 5.89
N LEU A 23 4.03 -16.97 4.91
CA LEU A 23 3.18 -17.17 3.74
C LEU A 23 1.97 -18.02 4.09
N GLY A 24 2.22 -19.18 4.67
CA GLY A 24 1.14 -20.07 5.05
C GLY A 24 0.38 -20.62 3.85
N ARG A 25 -0.65 -19.90 3.42
CA ARG A 25 -1.44 -20.32 2.28
C ARG A 25 -1.36 -19.29 1.15
N LEU A 26 -0.28 -18.51 1.14
CA LEU A 26 -0.08 -17.50 0.11
C LEU A 26 0.83 -18.02 -1.00
N THR A 27 1.02 -17.20 -2.03
CA THR A 27 1.85 -17.57 -3.16
C THR A 27 2.41 -16.34 -3.86
N LEU A 28 3.42 -16.55 -4.71
CA LEU A 28 4.04 -15.46 -5.45
C LEU A 28 2.98 -14.63 -6.19
N GLU A 29 1.99 -15.33 -6.76
CA GLU A 29 0.92 -14.66 -7.50
C GLU A 29 0.14 -13.73 -6.58
N MET A 30 -0.14 -14.19 -5.36
CA MET A 30 -0.88 -13.40 -4.40
C MET A 30 -0.12 -12.13 -4.04
N MET A 31 1.18 -12.26 -3.83
CA MET A 31 2.02 -11.11 -3.49
C MET A 31 2.29 -10.24 -4.70
N ASN A 32 2.42 -10.87 -5.87
CA ASN A 32 2.67 -10.15 -7.11
C ASN A 32 1.57 -9.14 -7.38
N GLU A 33 0.32 -9.54 -7.16
CA GLU A 33 -0.82 -8.65 -7.38
C GLU A 33 -0.97 -7.67 -6.23
N ILE A 34 -0.65 -8.13 -5.02
CA ILE A 34 -0.76 -7.28 -3.83
C ILE A 34 0.24 -6.12 -3.89
N VAL A 35 1.47 -6.44 -4.23
CA VAL A 35 2.52 -5.42 -4.33
C VAL A 35 2.33 -4.55 -5.57
N SER A 36 1.70 -5.13 -6.60
CA SER A 36 1.46 -4.41 -7.84
C SER A 36 0.33 -3.40 -7.67
N LYS A 37 -0.81 -3.87 -7.19
CA LYS A 37 -1.97 -3.01 -6.97
C LYS A 37 -1.65 -1.89 -5.99
N MET A 38 -1.07 -2.26 -4.85
CA MET A 38 -0.71 -1.30 -3.83
C MET A 38 0.25 -0.25 -4.38
N ASP A 39 1.25 -0.70 -5.12
CA ASP A 39 2.23 0.20 -5.71
C ASP A 39 1.57 1.15 -6.71
N ASP A 40 0.49 0.69 -7.33
CA ASP A 40 -0.24 1.50 -8.30
C ASP A 40 -0.91 2.68 -7.62
N PHE A 41 -1.68 2.41 -6.58
CA PHE A 41 -2.38 3.45 -5.85
C PHE A 41 -1.39 4.38 -5.14
N LEU A 42 -0.30 3.80 -4.65
CA LEU A 42 0.73 4.58 -3.95
C LEU A 42 1.56 5.39 -4.94
N MET A 43 1.69 4.88 -6.16
CA MET A 43 2.45 5.55 -7.20
C MET A 43 1.74 6.81 -7.69
N LYS A 44 0.43 6.69 -7.88
CA LYS A 44 -0.38 7.81 -8.35
C LYS A 44 -0.52 8.87 -7.26
N LYS A 45 -0.63 8.42 -6.01
CA LYS A 45 -0.76 9.33 -4.88
C LYS A 45 0.48 10.18 -4.72
N SER A 46 1.64 9.53 -4.65
CA SER A 46 2.91 10.25 -4.50
C SER A 46 3.16 11.17 -5.68
N LYS A 47 2.59 10.82 -6.83
CA LYS A 47 2.74 11.62 -8.04
C LYS A 47 1.93 12.90 -7.96
N ILE A 48 0.84 12.87 -7.21
CA ILE A 48 -0.03 14.03 -7.03
C ILE A 48 0.55 15.00 -6.01
N LEU A 49 1.23 14.45 -5.01
CA LEU A 49 1.84 15.27 -3.97
C LEU A 49 2.93 16.17 -4.54
N GLY A 50 3.43 15.81 -5.72
CA GLY A 50 4.47 16.59 -6.36
C GLY A 50 4.20 16.83 -7.82
N LYS A 51 2.92 17.03 -8.16
CA LYS A 51 2.52 17.29 -9.55
C LYS A 51 2.23 18.76 -9.77
N THR A 52 2.55 19.25 -10.96
CA THR A 52 2.32 20.65 -11.30
C THR A 52 0.84 21.00 -11.22
N ASN A 53 0.55 22.25 -10.88
CA ASN A 53 -0.83 22.71 -10.76
C ASN A 53 -1.55 22.61 -12.10
N LYS A 54 -0.77 22.54 -13.19
CA LYS A 54 -1.33 22.43 -14.53
C LYS A 54 -2.10 21.13 -14.69
N GLN A 55 -1.57 20.06 -14.10
CA GLN A 55 -2.21 18.74 -14.18
C GLN A 55 -3.10 18.49 -12.98
N LEU A 56 -2.72 19.05 -11.84
CA LEU A 56 -3.49 18.89 -10.60
C LEU A 56 -4.89 19.46 -10.77
N THR A 57 -5.90 18.65 -10.42
CA THR A 57 -7.28 19.08 -10.52
C THR A 57 -8.04 18.78 -9.24
N ARG A 58 -9.35 18.99 -9.27
CA ARG A 58 -10.19 18.76 -8.10
C ARG A 58 -9.97 17.35 -7.55
N SER A 59 -9.81 16.39 -8.46
CA SER A 59 -9.60 15.00 -8.07
C SER A 59 -8.46 14.89 -7.05
N ASP A 60 -7.48 15.77 -7.18
CA ASP A 60 -6.33 15.77 -6.27
C ASP A 60 -6.72 16.34 -4.91
N ARG A 61 -7.62 17.32 -4.92
CA ARG A 61 -8.08 17.95 -3.69
C ARG A 61 -9.09 17.07 -2.97
N GLU A 62 -9.86 16.31 -3.75
CA GLU A 62 -10.87 15.42 -3.20
C GLU A 62 -10.23 14.20 -2.54
N VAL A 63 -9.13 13.73 -3.12
CA VAL A 63 -8.42 12.58 -2.61
C VAL A 63 -7.54 12.95 -1.42
N LEU A 64 -6.85 14.08 -1.54
CA LEU A 64 -5.97 14.56 -0.48
C LEU A 64 -6.77 14.87 0.79
N ASP A 65 -7.86 15.60 0.63
CA ASP A 65 -8.71 15.97 1.76
C ASP A 65 -9.39 14.73 2.34
N ASN A 66 -9.92 13.88 1.46
CA ASN A 66 -10.60 12.66 1.89
C ASN A 66 -9.63 11.72 2.59
N TRP A 67 -8.45 11.55 2.01
CA TRP A 67 -7.43 10.68 2.58
C TRP A 67 -6.91 11.23 3.90
N ARG A 68 -6.80 12.56 3.98
CA ARG A 68 -6.31 13.21 5.18
C ARG A 68 -7.40 13.28 6.25
N GLU A 69 -8.66 13.24 5.81
CA GLU A 69 -9.79 13.30 6.72
C GLU A 69 -9.96 11.98 7.46
N LEU A 70 -9.82 10.87 6.73
CA LEU A 70 -9.96 9.55 7.33
C LEU A 70 -8.71 9.18 8.14
N GLU A 71 -7.55 9.55 7.62
CA GLU A 71 -6.29 9.26 8.29
C GLU A 71 -6.19 10.04 9.60
N MET A 72 -6.78 11.22 9.63
CA MET A 72 -6.75 12.07 10.82
C MET A 72 -7.87 11.69 11.78
N LYS A 73 -8.89 11.01 11.27
CA LYS A 73 -10.02 10.59 12.07
C LYS A 73 -9.88 9.13 12.49
N ALA A 74 -8.79 8.50 12.06
CA ALA A 74 -8.53 7.11 12.40
C ALA A 74 -8.11 6.95 13.86
N ARG A 75 -8.06 8.07 14.57
CA ARG A 75 -7.66 8.07 15.98
C ARG A 75 -6.31 7.39 16.16
N LYS A 76 -5.29 7.92 15.48
CA LYS A 76 -3.94 7.37 15.57
C LYS A 76 -2.91 8.40 15.12
N ARG A 77 -1.68 8.23 15.60
CA ARG A 77 -0.60 9.15 15.24
C ARG A 77 0.30 8.54 14.17
N LEU A 78 0.07 8.92 12.93
CA LEU A 78 0.86 8.41 11.81
C LEU A 78 1.93 9.41 11.40
N PRO A 79 3.21 9.06 11.65
CA PRO A 79 4.35 9.92 11.32
C PRO A 79 4.57 10.02 9.81
N THR A 80 4.15 8.99 9.09
CA THR A 80 4.30 8.96 7.63
C THR A 80 3.18 9.73 6.95
N THR A 81 3.43 10.17 5.72
CA THR A 81 2.44 10.91 4.96
C THR A 81 2.02 10.13 3.71
N LEU A 82 2.93 9.31 3.19
CA LEU A 82 2.66 8.52 2.00
C LEU A 82 2.20 7.11 2.37
N PHE A 83 0.97 7.01 2.86
CA PHE A 83 0.40 5.73 3.27
C PHE A 83 -0.96 5.50 2.63
N PHE A 84 -1.39 4.24 2.57
CA PHE A 84 -2.68 3.90 1.98
C PHE A 84 -3.45 2.94 2.89
N ILE A 85 -4.69 2.64 2.50
CA ILE A 85 -5.52 1.73 3.27
C ILE A 85 -5.77 0.43 2.52
N GLU A 86 -6.15 -0.61 3.26
CA GLU A 86 -6.41 -1.91 2.66
C GLU A 86 -7.75 -1.90 1.93
N THR A 87 -8.66 -1.03 2.35
CA THR A 87 -9.97 -0.93 1.75
C THR A 87 -9.88 -0.31 0.36
N ASP A 88 -8.71 0.16 0.00
CA ASP A 88 -8.49 0.77 -1.32
C ASP A 88 -7.58 -0.11 -2.17
N ILE A 89 -7.15 -1.23 -1.62
CA ILE A 89 -6.28 -2.15 -2.33
C ILE A 89 -6.89 -3.55 -2.41
N ARG A 90 -7.50 -3.99 -1.31
CA ARG A 90 -8.12 -5.30 -1.26
C ARG A 90 -9.16 -5.45 -2.36
N PRO A 91 -10.17 -4.55 -2.36
CA PRO A 91 -11.25 -4.56 -3.36
C PRO A 91 -10.75 -4.16 -4.75
N MET A 92 -9.44 -4.12 -4.91
CA MET A 92 -8.84 -3.75 -6.19
C MET A 92 -8.08 -4.92 -6.79
N LEU A 93 -7.67 -5.85 -5.94
CA LEU A 93 -6.92 -7.02 -6.40
C LEU A 93 -7.83 -7.99 -7.15
N GLN A 94 -8.05 -9.16 -6.58
CA GLN A 94 -8.91 -10.17 -7.19
C GLN A 94 -9.97 -10.66 -6.21
N ASP A 95 -11.21 -10.79 -6.70
CA ASP A 95 -12.31 -11.25 -5.86
C ASP A 95 -12.09 -12.70 -5.42
N ARG A 96 -11.26 -13.42 -6.17
CA ARG A 96 -10.97 -14.81 -5.86
C ARG A 96 -9.61 -14.94 -5.17
N LEU A 97 -8.91 -13.82 -5.03
CA LEU A 97 -7.60 -13.81 -4.39
C LEU A 97 -7.72 -14.16 -2.91
N ARG A 98 -8.92 -14.03 -2.38
CA ARG A 98 -9.17 -14.33 -0.97
C ARG A 98 -8.40 -13.38 -0.07
N PRO A 99 -8.87 -13.24 1.19
CA PRO A 99 -8.24 -12.35 2.17
C PRO A 99 -6.89 -12.88 2.64
N SER A 100 -5.89 -12.81 1.76
CA SER A 100 -4.55 -13.27 2.08
C SER A 100 -3.66 -12.12 2.51
N PHE A 101 -4.09 -10.90 2.21
CA PHE A 101 -3.33 -9.70 2.56
C PHE A 101 -2.94 -9.72 4.03
N ALA A 102 -3.92 -9.97 4.90
CA ALA A 102 -3.67 -10.03 6.34
C ALA A 102 -2.54 -11.00 6.66
N LYS A 103 -2.31 -11.95 5.77
CA LYS A 103 -1.26 -12.94 5.97
C LYS A 103 0.03 -12.53 5.26
N ALA A 104 -0.11 -11.67 4.25
CA ALA A 104 1.04 -11.19 3.50
C ALA A 104 1.66 -9.95 4.16
N ILE A 105 0.91 -9.35 5.07
CA ILE A 105 1.38 -8.17 5.78
C ILE A 105 2.82 -8.34 6.25
N PRO A 106 3.08 -9.45 6.97
CA PRO A 106 4.41 -9.76 7.49
C PRO A 106 5.40 -10.12 6.39
N CYS A 107 4.88 -10.68 5.29
CA CYS A 107 5.71 -11.07 4.16
C CYS A 107 6.14 -9.85 3.35
N LEU A 108 5.44 -8.74 3.55
CA LEU A 108 5.74 -7.51 2.83
C LEU A 108 6.75 -6.66 3.62
N ARG A 109 6.61 -6.65 4.94
CA ARG A 109 7.50 -5.89 5.80
C ARG A 109 8.78 -6.65 6.08
N HIS A 110 8.69 -7.98 6.07
CA HIS A 110 9.84 -8.84 6.32
C HIS A 110 10.97 -8.53 5.34
N ILE A 111 10.62 -7.94 4.20
CA ILE A 111 11.60 -7.59 3.19
C ILE A 111 11.97 -6.11 3.27
N ARG A 112 11.24 -5.37 4.09
CA ARG A 112 11.49 -3.94 4.26
C ARG A 112 11.03 -3.17 3.04
N ARG A 113 9.75 -3.29 2.71
CA ARG A 113 9.19 -2.60 1.56
C ARG A 113 8.01 -1.71 1.98
N ILE A 114 7.19 -2.22 2.88
CA ILE A 114 6.03 -1.48 3.37
C ILE A 114 5.72 -1.84 4.82
N ARG A 115 4.94 -0.98 5.48
CA ARG A 115 4.56 -1.21 6.87
C ARG A 115 3.05 -1.14 7.04
N GLU A 116 2.58 -1.37 8.26
CA GLU A 116 1.15 -1.32 8.55
C GLU A 116 0.89 -0.54 9.83
N GLU A 117 -0.02 0.44 9.75
CA GLU A 117 -0.36 1.27 10.89
C GLU A 117 -1.79 1.00 11.34
N ARG A 118 -1.93 0.28 12.45
CA ARG A 118 -3.25 -0.05 12.99
C ARG A 118 -3.89 1.18 13.63
N CYS A 119 -4.84 1.78 12.92
CA CYS A 119 -5.54 2.96 13.43
C CYS A 119 -7.02 2.67 13.65
N GLY A 120 -7.35 2.06 14.77
CA GLY A 120 -8.72 1.74 15.08
C GLY A 120 -9.28 0.67 14.17
N PRO A 121 -10.54 0.86 13.73
CA PRO A 121 -11.22 -0.09 12.84
C PRO A 121 -10.63 -0.08 11.43
N LEU A 122 -9.60 0.73 11.23
CA LEU A 122 -8.94 0.83 9.93
C LEU A 122 -7.47 0.43 10.03
N THR A 123 -6.78 0.45 8.89
CA THR A 123 -5.38 0.09 8.84
C THR A 123 -4.69 0.69 7.62
N PHE A 124 -3.61 1.42 7.85
CA PHE A 124 -2.87 2.05 6.76
C PHE A 124 -1.55 1.33 6.51
N TYR A 125 -0.85 1.72 5.46
CA TYR A 125 0.43 1.12 5.11
C TYR A 125 1.34 2.11 4.41
N TYR A 126 2.56 2.23 4.90
CA TYR A 126 3.54 3.15 4.32
C TYR A 126 4.79 2.41 3.85
N PRO A 127 5.39 2.92 2.78
CA PRO A 127 6.60 2.32 2.19
C PRO A 127 7.82 2.50 3.10
N GLY A 128 7.93 1.65 4.11
CA GLY A 128 9.06 1.74 5.02
C GLY A 128 9.32 3.15 5.51
N SER A 129 8.65 3.52 6.60
CA SER A 129 8.80 4.86 7.16
C SER A 129 8.92 4.80 8.68
N SER A 130 10.07 5.19 9.20
CA SER A 130 10.31 5.17 10.63
C SER A 130 9.34 6.12 11.35
N MET A 1 12.65 15.43 -8.63
CA MET A 1 11.33 15.72 -8.10
C MET A 1 10.24 15.19 -9.04
N ASN A 2 10.46 13.99 -9.57
CA ASN A 2 9.51 13.36 -10.48
C ASN A 2 8.71 12.27 -9.77
N ASP A 3 7.69 11.75 -10.44
CA ASP A 3 6.85 10.71 -9.88
C ASP A 3 7.44 9.33 -10.17
N ILE A 4 8.06 8.73 -9.16
CA ILE A 4 8.66 7.41 -9.31
C ILE A 4 7.99 6.40 -8.38
N ARG A 5 8.08 5.13 -8.74
CA ARG A 5 7.49 4.06 -7.95
C ARG A 5 8.11 4.02 -6.55
N ILE A 6 7.29 3.65 -5.56
CA ILE A 6 7.75 3.57 -4.18
C ILE A 6 8.21 2.16 -3.83
N VAL A 7 7.51 1.17 -4.39
CA VAL A 7 7.86 -0.22 -4.14
C VAL A 7 7.46 -1.11 -5.32
N PRO A 8 8.45 -1.79 -5.91
CA PRO A 8 8.24 -2.68 -7.05
C PRO A 8 7.47 -3.94 -6.67
N GLN A 9 7.42 -4.90 -7.58
CA GLN A 9 6.71 -6.15 -7.35
C GLN A 9 7.67 -7.23 -6.85
N ILE A 10 7.11 -8.35 -6.41
CA ILE A 10 7.91 -9.47 -5.92
C ILE A 10 7.75 -10.70 -6.79
N THR A 11 8.86 -11.18 -7.34
CA THR A 11 8.84 -12.35 -8.21
C THR A 11 9.22 -13.61 -7.43
N ASP A 12 9.49 -14.69 -8.15
CA ASP A 12 9.86 -15.95 -7.53
C ASP A 12 11.12 -15.80 -6.69
N GLU A 13 11.88 -14.74 -6.96
CA GLU A 13 13.11 -14.47 -6.23
C GLU A 13 12.81 -13.75 -4.92
N GLU A 14 11.74 -12.98 -4.90
CA GLU A 14 11.35 -12.24 -3.71
C GLU A 14 10.37 -13.04 -2.87
N PHE A 15 9.47 -13.75 -3.53
CA PHE A 15 8.47 -14.56 -2.85
C PHE A 15 9.12 -15.74 -2.14
N LYS A 16 10.15 -16.30 -2.77
CA LYS A 16 10.86 -17.45 -2.21
C LYS A 16 11.61 -17.05 -0.94
N THR A 17 11.71 -15.75 -0.71
CA THR A 17 12.40 -15.24 0.47
C THR A 17 11.53 -15.37 1.72
N ILE A 18 10.26 -15.72 1.52
CA ILE A 18 9.33 -15.88 2.63
C ILE A 18 8.99 -17.35 2.85
N PRO A 19 9.14 -17.81 4.10
CA PRO A 19 8.85 -19.21 4.46
C PRO A 19 7.36 -19.51 4.43
N LYS A 20 7.02 -20.78 4.19
CA LYS A 20 5.64 -21.20 4.13
C LYS A 20 4.92 -20.92 5.45
N TYR A 21 5.70 -20.76 6.51
CA TYR A 21 5.14 -20.48 7.83
C TYR A 21 4.41 -19.14 7.85
N GLN A 22 4.81 -18.25 6.93
CA GLN A 22 4.20 -16.93 6.85
C GLN A 22 3.18 -16.89 5.71
N LEU A 23 3.50 -17.54 4.60
CA LEU A 23 2.62 -17.56 3.44
C LEU A 23 1.36 -18.40 3.73
N GLY A 24 1.58 -19.64 4.16
CA GLY A 24 0.47 -20.52 4.47
C GLY A 24 -0.34 -20.88 3.24
N ARG A 25 -1.32 -20.04 2.92
CA ARG A 25 -2.18 -20.29 1.77
C ARG A 25 -2.05 -19.16 0.75
N LEU A 26 -0.96 -18.41 0.84
CA LEU A 26 -0.71 -17.30 -0.07
C LEU A 26 0.04 -17.78 -1.31
N THR A 27 -0.06 -16.99 -2.38
CA THR A 27 0.62 -17.32 -3.64
C THR A 27 1.29 -16.10 -4.25
N LEU A 28 2.32 -16.33 -5.05
CA LEU A 28 3.05 -15.24 -5.70
C LEU A 28 2.08 -14.30 -6.40
N GLU A 29 1.07 -14.86 -7.07
CA GLU A 29 0.09 -14.07 -7.78
C GLU A 29 -0.67 -13.16 -6.82
N MET A 30 -0.97 -13.68 -5.64
CA MET A 30 -1.70 -12.91 -4.63
C MET A 30 -0.88 -11.71 -4.17
N MET A 31 0.40 -11.94 -3.88
CA MET A 31 1.28 -10.87 -3.43
C MET A 31 1.68 -9.96 -4.60
N ASN A 32 1.77 -10.55 -5.79
CA ASN A 32 2.15 -9.79 -6.99
C ASN A 32 1.13 -8.69 -7.27
N GLU A 33 -0.14 -9.00 -7.09
CA GLU A 33 -1.21 -8.03 -7.32
C GLU A 33 -1.39 -7.12 -6.12
N ILE A 34 -1.04 -7.63 -4.94
CA ILE A 34 -1.16 -6.84 -3.71
C ILE A 34 -0.10 -5.76 -3.65
N VAL A 35 1.15 -6.13 -3.93
CA VAL A 35 2.25 -5.18 -3.91
C VAL A 35 2.20 -4.24 -5.12
N SER A 36 1.77 -4.78 -6.26
CA SER A 36 1.69 -4.00 -7.48
C SER A 36 0.65 -2.88 -7.33
N LYS A 37 -0.55 -3.25 -6.90
CA LYS A 37 -1.63 -2.28 -6.72
C LYS A 37 -1.27 -1.27 -5.64
N MET A 38 -0.63 -1.74 -4.58
CA MET A 38 -0.23 -0.88 -3.48
C MET A 38 0.67 0.25 -3.97
N ASP A 39 1.64 -0.10 -4.80
CA ASP A 39 2.57 0.89 -5.34
C ASP A 39 1.85 1.85 -6.29
N ASP A 40 0.81 1.34 -6.96
CA ASP A 40 0.04 2.15 -7.90
C ASP A 40 -0.63 3.31 -7.17
N PHE A 41 -1.44 3.00 -6.17
CA PHE A 41 -2.15 4.02 -5.41
C PHE A 41 -1.17 4.96 -4.73
N LEU A 42 -0.17 4.39 -4.07
CA LEU A 42 0.84 5.19 -3.37
C LEU A 42 1.62 6.05 -4.35
N MET A 43 1.78 5.55 -5.58
CA MET A 43 2.50 6.29 -6.60
C MET A 43 1.77 7.57 -7.00
N LYS A 44 0.44 7.48 -7.06
CA LYS A 44 -0.38 8.63 -7.42
C LYS A 44 -0.40 9.66 -6.30
N LYS A 45 -0.40 9.17 -5.06
CA LYS A 45 -0.43 10.04 -3.89
C LYS A 45 0.84 10.90 -3.84
N SER A 46 2.00 10.25 -3.90
CA SER A 46 3.27 10.96 -3.87
C SER A 46 3.43 11.87 -5.07
N LYS A 47 2.73 11.54 -6.16
CA LYS A 47 2.79 12.33 -7.38
C LYS A 47 2.02 13.64 -7.21
N ILE A 48 1.01 13.62 -6.36
CA ILE A 48 0.20 14.81 -6.10
C ILE A 48 0.85 15.71 -5.07
N LEU A 49 1.57 15.10 -4.13
CA LEU A 49 2.25 15.86 -3.08
C LEU A 49 3.28 16.81 -3.67
N GLY A 50 3.67 16.55 -4.92
CA GLY A 50 4.65 17.40 -5.58
C GLY A 50 4.04 18.19 -6.72
N LYS A 51 2.99 17.65 -7.32
CA LYS A 51 2.32 18.31 -8.43
C LYS A 51 1.72 19.64 -7.99
N THR A 52 0.96 20.27 -8.88
CA THR A 52 0.32 21.55 -8.58
C THR A 52 -1.12 21.57 -9.07
N ASN A 53 -1.77 22.72 -8.92
CA ASN A 53 -3.16 22.87 -9.34
C ASN A 53 -3.29 22.71 -10.85
N LYS A 54 -2.16 22.83 -11.55
CA LYS A 54 -2.16 22.70 -13.01
C LYS A 54 -2.42 21.25 -13.42
N GLN A 55 -1.77 20.31 -12.74
CA GLN A 55 -1.93 18.90 -13.04
C GLN A 55 -3.10 18.30 -12.25
N LEU A 56 -3.33 18.84 -11.05
CA LEU A 56 -4.41 18.36 -10.19
C LEU A 56 -5.73 18.33 -10.97
N THR A 57 -6.37 17.17 -10.99
CA THR A 57 -7.64 17.00 -11.69
C THR A 57 -8.74 16.57 -10.73
N ARG A 58 -9.90 16.26 -11.27
CA ARG A 58 -11.04 15.83 -10.46
C ARG A 58 -10.66 14.64 -9.59
N SER A 59 -10.06 13.62 -10.19
CA SER A 59 -9.65 12.43 -9.46
C SER A 59 -8.64 12.77 -8.38
N ASP A 60 -7.91 13.87 -8.58
CA ASP A 60 -6.92 14.31 -7.61
C ASP A 60 -7.58 14.94 -6.39
N ARG A 61 -8.71 15.59 -6.61
CA ARG A 61 -9.45 16.24 -5.54
C ARG A 61 -10.18 15.20 -4.67
N GLU A 62 -10.71 14.18 -5.32
CA GLU A 62 -11.44 13.13 -4.62
C GLU A 62 -10.48 12.27 -3.78
N VAL A 63 -9.30 12.02 -4.33
CA VAL A 63 -8.30 11.21 -3.64
C VAL A 63 -7.70 11.98 -2.46
N LEU A 64 -7.46 13.26 -2.66
CA LEU A 64 -6.90 14.10 -1.61
C LEU A 64 -7.84 14.20 -0.42
N ASP A 65 -9.12 14.37 -0.71
CA ASP A 65 -10.13 14.48 0.34
C ASP A 65 -10.25 13.17 1.12
N ASN A 66 -10.13 12.06 0.41
CA ASN A 66 -10.22 10.74 1.04
C ASN A 66 -8.96 10.43 1.82
N TRP A 67 -7.81 10.77 1.25
CA TRP A 67 -6.52 10.52 1.90
C TRP A 67 -6.46 11.19 3.27
N ARG A 68 -6.78 12.48 3.31
CA ARG A 68 -6.76 13.24 4.55
C ARG A 68 -7.94 12.83 5.44
N GLU A 69 -8.98 12.29 4.83
CA GLU A 69 -10.16 11.86 5.57
C GLU A 69 -9.84 10.67 6.48
N LEU A 70 -9.14 9.69 5.92
CA LEU A 70 -8.76 8.50 6.68
C LEU A 70 -7.62 8.80 7.64
N GLU A 71 -6.73 9.70 7.23
CA GLU A 71 -5.58 10.08 8.06
C GLU A 71 -6.03 10.91 9.25
N MET A 72 -7.15 11.62 9.09
CA MET A 72 -7.68 12.45 10.17
C MET A 72 -8.64 11.66 11.05
N LYS A 73 -9.19 10.58 10.50
CA LYS A 73 -10.12 9.74 11.23
C LYS A 73 -9.36 8.68 12.04
N ALA A 74 -8.08 8.53 11.74
CA ALA A 74 -7.26 7.55 12.44
C ALA A 74 -6.98 7.98 13.88
N ARG A 75 -7.49 9.15 14.24
CA ARG A 75 -7.29 9.68 15.59
C ARG A 75 -5.83 9.56 16.01
N LYS A 76 -4.92 9.92 15.12
CA LYS A 76 -3.49 9.86 15.40
C LYS A 76 -2.67 10.35 14.21
N ARG A 77 -1.82 11.34 14.46
CA ARG A 77 -0.98 11.90 13.41
C ARG A 77 0.22 11.01 13.14
N LEU A 78 0.07 10.08 12.20
CA LEU A 78 1.14 9.16 11.85
C LEU A 78 2.41 9.92 11.47
N PRO A 79 3.56 9.24 11.55
CA PRO A 79 4.86 9.84 11.22
C PRO A 79 5.01 10.10 9.73
N THR A 80 4.71 9.09 8.92
CA THR A 80 4.81 9.22 7.47
C THR A 80 3.50 9.70 6.86
N THR A 81 3.54 10.06 5.59
CA THR A 81 2.35 10.53 4.89
C THR A 81 2.07 9.70 3.64
N LEU A 82 3.14 9.22 3.01
CA LEU A 82 3.01 8.41 1.81
C LEU A 82 2.52 7.01 2.14
N PHE A 83 1.26 6.90 2.52
CA PHE A 83 0.67 5.61 2.87
C PHE A 83 -0.72 5.45 2.26
N PHE A 84 -1.40 4.37 2.61
CA PHE A 84 -2.74 4.11 2.09
C PHE A 84 -3.49 3.13 3.00
N ILE A 85 -4.81 3.07 2.83
CA ILE A 85 -5.63 2.18 3.63
C ILE A 85 -6.02 0.93 2.83
N GLU A 86 -6.06 -0.21 3.51
CA GLU A 86 -6.42 -1.47 2.87
C GLU A 86 -7.79 -1.37 2.21
N THR A 87 -8.63 -0.49 2.74
CA THR A 87 -9.97 -0.30 2.20
C THR A 87 -9.95 0.46 0.88
N ASP A 88 -8.77 0.96 0.52
CA ASP A 88 -8.60 1.70 -0.72
C ASP A 88 -7.98 0.82 -1.80
N ILE A 89 -7.33 -0.24 -1.39
CA ILE A 89 -6.69 -1.17 -2.32
C ILE A 89 -7.48 -2.46 -2.45
N ARG A 90 -8.13 -2.86 -1.37
CA ARG A 90 -8.94 -4.08 -1.36
C ARG A 90 -9.84 -4.14 -2.59
N PRO A 91 -10.74 -3.14 -2.70
CA PRO A 91 -11.68 -3.06 -3.82
C PRO A 91 -11.00 -2.72 -5.13
N MET A 92 -9.67 -2.66 -5.10
CA MET A 92 -8.89 -2.35 -6.30
C MET A 92 -8.18 -3.60 -6.83
N LEU A 93 -7.75 -4.46 -5.91
CA LEU A 93 -7.05 -5.68 -6.28
C LEU A 93 -7.96 -6.58 -7.12
N GLN A 94 -8.35 -7.72 -6.55
CA GLN A 94 -9.21 -8.66 -7.25
C GLN A 94 -10.25 -9.24 -6.31
N ASP A 95 -11.46 -9.46 -6.83
CA ASP A 95 -12.55 -10.00 -6.03
C ASP A 95 -12.25 -11.44 -5.60
N ARG A 96 -11.65 -12.20 -6.51
CA ARG A 96 -11.31 -13.60 -6.22
C ARG A 96 -9.90 -13.70 -5.65
N LEU A 97 -9.42 -12.59 -5.10
CA LEU A 97 -8.07 -12.56 -4.51
C LEU A 97 -8.08 -13.17 -3.12
N ARG A 98 -9.24 -13.16 -2.48
CA ARG A 98 -9.38 -13.72 -1.14
C ARG A 98 -8.54 -12.94 -0.13
N PRO A 99 -8.82 -13.14 1.16
CA PRO A 99 -8.11 -12.45 2.25
C PRO A 99 -6.66 -12.93 2.38
N SER A 100 -5.83 -12.55 1.42
CA SER A 100 -4.42 -12.94 1.43
C SER A 100 -3.56 -11.82 1.99
N PHE A 101 -3.98 -10.57 1.77
CA PHE A 101 -3.23 -9.42 2.25
C PHE A 101 -2.91 -9.56 3.73
N ALA A 102 -3.93 -9.80 4.55
CA ALA A 102 -3.76 -9.97 5.98
C ALA A 102 -2.75 -11.05 6.29
N LYS A 103 -2.53 -11.95 5.34
CA LYS A 103 -1.58 -13.05 5.51
C LYS A 103 -0.23 -12.68 4.90
N ALA A 104 -0.23 -11.70 4.01
CA ALA A 104 1.00 -11.26 3.37
C ALA A 104 1.64 -10.11 4.13
N ILE A 105 0.86 -9.46 4.98
CA ILE A 105 1.36 -8.33 5.78
C ILE A 105 2.69 -8.69 6.43
N PRO A 106 2.73 -9.82 7.13
CA PRO A 106 3.93 -10.29 7.82
C PRO A 106 5.02 -10.74 6.85
N CYS A 107 4.62 -11.04 5.62
CA CYS A 107 5.55 -11.48 4.59
C CYS A 107 6.19 -10.29 3.89
N LEU A 108 5.48 -9.16 3.89
CA LEU A 108 5.97 -7.96 3.24
C LEU A 108 7.00 -7.25 4.12
N ARG A 109 6.82 -7.36 5.44
CA ARG A 109 7.74 -6.74 6.38
C ARG A 109 8.98 -7.60 6.60
N HIS A 110 8.79 -8.91 6.51
CA HIS A 110 9.90 -9.86 6.70
C HIS A 110 11.02 -9.58 5.69
N ILE A 111 10.68 -8.88 4.62
CA ILE A 111 11.65 -8.56 3.58
C ILE A 111 12.10 -7.11 3.69
N ARG A 112 11.39 -6.33 4.50
CA ARG A 112 11.72 -4.92 4.69
C ARG A 112 11.46 -4.12 3.42
N ARG A 113 10.25 -4.23 2.90
CA ARG A 113 9.88 -3.50 1.68
C ARG A 113 8.75 -2.53 1.95
N ILE A 114 7.93 -2.83 2.96
CA ILE A 114 6.82 -1.98 3.32
C ILE A 114 6.55 -2.02 4.83
N ARG A 115 5.60 -1.21 5.27
CA ARG A 115 5.24 -1.16 6.70
C ARG A 115 3.73 -1.12 6.87
N GLU A 116 3.29 -1.26 8.12
CA GLU A 116 1.86 -1.24 8.43
C GLU A 116 1.62 -0.66 9.81
N GLU A 117 0.74 0.35 9.88
CA GLU A 117 0.42 0.99 11.15
C GLU A 117 -1.03 0.73 11.54
N ARG A 118 -1.22 -0.17 12.50
CA ARG A 118 -2.56 -0.51 12.96
C ARG A 118 -3.18 0.63 13.75
N CYS A 119 -4.09 1.37 13.11
CA CYS A 119 -4.76 2.49 13.76
C CYS A 119 -6.25 2.26 13.84
N GLY A 120 -6.67 1.51 14.86
CA GLY A 120 -8.08 1.22 15.04
C GLY A 120 -8.64 0.35 13.94
N PRO A 121 -9.87 0.65 13.50
CA PRO A 121 -10.54 -0.09 12.43
C PRO A 121 -9.89 0.13 11.07
N LEU A 122 -8.82 0.90 11.05
CA LEU A 122 -8.11 1.19 9.81
C LEU A 122 -6.67 0.67 9.89
N THR A 123 -5.94 0.82 8.79
CA THR A 123 -4.55 0.37 8.72
C THR A 123 -3.81 1.03 7.57
N PHE A 124 -2.72 1.73 7.89
CA PHE A 124 -1.93 2.41 6.87
C PHE A 124 -0.74 1.56 6.45
N TYR A 125 -0.09 1.95 5.37
CA TYR A 125 1.07 1.22 4.85
C TYR A 125 2.03 2.17 4.14
N TYR A 126 3.24 2.27 4.67
CA TYR A 126 4.26 3.13 4.09
C TYR A 126 5.51 2.33 3.72
N PRO A 127 6.34 2.91 2.84
CA PRO A 127 7.59 2.28 2.40
C PRO A 127 8.63 2.21 3.50
N GLY A 128 8.69 1.08 4.20
CA GLY A 128 9.65 0.92 5.28
C GLY A 128 9.60 2.05 6.28
N SER A 129 10.53 2.04 7.23
CA SER A 129 10.57 3.07 8.26
C SER A 129 11.78 3.99 8.07
N SER A 130 12.85 3.44 7.49
CA SER A 130 14.06 4.20 7.26
C SER A 130 13.95 5.00 5.97
N MET A 1 8.44 14.82 -14.54
CA MET A 1 7.38 14.34 -13.66
C MET A 1 7.91 14.09 -12.25
N ASN A 2 9.05 13.43 -12.17
CA ASN A 2 9.67 13.12 -10.88
C ASN A 2 8.76 12.23 -10.04
N ASP A 3 8.06 11.31 -10.70
CA ASP A 3 7.16 10.40 -10.02
C ASP A 3 7.52 8.95 -10.31
N ILE A 4 8.15 8.29 -9.35
CA ILE A 4 8.55 6.90 -9.52
C ILE A 4 7.90 6.01 -8.46
N ARG A 5 7.78 4.72 -8.78
CA ARG A 5 7.17 3.77 -7.85
C ARG A 5 7.90 3.77 -6.51
N ILE A 6 7.26 3.18 -5.50
CA ILE A 6 7.85 3.11 -4.17
C ILE A 6 8.11 1.66 -3.75
N VAL A 7 7.39 0.74 -4.38
CA VAL A 7 7.54 -0.68 -4.08
C VAL A 7 7.15 -1.54 -5.27
N PRO A 8 8.16 -1.98 -6.03
CA PRO A 8 7.95 -2.83 -7.22
C PRO A 8 7.48 -4.22 -6.86
N GLN A 9 6.83 -4.89 -7.81
CA GLN A 9 6.32 -6.24 -7.60
C GLN A 9 7.44 -7.17 -7.13
N ILE A 10 7.06 -8.39 -6.73
CA ILE A 10 8.03 -9.36 -6.27
C ILE A 10 7.98 -10.63 -7.12
N THR A 11 9.11 -10.98 -7.72
CA THR A 11 9.21 -12.17 -8.56
C THR A 11 9.57 -13.40 -7.74
N ASP A 12 9.95 -14.47 -8.43
CA ASP A 12 10.33 -15.71 -7.77
C ASP A 12 11.59 -15.51 -6.92
N GLU A 13 12.34 -14.47 -7.24
CA GLU A 13 13.57 -14.17 -6.51
C GLU A 13 13.27 -13.40 -5.22
N GLU A 14 12.20 -12.63 -5.23
CA GLU A 14 11.81 -11.85 -4.07
C GLU A 14 10.81 -12.61 -3.21
N PHE A 15 9.96 -13.40 -3.87
CA PHE A 15 8.94 -14.18 -3.16
C PHE A 15 9.59 -15.35 -2.42
N LYS A 16 10.63 -15.93 -3.02
CA LYS A 16 11.33 -17.05 -2.41
C LYS A 16 12.06 -16.61 -1.14
N THR A 17 12.13 -15.30 -0.93
CA THR A 17 12.80 -14.76 0.25
C THR A 17 11.93 -14.90 1.49
N ILE A 18 10.69 -15.31 1.29
CA ILE A 18 9.75 -15.49 2.39
C ILE A 18 9.50 -16.98 2.67
N PRO A 19 9.63 -17.37 3.94
CA PRO A 19 9.42 -18.75 4.37
C PRO A 19 7.96 -19.17 4.29
N LYS A 20 7.72 -20.45 4.00
CA LYS A 20 6.36 -20.97 3.90
C LYS A 20 5.59 -20.71 5.19
N TYR A 21 6.31 -20.56 6.29
CA TYR A 21 5.68 -20.31 7.58
C TYR A 21 4.91 -18.98 7.57
N GLN A 22 5.29 -18.10 6.65
CA GLN A 22 4.63 -16.80 6.53
C GLN A 22 3.62 -16.80 5.39
N LEU A 23 3.96 -17.48 4.30
CA LEU A 23 3.08 -17.55 3.14
C LEU A 23 1.86 -18.41 3.45
N GLY A 24 2.11 -19.65 3.90
CA GLY A 24 1.02 -20.55 4.22
C GLY A 24 0.20 -20.93 3.00
N ARG A 25 -0.85 -20.14 2.72
CA ARG A 25 -1.71 -20.39 1.58
C ARG A 25 -1.60 -19.28 0.55
N LEU A 26 -0.48 -18.55 0.58
CA LEU A 26 -0.25 -17.46 -0.35
C LEU A 26 0.61 -17.92 -1.52
N THR A 27 0.49 -17.21 -2.64
CA THR A 27 1.25 -17.54 -3.84
C THR A 27 1.85 -16.29 -4.47
N LEU A 28 2.89 -16.48 -5.29
CA LEU A 28 3.55 -15.37 -5.96
C LEU A 28 2.54 -14.45 -6.63
N GLU A 29 1.57 -15.06 -7.32
CA GLU A 29 0.54 -14.30 -8.01
C GLU A 29 -0.26 -13.45 -7.03
N MET A 30 -0.50 -14.01 -5.84
CA MET A 30 -1.26 -13.31 -4.80
C MET A 30 -0.52 -12.05 -4.34
N MET A 31 0.76 -12.20 -4.05
CA MET A 31 1.57 -11.08 -3.60
C MET A 31 1.91 -10.15 -4.76
N ASN A 32 2.04 -10.72 -5.96
CA ASN A 32 2.35 -9.94 -7.15
C ASN A 32 1.29 -8.88 -7.40
N GLU A 33 0.02 -9.29 -7.35
CA GLU A 33 -1.09 -8.37 -7.58
C GLU A 33 -1.31 -7.48 -6.36
N ILE A 34 -0.93 -7.98 -5.19
CA ILE A 34 -1.08 -7.23 -3.94
C ILE A 34 -0.09 -6.08 -3.87
N VAL A 35 1.19 -6.39 -4.07
CA VAL A 35 2.24 -5.37 -4.02
C VAL A 35 2.10 -4.38 -5.17
N SER A 36 1.53 -4.85 -6.28
CA SER A 36 1.33 -4.01 -7.45
C SER A 36 0.23 -2.98 -7.21
N LYS A 37 -0.86 -3.43 -6.60
CA LYS A 37 -1.99 -2.56 -6.31
C LYS A 37 -1.59 -1.47 -5.31
N MET A 38 -1.13 -1.89 -4.14
CA MET A 38 -0.71 -0.96 -3.09
C MET A 38 0.31 0.04 -3.63
N ASP A 39 1.25 -0.45 -4.44
CA ASP A 39 2.27 0.40 -5.02
C ASP A 39 1.66 1.42 -5.97
N ASP A 40 0.55 1.06 -6.60
CA ASP A 40 -0.13 1.94 -7.53
C ASP A 40 -0.72 3.14 -6.80
N PHE A 41 -1.43 2.88 -5.72
CA PHE A 41 -2.05 3.96 -4.93
C PHE A 41 -0.98 4.87 -4.34
N LEU A 42 0.01 4.28 -3.69
CA LEU A 42 1.09 5.04 -3.08
C LEU A 42 1.89 5.80 -4.14
N MET A 43 1.93 5.25 -5.35
CA MET A 43 2.65 5.88 -6.45
C MET A 43 1.98 7.19 -6.86
N LYS A 44 0.65 7.18 -6.90
CA LYS A 44 -0.11 8.36 -7.27
C LYS A 44 -0.02 9.43 -6.21
N LYS A 45 0.02 9.01 -4.95
CA LYS A 45 0.11 9.94 -3.82
C LYS A 45 1.43 10.71 -3.86
N SER A 46 2.53 9.98 -3.95
CA SER A 46 3.86 10.60 -3.99
C SER A 46 4.00 11.49 -5.21
N LYS A 47 3.26 11.16 -6.27
CA LYS A 47 3.30 11.92 -7.51
C LYS A 47 2.60 13.26 -7.34
N ILE A 48 1.61 13.30 -6.46
CA ILE A 48 0.86 14.52 -6.21
C ILE A 48 1.63 15.46 -5.30
N LEU A 49 2.41 14.89 -4.39
CA LEU A 49 3.21 15.68 -3.45
C LEU A 49 4.26 16.51 -4.19
N GLY A 50 4.55 16.12 -5.43
CA GLY A 50 5.53 16.82 -6.22
C GLY A 50 4.90 17.65 -7.33
N LYS A 51 3.83 17.12 -7.91
CA LYS A 51 3.13 17.81 -8.99
C LYS A 51 2.64 19.18 -8.53
N THR A 52 1.96 19.89 -9.43
CA THR A 52 1.43 21.21 -9.11
C THR A 52 -0.07 21.29 -9.38
N ASN A 53 -0.68 22.41 -9.01
CA ASN A 53 -2.11 22.60 -9.21
C ASN A 53 -2.48 22.44 -10.68
N LYS A 54 -1.51 22.68 -11.56
CA LYS A 54 -1.73 22.55 -13.00
C LYS A 54 -2.01 21.11 -13.39
N GLN A 55 -1.25 20.18 -12.79
CA GLN A 55 -1.43 18.76 -13.07
C GLN A 55 -2.57 18.18 -12.24
N LEU A 56 -2.71 18.66 -11.01
CA LEU A 56 -3.76 18.19 -10.12
C LEU A 56 -5.11 18.20 -10.81
N THR A 57 -5.83 17.08 -10.73
CA THR A 57 -7.14 16.96 -11.35
C THR A 57 -8.18 16.48 -10.35
N ARG A 58 -9.39 16.21 -10.84
CA ARG A 58 -10.47 15.74 -9.98
C ARG A 58 -10.02 14.55 -9.14
N SER A 59 -9.47 13.54 -9.80
CA SER A 59 -9.00 12.34 -9.11
C SER A 59 -7.99 12.70 -8.03
N ASP A 60 -7.23 13.76 -8.26
CA ASP A 60 -6.23 14.22 -7.30
C ASP A 60 -6.89 14.91 -6.10
N ARG A 61 -8.00 15.58 -6.35
CA ARG A 61 -8.72 16.28 -5.30
C ARG A 61 -9.51 15.29 -4.43
N GLU A 62 -10.04 14.25 -5.07
CA GLU A 62 -10.81 13.24 -4.37
C GLU A 62 -9.91 12.38 -3.49
N VAL A 63 -8.70 12.11 -3.96
CA VAL A 63 -7.75 11.31 -3.23
C VAL A 63 -7.14 12.09 -2.07
N LEU A 64 -6.87 13.37 -2.30
CA LEU A 64 -6.29 14.23 -1.28
C LEU A 64 -7.25 14.42 -0.11
N ASP A 65 -8.51 14.69 -0.44
CA ASP A 65 -9.54 14.88 0.58
C ASP A 65 -9.80 13.58 1.33
N ASN A 66 -9.74 12.47 0.63
CA ASN A 66 -9.98 11.15 1.23
C ASN A 66 -8.80 10.73 2.10
N TRP A 67 -7.59 10.98 1.60
CA TRP A 67 -6.38 10.63 2.33
C TRP A 67 -6.32 11.34 3.68
N ARG A 68 -6.69 12.62 3.68
CA ARG A 68 -6.68 13.41 4.90
C ARG A 68 -7.86 13.03 5.80
N GLU A 69 -8.91 12.49 5.19
CA GLU A 69 -10.10 12.09 5.94
C GLU A 69 -9.83 10.82 6.75
N LEU A 70 -9.16 9.86 6.12
CA LEU A 70 -8.84 8.60 6.78
C LEU A 70 -7.72 8.78 7.80
N GLU A 71 -6.76 9.63 7.48
CA GLU A 71 -5.65 9.89 8.38
C GLU A 71 -6.12 10.62 9.63
N MET A 72 -7.13 11.47 9.48
CA MET A 72 -7.68 12.23 10.60
C MET A 72 -8.78 11.44 11.29
N LYS A 73 -9.24 10.37 10.64
CA LYS A 73 -10.29 9.54 11.20
C LYS A 73 -9.71 8.46 12.11
N ALA A 74 -8.43 8.17 11.93
CA ALA A 74 -7.76 7.16 12.74
C ALA A 74 -7.51 7.67 14.15
N ARG A 75 -7.92 8.90 14.43
CA ARG A 75 -7.74 9.50 15.74
C ARG A 75 -6.31 9.31 16.23
N LYS A 76 -5.35 9.75 15.44
CA LYS A 76 -3.94 9.63 15.79
C LYS A 76 -3.05 10.16 14.67
N ARG A 77 -2.11 11.03 15.03
CA ARG A 77 -1.19 11.62 14.07
C ARG A 77 -0.04 10.68 13.77
N LEU A 78 -0.21 9.83 12.76
CA LEU A 78 0.83 8.87 12.38
C LEU A 78 2.13 9.58 12.07
N PRO A 79 3.24 8.83 12.14
CA PRO A 79 4.58 9.36 11.86
C PRO A 79 4.78 9.70 10.40
N THR A 80 4.42 8.77 9.52
CA THR A 80 4.56 8.97 8.08
C THR A 80 3.32 9.62 7.49
N THR A 81 3.46 10.21 6.31
CA THR A 81 2.34 10.86 5.64
C THR A 81 2.06 10.22 4.29
N LEU A 82 2.98 9.36 3.85
CA LEU A 82 2.82 8.67 2.57
C LEU A 82 2.32 7.24 2.77
N PHE A 83 1.03 7.11 3.09
CA PHE A 83 0.43 5.80 3.31
C PHE A 83 -0.92 5.69 2.60
N PHE A 84 -1.60 4.58 2.82
CA PHE A 84 -2.90 4.36 2.21
C PHE A 84 -3.74 3.40 3.04
N ILE A 85 -5.06 3.42 2.82
CA ILE A 85 -5.97 2.55 3.56
C ILE A 85 -6.35 1.33 2.72
N GLU A 86 -6.49 0.19 3.39
CA GLU A 86 -6.85 -1.05 2.71
C GLU A 86 -8.28 -0.99 2.20
N THR A 87 -9.07 -0.09 2.78
CA THR A 87 -10.46 0.08 2.37
C THR A 87 -10.56 0.72 0.99
N ASP A 88 -9.43 1.18 0.48
CA ASP A 88 -9.38 1.82 -0.84
C ASP A 88 -8.58 0.98 -1.82
N ILE A 89 -8.07 -0.15 -1.36
CA ILE A 89 -7.29 -1.04 -2.19
C ILE A 89 -7.89 -2.45 -2.23
N ARG A 90 -8.46 -2.87 -1.10
CA ARG A 90 -9.06 -4.19 -1.00
C ARG A 90 -10.01 -4.44 -2.17
N PRO A 91 -11.02 -3.56 -2.31
CA PRO A 91 -12.01 -3.67 -3.39
C PRO A 91 -11.41 -3.36 -4.76
N MET A 92 -10.10 -3.18 -4.80
CA MET A 92 -9.40 -2.87 -6.05
C MET A 92 -8.58 -4.07 -6.52
N LEU A 93 -8.15 -4.89 -5.57
CA LEU A 93 -7.35 -6.07 -5.89
C LEU A 93 -8.15 -7.06 -6.72
N GLN A 94 -8.46 -8.21 -6.13
CA GLN A 94 -9.22 -9.24 -6.83
C GLN A 94 -10.20 -9.93 -5.88
N ASP A 95 -11.47 -9.95 -6.26
CA ASP A 95 -12.50 -10.58 -5.44
C ASP A 95 -12.25 -12.08 -5.32
N ARG A 96 -11.43 -12.61 -6.21
CA ARG A 96 -11.11 -14.04 -6.19
C ARG A 96 -9.74 -14.29 -5.55
N LEU A 97 -9.03 -13.20 -5.25
CA LEU A 97 -7.71 -13.30 -4.63
C LEU A 97 -7.83 -13.80 -3.19
N ARG A 98 -9.02 -13.70 -2.62
CA ARG A 98 -9.26 -14.14 -1.26
C ARG A 98 -8.48 -13.29 -0.27
N PRO A 99 -8.85 -13.37 1.02
CA PRO A 99 -8.19 -12.62 2.08
C PRO A 99 -6.77 -13.12 2.36
N SER A 100 -5.87 -12.87 1.42
CA SER A 100 -4.48 -13.29 1.57
C SER A 100 -3.61 -12.16 2.09
N PHE A 101 -4.07 -10.92 1.86
CA PHE A 101 -3.33 -9.75 2.30
C PHE A 101 -2.96 -9.86 3.78
N ALA A 102 -3.96 -10.16 4.61
CA ALA A 102 -3.75 -10.29 6.05
C ALA A 102 -2.64 -11.31 6.34
N LYS A 103 -2.39 -12.19 5.39
CA LYS A 103 -1.36 -13.22 5.54
C LYS A 103 -0.06 -12.79 4.87
N ALA A 104 -0.17 -11.85 3.94
CA ALA A 104 0.99 -11.35 3.21
C ALA A 104 1.64 -10.18 3.96
N ILE A 105 0.89 -9.60 4.89
CA ILE A 105 1.40 -8.47 5.66
C ILE A 105 2.81 -8.74 6.19
N PRO A 106 2.98 -9.89 6.85
CA PRO A 106 4.27 -10.30 7.42
C PRO A 106 5.27 -10.67 6.33
N CYS A 107 4.78 -11.15 5.19
CA CYS A 107 5.63 -11.53 4.08
C CYS A 107 6.16 -10.31 3.34
N LEU A 108 5.50 -9.17 3.55
CA LEU A 108 5.89 -7.93 2.90
C LEU A 108 6.87 -7.14 3.78
N ARG A 109 6.66 -7.21 5.08
CA ARG A 109 7.52 -6.51 6.02
C ARG A 109 8.78 -7.33 6.33
N HIS A 110 8.64 -8.65 6.26
CA HIS A 110 9.77 -9.54 6.52
C HIS A 110 10.94 -9.23 5.61
N ILE A 111 10.66 -8.56 4.50
CA ILE A 111 11.71 -8.19 3.55
C ILE A 111 12.07 -6.71 3.67
N ARG A 112 11.29 -5.99 4.48
CA ARG A 112 11.54 -4.56 4.68
C ARG A 112 11.23 -3.77 3.42
N ARG A 113 9.99 -3.90 2.94
CA ARG A 113 9.56 -3.20 1.74
C ARG A 113 8.41 -2.25 2.05
N ILE A 114 7.58 -2.62 3.01
CA ILE A 114 6.44 -1.80 3.40
C ILE A 114 6.15 -1.93 4.89
N ARG A 115 5.14 -1.23 5.36
CA ARG A 115 4.76 -1.26 6.77
C ARG A 115 3.24 -1.18 6.92
N GLU A 116 2.77 -1.36 8.16
CA GLU A 116 1.35 -1.31 8.44
C GLU A 116 1.09 -0.71 9.82
N GLU A 117 0.23 0.31 9.85
CA GLU A 117 -0.10 0.98 11.12
C GLU A 117 -1.56 0.74 11.48
N ARG A 118 -1.79 -0.10 12.48
CA ARG A 118 -3.13 -0.42 12.93
C ARG A 118 -3.67 0.68 13.86
N CYS A 119 -4.53 1.53 13.33
CA CYS A 119 -5.11 2.62 14.12
C CYS A 119 -6.63 2.57 14.06
N GLY A 120 -7.24 1.99 15.09
CA GLY A 120 -8.69 1.90 15.13
C GLY A 120 -9.26 1.18 13.93
N PRO A 121 -10.49 1.56 13.54
CA PRO A 121 -11.17 0.96 12.39
C PRO A 121 -10.52 1.34 11.06
N LEU A 122 -9.19 1.35 11.04
CA LEU A 122 -8.46 1.70 9.83
C LEU A 122 -7.10 0.99 9.80
N THR A 123 -6.43 1.06 8.66
CA THR A 123 -5.13 0.42 8.50
C THR A 123 -4.29 1.14 7.44
N PHE A 124 -3.21 1.78 7.87
CA PHE A 124 -2.32 2.50 6.96
C PHE A 124 -1.15 1.63 6.54
N TYR A 125 -0.48 2.03 5.47
CA TYR A 125 0.67 1.29 4.96
C TYR A 125 1.67 2.21 4.27
N TYR A 126 2.88 2.28 4.82
CA TYR A 126 3.92 3.14 4.26
C TYR A 126 5.14 2.32 3.87
N PRO A 127 5.86 2.78 2.83
CA PRO A 127 7.06 2.10 2.32
C PRO A 127 8.22 2.20 3.29
N GLY A 128 8.32 1.24 4.21
CA GLY A 128 9.39 1.24 5.18
C GLY A 128 9.56 2.58 5.86
N SER A 129 8.80 2.79 6.94
CA SER A 129 8.87 4.04 7.68
C SER A 129 10.31 4.39 8.03
N SER A 130 11.12 3.36 8.30
CA SER A 130 12.51 3.56 8.65
C SER A 130 13.33 4.00 7.43
N MET A 1 10.72 15.81 -8.73
CA MET A 1 9.98 16.54 -9.75
C MET A 1 9.13 15.60 -10.61
N ASN A 2 9.59 14.35 -10.71
CA ASN A 2 8.86 13.35 -11.50
C ASN A 2 8.15 12.36 -10.59
N ASP A 3 7.38 11.46 -11.19
CA ASP A 3 6.64 10.45 -10.44
C ASP A 3 7.18 9.05 -10.72
N ILE A 4 7.83 8.46 -9.72
CA ILE A 4 8.39 7.13 -9.86
C ILE A 4 7.78 6.16 -8.86
N ARG A 5 7.80 4.87 -9.19
CA ARG A 5 7.25 3.85 -8.32
C ARG A 5 7.93 3.85 -6.96
N ILE A 6 7.27 3.30 -5.96
CA ILE A 6 7.82 3.24 -4.61
C ILE A 6 8.01 1.80 -4.16
N VAL A 7 7.28 0.88 -4.78
CA VAL A 7 7.38 -0.54 -4.44
C VAL A 7 7.01 -1.41 -5.64
N PRO A 8 8.03 -1.92 -6.34
CA PRO A 8 7.83 -2.77 -7.51
C PRO A 8 7.29 -4.15 -7.14
N GLN A 9 6.95 -4.95 -8.15
CA GLN A 9 6.42 -6.28 -7.92
C GLN A 9 7.51 -7.22 -7.42
N ILE A 10 7.10 -8.34 -6.84
CA ILE A 10 8.04 -9.32 -6.32
C ILE A 10 7.94 -10.64 -7.08
N THR A 11 9.08 -11.14 -7.55
CA THR A 11 9.11 -12.40 -8.30
C THR A 11 9.46 -13.57 -7.38
N ASP A 12 9.69 -14.73 -7.99
CA ASP A 12 10.05 -15.93 -7.23
C ASP A 12 11.33 -15.72 -6.45
N GLU A 13 12.13 -14.74 -6.87
CA GLU A 13 13.40 -14.43 -6.21
C GLU A 13 13.15 -13.76 -4.86
N GLU A 14 12.05 -13.03 -4.77
CA GLU A 14 11.70 -12.33 -3.53
C GLU A 14 10.63 -13.09 -2.75
N PHE A 15 9.60 -13.56 -3.46
CA PHE A 15 8.52 -14.30 -2.83
C PHE A 15 9.06 -15.51 -2.07
N LYS A 16 10.13 -16.10 -2.60
CA LYS A 16 10.74 -17.27 -1.98
C LYS A 16 11.57 -16.87 -0.77
N THR A 17 11.77 -15.56 -0.60
CA THR A 17 12.55 -15.05 0.52
C THR A 17 11.73 -15.05 1.80
N ILE A 18 10.47 -15.46 1.70
CA ILE A 18 9.59 -15.51 2.86
C ILE A 18 9.19 -16.95 3.18
N PRO A 19 9.29 -17.31 4.47
CA PRO A 19 8.95 -18.65 4.95
C PRO A 19 7.45 -18.92 4.88
N LYS A 20 7.09 -20.19 4.68
CA LYS A 20 5.69 -20.58 4.61
C LYS A 20 4.94 -20.21 5.89
N TYR A 21 5.69 -20.08 6.98
CA TYR A 21 5.10 -19.72 8.27
C TYR A 21 4.48 -18.34 8.22
N GLN A 22 4.93 -17.53 7.25
CA GLN A 22 4.42 -16.17 7.09
C GLN A 22 3.46 -16.09 5.91
N LEU A 23 3.72 -16.88 4.88
CA LEU A 23 2.88 -16.88 3.69
C LEU A 23 1.45 -17.29 4.04
N GLY A 24 1.30 -18.49 4.60
CA GLY A 24 -0.02 -18.97 4.97
C GLY A 24 -0.93 -19.16 3.77
N ARG A 25 -0.63 -20.17 2.96
CA ARG A 25 -1.42 -20.46 1.77
C ARG A 25 -1.29 -19.34 0.74
N LEU A 26 -0.32 -18.45 0.96
CA LEU A 26 -0.08 -17.33 0.06
C LEU A 26 0.62 -17.81 -1.21
N THR A 27 0.50 -17.02 -2.27
CA THR A 27 1.13 -17.35 -3.55
C THR A 27 1.68 -16.10 -4.23
N LEU A 28 2.69 -16.30 -5.08
CA LEU A 28 3.32 -15.20 -5.79
C LEU A 28 2.27 -14.32 -6.47
N GLU A 29 1.27 -14.96 -7.07
CA GLU A 29 0.20 -14.24 -7.76
C GLU A 29 -0.54 -13.31 -6.78
N MET A 30 -0.75 -13.80 -5.56
CA MET A 30 -1.45 -13.02 -4.55
C MET A 30 -0.65 -11.77 -4.18
N MET A 31 0.65 -11.96 -3.96
CA MET A 31 1.53 -10.84 -3.60
C MET A 31 1.82 -9.97 -4.81
N ASN A 32 1.84 -10.57 -5.99
CA ASN A 32 2.10 -9.85 -7.22
C ASN A 32 1.05 -8.77 -7.46
N GLU A 33 -0.21 -9.13 -7.21
CA GLU A 33 -1.31 -8.20 -7.39
C GLU A 33 -1.42 -7.25 -6.21
N ILE A 34 -0.99 -7.71 -5.04
CA ILE A 34 -1.04 -6.90 -3.83
C ILE A 34 0.02 -5.79 -3.87
N VAL A 35 1.23 -6.16 -4.25
CA VAL A 35 2.33 -5.19 -4.32
C VAL A 35 2.18 -4.28 -5.54
N SER A 36 1.53 -4.80 -6.59
CA SER A 36 1.32 -4.03 -7.81
C SER A 36 0.28 -2.94 -7.59
N LYS A 37 -0.89 -3.35 -7.08
CA LYS A 37 -1.98 -2.41 -6.83
C LYS A 37 -1.57 -1.37 -5.79
N MET A 38 -1.04 -1.84 -4.67
CA MET A 38 -0.61 -0.96 -3.59
C MET A 38 0.38 0.09 -4.12
N ASP A 39 1.25 -0.33 -5.03
CA ASP A 39 2.24 0.56 -5.61
C ASP A 39 1.57 1.61 -6.49
N ASP A 40 0.44 1.24 -7.08
CA ASP A 40 -0.30 2.15 -7.96
C ASP A 40 -0.90 3.30 -7.16
N PHE A 41 -1.55 2.97 -6.05
CA PHE A 41 -2.18 3.98 -5.21
C PHE A 41 -1.12 4.86 -4.54
N LEU A 42 -0.03 4.25 -4.11
CA LEU A 42 1.06 4.97 -3.46
C LEU A 42 1.83 5.81 -4.47
N MET A 43 1.91 5.32 -5.70
CA MET A 43 2.62 6.03 -6.76
C MET A 43 1.90 7.32 -7.13
N LYS A 44 0.57 7.26 -7.19
CA LYS A 44 -0.23 8.42 -7.54
C LYS A 44 -0.24 9.43 -6.40
N LYS A 45 -0.20 8.93 -5.17
CA LYS A 45 -0.19 9.79 -3.99
C LYS A 45 1.06 10.65 -3.95
N SER A 46 2.21 10.01 -4.05
CA SER A 46 3.49 10.71 -4.02
C SER A 46 3.62 11.64 -5.23
N LYS A 47 2.92 11.31 -6.30
CA LYS A 47 2.95 12.11 -7.52
C LYS A 47 2.19 13.42 -7.33
N ILE A 48 1.18 13.39 -6.46
CA ILE A 48 0.36 14.57 -6.20
C ILE A 48 1.05 15.49 -5.19
N LEU A 49 1.82 14.90 -4.27
CA LEU A 49 2.52 15.67 -3.27
C LEU A 49 3.54 16.60 -3.90
N GLY A 50 3.92 16.30 -5.14
CA GLY A 50 4.88 17.12 -5.84
C GLY A 50 4.25 17.93 -6.97
N LYS A 51 3.25 17.36 -7.62
CA LYS A 51 2.57 18.02 -8.72
C LYS A 51 2.06 19.39 -8.27
N THR A 52 1.51 20.16 -9.23
CA THR A 52 0.98 21.48 -8.94
C THR A 52 -0.53 21.51 -9.09
N ASN A 53 -1.15 22.59 -8.61
CA ASN A 53 -2.59 22.75 -8.71
C ASN A 53 -3.05 22.76 -10.16
N LYS A 54 -2.14 23.11 -11.06
CA LYS A 54 -2.44 23.16 -12.49
C LYS A 54 -2.50 21.75 -13.08
N GLN A 55 -1.58 20.89 -12.64
CA GLN A 55 -1.53 19.52 -13.13
C GLN A 55 -2.53 18.64 -12.38
N LEU A 56 -2.76 18.96 -11.11
CA LEU A 56 -3.69 18.20 -10.28
C LEU A 56 -5.04 18.04 -10.98
N THR A 57 -5.60 16.84 -10.93
CA THR A 57 -6.88 16.55 -11.56
C THR A 57 -7.93 16.18 -10.52
N ARG A 58 -9.13 15.85 -10.99
CA ARG A 58 -10.22 15.47 -10.10
C ARG A 58 -9.85 14.24 -9.27
N SER A 59 -9.25 13.25 -9.92
CA SER A 59 -8.85 12.02 -9.24
C SER A 59 -7.87 12.32 -8.10
N ASP A 60 -7.03 13.33 -8.30
CA ASP A 60 -6.06 13.72 -7.29
C ASP A 60 -6.74 14.45 -6.13
N ARG A 61 -7.80 15.18 -6.45
CA ARG A 61 -8.54 15.92 -5.43
C ARG A 61 -9.39 14.99 -4.58
N GLU A 62 -10.07 14.05 -5.24
CA GLU A 62 -10.93 13.10 -4.53
C GLU A 62 -10.10 12.21 -3.62
N VAL A 63 -8.95 11.77 -4.11
CA VAL A 63 -8.06 10.91 -3.32
C VAL A 63 -7.46 11.66 -2.15
N LEU A 64 -7.14 12.94 -2.37
CA LEU A 64 -6.56 13.78 -1.33
C LEU A 64 -7.52 13.94 -0.16
N ASP A 65 -8.80 14.12 -0.47
CA ASP A 65 -9.83 14.29 0.55
C ASP A 65 -10.07 12.98 1.30
N ASN A 66 -9.98 11.86 0.58
CA ASN A 66 -10.19 10.55 1.17
C ASN A 66 -9.00 10.15 2.04
N TRP A 67 -7.80 10.36 1.52
CA TRP A 67 -6.58 10.03 2.25
C TRP A 67 -6.49 10.81 3.55
N ARG A 68 -6.85 12.08 3.49
CA ARG A 68 -6.80 12.95 4.66
C ARG A 68 -7.95 12.63 5.61
N GLU A 69 -9.02 12.03 5.07
CA GLU A 69 -10.18 11.68 5.87
C GLU A 69 -9.89 10.47 6.76
N LEU A 70 -9.19 9.49 6.20
CA LEU A 70 -8.85 8.28 6.94
C LEU A 70 -7.70 8.54 7.91
N GLU A 71 -6.76 9.39 7.50
CA GLU A 71 -5.62 9.74 8.33
C GLU A 71 -6.05 10.60 9.52
N MET A 72 -7.14 11.34 9.35
CA MET A 72 -7.65 12.21 10.40
C MET A 72 -8.63 11.47 11.29
N LYS A 73 -9.30 10.46 10.73
CA LYS A 73 -10.26 9.66 11.47
C LYS A 73 -9.56 8.59 12.29
N ALA A 74 -8.28 8.37 12.01
CA ALA A 74 -7.49 7.38 12.73
C ALA A 74 -7.18 7.84 14.15
N ARG A 75 -7.67 9.02 14.50
CA ARG A 75 -7.44 9.58 15.83
C ARG A 75 -5.99 9.37 16.26
N LYS A 76 -5.07 9.53 15.32
CA LYS A 76 -3.64 9.36 15.60
C LYS A 76 -2.80 9.99 14.49
N ARG A 77 -1.97 10.95 14.87
CA ARG A 77 -1.10 11.63 13.91
C ARG A 77 0.10 10.76 13.55
N LEU A 78 -0.06 9.96 12.49
CA LEU A 78 1.01 9.07 12.04
C LEU A 78 2.26 9.87 11.70
N PRO A 79 3.42 9.18 11.68
CA PRO A 79 4.70 9.79 11.37
C PRO A 79 4.82 10.20 9.90
N THR A 80 4.48 9.27 9.01
CA THR A 80 4.54 9.52 7.58
C THR A 80 3.17 9.92 7.04
N THR A 81 3.16 10.45 5.81
CA THR A 81 1.92 10.87 5.18
C THR A 81 1.68 10.11 3.88
N LEU A 82 2.72 9.49 3.35
CA LEU A 82 2.62 8.72 2.11
C LEU A 82 2.21 7.28 2.40
N PHE A 83 0.93 7.09 2.72
CA PHE A 83 0.41 5.76 3.01
C PHE A 83 -0.97 5.58 2.40
N PHE A 84 -1.60 4.44 2.70
CA PHE A 84 -2.93 4.15 2.18
C PHE A 84 -3.65 3.14 3.07
N ILE A 85 -4.96 3.04 2.91
CA ILE A 85 -5.77 2.12 3.70
C ILE A 85 -6.10 0.86 2.91
N GLU A 86 -6.11 -0.28 3.59
CA GLU A 86 -6.41 -1.55 2.95
C GLU A 86 -7.77 -1.51 2.26
N THR A 87 -8.65 -0.65 2.76
CA THR A 87 -9.99 -0.50 2.19
C THR A 87 -9.94 0.26 0.87
N ASP A 88 -8.77 0.79 0.53
CA ASP A 88 -8.59 1.54 -0.70
C ASP A 88 -7.99 0.67 -1.79
N ILE A 89 -7.23 -0.35 -1.37
CA ILE A 89 -6.58 -1.26 -2.32
C ILE A 89 -7.36 -2.56 -2.43
N ARG A 90 -7.96 -2.98 -1.31
CA ARG A 90 -8.73 -4.23 -1.29
C ARG A 90 -9.69 -4.29 -2.46
N PRO A 91 -10.60 -3.30 -2.54
CA PRO A 91 -11.59 -3.23 -3.61
C PRO A 91 -10.97 -2.90 -4.96
N MET A 92 -9.64 -2.88 -5.01
CA MET A 92 -8.93 -2.58 -6.24
C MET A 92 -8.19 -3.82 -6.76
N LEU A 93 -7.83 -4.71 -5.85
CA LEU A 93 -7.13 -5.94 -6.21
C LEU A 93 -8.01 -6.85 -7.05
N GLN A 94 -8.31 -8.03 -6.51
CA GLN A 94 -9.16 -9.00 -7.21
C GLN A 94 -10.15 -9.63 -6.25
N ASP A 95 -11.35 -9.90 -6.75
CA ASP A 95 -12.39 -10.51 -5.93
C ASP A 95 -12.01 -11.93 -5.54
N ARG A 96 -11.40 -12.66 -6.47
CA ARG A 96 -10.98 -14.03 -6.21
C ARG A 96 -9.56 -14.08 -5.64
N LEU A 97 -9.13 -12.95 -5.07
CA LEU A 97 -7.80 -12.87 -4.48
C LEU A 97 -7.79 -13.40 -3.05
N ARG A 98 -8.98 -13.49 -2.45
CA ARG A 98 -9.11 -13.99 -1.09
C ARG A 98 -8.33 -13.11 -0.10
N PRO A 99 -8.67 -13.22 1.19
CA PRO A 99 -8.03 -12.45 2.24
C PRO A 99 -6.58 -12.90 2.49
N SER A 100 -5.71 -12.61 1.52
CA SER A 100 -4.31 -12.99 1.64
C SER A 100 -3.47 -11.81 2.09
N PHE A 101 -3.96 -10.60 1.84
CA PHE A 101 -3.25 -9.39 2.23
C PHE A 101 -2.86 -9.44 3.71
N ALA A 102 -3.84 -9.71 4.57
CA ALA A 102 -3.59 -9.79 6.00
C ALA A 102 -2.49 -10.80 6.31
N LYS A 103 -2.25 -11.72 5.39
CA LYS A 103 -1.23 -12.75 5.57
C LYS A 103 0.06 -12.33 4.88
N ALA A 104 -0.03 -11.42 3.92
CA ALA A 104 1.13 -10.95 3.19
C ALA A 104 1.80 -9.80 3.93
N ILE A 105 1.05 -9.13 4.80
CA ILE A 105 1.58 -8.01 5.57
C ILE A 105 2.93 -8.36 6.18
N PRO A 106 3.00 -9.51 6.88
CA PRO A 106 4.22 -9.97 7.52
C PRO A 106 5.27 -10.42 6.51
N CYS A 107 4.82 -10.78 5.31
CA CYS A 107 5.73 -11.23 4.26
C CYS A 107 6.34 -10.04 3.53
N LEU A 108 5.64 -8.91 3.54
CA LEU A 108 6.13 -7.70 2.89
C LEU A 108 7.16 -6.99 3.74
N ARG A 109 6.93 -6.98 5.05
CA ARG A 109 7.86 -6.34 5.98
C ARG A 109 9.08 -7.21 6.24
N HIS A 110 8.88 -8.53 6.14
CA HIS A 110 9.96 -9.48 6.37
C HIS A 110 11.14 -9.19 5.43
N ILE A 111 10.86 -8.50 4.33
CA ILE A 111 11.90 -8.16 3.37
C ILE A 111 12.28 -6.69 3.48
N ARG A 112 11.55 -5.95 4.30
CA ARG A 112 11.82 -4.53 4.49
C ARG A 112 11.50 -3.74 3.22
N ARG A 113 10.27 -3.86 2.73
CA ARG A 113 9.86 -3.17 1.53
C ARG A 113 8.70 -2.21 1.83
N ILE A 114 7.89 -2.57 2.81
CA ILE A 114 6.75 -1.75 3.20
C ILE A 114 6.51 -1.80 4.70
N ARG A 115 5.55 -1.01 5.18
CA ARG A 115 5.23 -0.97 6.59
C ARG A 115 3.72 -0.91 6.81
N GLU A 116 3.30 -0.96 8.08
CA GLU A 116 1.89 -0.91 8.42
C GLU A 116 1.68 -0.39 9.83
N GLU A 117 0.79 0.58 9.98
CA GLU A 117 0.51 1.16 11.29
C GLU A 117 -0.91 0.82 11.74
N ARG A 118 -1.01 0.12 12.87
CA ARG A 118 -2.31 -0.26 13.41
C ARG A 118 -2.89 0.83 14.28
N CYS A 119 -3.86 1.57 13.74
CA CYS A 119 -4.50 2.66 14.47
C CYS A 119 -6.01 2.50 14.47
N GLY A 120 -6.54 1.82 15.48
CA GLY A 120 -7.97 1.61 15.58
C GLY A 120 -8.52 0.82 14.39
N PRO A 121 -9.79 1.08 14.04
CA PRO A 121 -10.45 0.39 12.93
C PRO A 121 -9.88 0.81 11.57
N LEU A 122 -8.57 0.98 11.52
CA LEU A 122 -7.90 1.37 10.28
C LEU A 122 -6.51 0.75 10.18
N THR A 123 -5.93 0.80 8.99
CA THR A 123 -4.61 0.23 8.76
C THR A 123 -3.91 0.94 7.61
N PHE A 124 -2.82 1.65 7.93
CA PHE A 124 -2.05 2.36 6.92
C PHE A 124 -0.86 1.53 6.44
N TYR A 125 -0.23 1.98 5.37
CA TYR A 125 0.92 1.28 4.81
C TYR A 125 1.84 2.25 4.07
N TYR A 126 3.07 2.37 4.54
CA TYR A 126 4.05 3.26 3.92
C TYR A 126 5.28 2.49 3.48
N PRO A 127 5.98 3.01 2.45
CA PRO A 127 7.18 2.38 1.91
C PRO A 127 8.36 2.48 2.87
N GLY A 128 8.49 1.49 3.74
CA GLY A 128 9.57 1.47 4.71
C GLY A 128 9.77 2.82 5.38
N SER A 129 8.67 3.53 5.60
CA SER A 129 8.73 4.85 6.23
C SER A 129 8.65 4.72 7.75
N SER A 130 9.24 5.69 8.45
CA SER A 130 9.23 5.69 9.91
C SER A 130 8.44 6.87 10.45
N MET A 1 11.34 15.38 -7.50
CA MET A 1 10.19 15.96 -8.17
C MET A 1 9.56 14.96 -9.14
N ASN A 2 10.36 14.03 -9.63
CA ASN A 2 9.88 13.02 -10.57
C ASN A 2 8.95 12.04 -9.88
N ASP A 3 8.33 11.16 -10.66
CA ASP A 3 7.41 10.18 -10.11
C ASP A 3 7.94 8.75 -10.34
N ILE A 4 8.51 8.17 -9.30
CA ILE A 4 9.05 6.82 -9.40
C ILE A 4 8.34 5.86 -8.44
N ARG A 5 8.35 4.58 -8.77
CA ARG A 5 7.71 3.57 -7.94
C ARG A 5 8.35 3.50 -6.56
N ILE A 6 7.56 3.16 -5.56
CA ILE A 6 8.06 3.07 -4.19
C ILE A 6 8.32 1.61 -3.80
N VAL A 7 7.52 0.70 -4.36
CA VAL A 7 7.66 -0.72 -4.07
C VAL A 7 7.26 -1.56 -5.27
N PRO A 8 8.26 -2.04 -6.03
CA PRO A 8 8.02 -2.88 -7.21
C PRO A 8 7.50 -4.26 -6.86
N GLN A 9 6.92 -4.95 -7.84
CA GLN A 9 6.39 -6.28 -7.63
C GLN A 9 7.48 -7.25 -7.19
N ILE A 10 7.08 -8.47 -6.83
CA ILE A 10 8.03 -9.49 -6.40
C ILE A 10 7.93 -10.73 -7.26
N THR A 11 9.06 -11.11 -7.87
CA THR A 11 9.11 -12.29 -8.73
C THR A 11 9.42 -13.54 -7.92
N ASP A 12 9.74 -14.63 -8.62
CA ASP A 12 10.05 -15.89 -7.96
C ASP A 12 11.30 -15.75 -7.10
N GLU A 13 12.11 -14.74 -7.39
CA GLU A 13 13.33 -14.50 -6.63
C GLU A 13 13.04 -13.74 -5.34
N GLU A 14 12.00 -12.91 -5.38
CA GLU A 14 11.60 -12.12 -4.21
C GLU A 14 10.59 -12.86 -3.36
N PHE A 15 9.70 -13.61 -4.03
CA PHE A 15 8.67 -14.37 -3.33
C PHE A 15 9.28 -15.56 -2.59
N LYS A 16 10.31 -16.14 -3.17
CA LYS A 16 10.98 -17.29 -2.57
C LYS A 16 11.72 -16.88 -1.30
N THR A 17 11.84 -15.57 -1.08
CA THR A 17 12.53 -15.04 0.09
C THR A 17 11.65 -15.15 1.33
N ILE A 18 10.38 -15.50 1.13
CA ILE A 18 9.44 -15.64 2.24
C ILE A 18 9.15 -17.11 2.52
N PRO A 19 9.27 -17.50 3.80
CA PRO A 19 9.02 -18.88 4.24
C PRO A 19 7.54 -19.25 4.17
N LYS A 20 7.27 -20.52 3.90
CA LYS A 20 5.90 -21.01 3.81
C LYS A 20 5.13 -20.71 5.08
N TYR A 21 5.85 -20.55 6.19
CA TYR A 21 5.24 -20.27 7.48
C TYR A 21 4.50 -18.93 7.45
N GLN A 22 4.92 -18.06 6.52
CA GLN A 22 4.30 -16.76 6.40
C GLN A 22 3.28 -16.74 5.25
N LEU A 23 3.61 -17.44 4.17
CA LEU A 23 2.72 -17.51 3.01
C LEU A 23 1.48 -18.34 3.32
N GLY A 24 1.70 -19.56 3.81
CA GLY A 24 0.59 -20.43 4.14
C GLY A 24 -0.20 -20.84 2.91
N ARG A 25 -1.21 -20.06 2.57
CA ARG A 25 -2.06 -20.34 1.42
C ARG A 25 -1.94 -19.23 0.37
N LEU A 26 -0.83 -18.52 0.41
CA LEU A 26 -0.59 -17.43 -0.55
C LEU A 26 0.24 -17.91 -1.72
N THR A 27 0.26 -17.12 -2.79
CA THR A 27 1.02 -17.46 -3.98
C THR A 27 1.64 -16.22 -4.63
N LEU A 28 2.63 -16.43 -5.48
CA LEU A 28 3.30 -15.33 -6.16
C LEU A 28 2.29 -14.39 -6.82
N GLU A 29 1.26 -14.97 -7.43
CA GLU A 29 0.22 -14.20 -8.09
C GLU A 29 -0.50 -13.29 -7.09
N MET A 30 -0.79 -13.84 -5.91
CA MET A 30 -1.48 -13.09 -4.87
C MET A 30 -0.65 -11.88 -4.43
N MET A 31 0.64 -12.10 -4.24
CA MET A 31 1.53 -11.02 -3.82
C MET A 31 1.85 -10.10 -4.99
N ASN A 32 1.93 -10.66 -6.19
CA ASN A 32 2.22 -9.88 -7.38
C ASN A 32 1.20 -8.77 -7.58
N GLU A 33 -0.07 -9.10 -7.32
CA GLU A 33 -1.15 -8.12 -7.48
C GLU A 33 -1.23 -7.20 -6.26
N ILE A 34 -0.95 -7.77 -5.08
CA ILE A 34 -0.99 -7.00 -3.85
C ILE A 34 0.07 -5.91 -3.83
N VAL A 35 1.29 -6.28 -4.22
CA VAL A 35 2.40 -5.33 -4.26
C VAL A 35 2.27 -4.39 -5.45
N SER A 36 1.63 -4.87 -6.52
CA SER A 36 1.44 -4.07 -7.72
C SER A 36 0.40 -2.98 -7.49
N LYS A 37 -0.77 -3.38 -7.02
CA LYS A 37 -1.85 -2.43 -6.76
C LYS A 37 -1.45 -1.43 -5.68
N MET A 38 -0.93 -1.94 -4.56
CA MET A 38 -0.50 -1.09 -3.46
C MET A 38 0.50 -0.04 -3.94
N ASP A 39 1.46 -0.47 -4.74
CA ASP A 39 2.48 0.44 -5.27
C ASP A 39 1.86 1.46 -6.21
N ASP A 40 0.77 1.07 -6.86
CA ASP A 40 0.08 1.96 -7.79
C ASP A 40 -0.50 3.16 -7.06
N PHE A 41 -1.34 2.91 -6.07
CA PHE A 41 -1.97 3.96 -5.29
C PHE A 41 -0.92 4.84 -4.62
N LEU A 42 0.05 4.21 -3.97
CA LEU A 42 1.12 4.93 -3.30
C LEU A 42 1.94 5.75 -4.28
N MET A 43 2.13 5.21 -5.49
CA MET A 43 2.88 5.89 -6.53
C MET A 43 2.22 7.21 -6.91
N LYS A 44 0.89 7.23 -6.92
CA LYS A 44 0.14 8.42 -7.26
C LYS A 44 0.24 9.47 -6.15
N LYS A 45 0.01 9.03 -4.92
CA LYS A 45 0.07 9.92 -3.77
C LYS A 45 1.39 10.70 -3.76
N SER A 46 2.50 9.98 -3.86
CA SER A 46 3.82 10.61 -3.87
C SER A 46 3.98 11.53 -5.07
N LYS A 47 3.40 11.14 -6.19
CA LYS A 47 3.47 11.93 -7.41
C LYS A 47 2.61 13.18 -7.30
N ILE A 48 1.56 13.10 -6.49
CA ILE A 48 0.65 14.23 -6.29
C ILE A 48 1.27 15.27 -5.37
N LEU A 49 2.09 14.81 -4.43
CA LEU A 49 2.74 15.70 -3.48
C LEU A 49 3.66 16.68 -4.19
N GLY A 50 4.15 16.29 -5.36
CA GLY A 50 5.04 17.14 -6.13
C GLY A 50 4.33 17.81 -7.28
N LYS A 51 3.34 17.12 -7.86
CA LYS A 51 2.59 17.65 -8.99
C LYS A 51 2.01 19.02 -8.65
N THR A 52 1.45 19.68 -9.66
CA THR A 52 0.86 21.00 -9.48
C THR A 52 -0.63 20.99 -9.78
N ASN A 53 -1.31 22.09 -9.49
CA ASN A 53 -2.74 22.21 -9.74
C ASN A 53 -3.06 21.95 -11.21
N LYS A 54 -2.09 22.21 -12.07
CA LYS A 54 -2.27 22.01 -13.52
C LYS A 54 -2.50 20.54 -13.82
N GLN A 55 -1.66 19.67 -13.24
CA GLN A 55 -1.77 18.23 -13.45
C GLN A 55 -2.84 17.63 -12.55
N LEU A 56 -2.99 18.20 -11.36
CA LEU A 56 -3.98 17.71 -10.40
C LEU A 56 -5.35 17.57 -11.05
N THR A 57 -5.90 16.36 -10.99
CA THR A 57 -7.21 16.08 -11.58
C THR A 57 -8.19 15.57 -10.52
N ARG A 58 -9.35 15.15 -10.97
CA ARG A 58 -10.38 14.64 -10.07
C ARG A 58 -9.80 13.59 -9.13
N SER A 59 -9.17 12.57 -9.71
CA SER A 59 -8.57 11.49 -8.93
C SER A 59 -7.56 12.05 -7.92
N ASP A 60 -6.93 13.16 -8.28
CA ASP A 60 -5.95 13.79 -7.41
C ASP A 60 -6.63 14.48 -6.24
N ARG A 61 -7.79 15.08 -6.49
CA ARG A 61 -8.53 15.78 -5.45
C ARG A 61 -9.28 14.79 -4.56
N GLU A 62 -9.79 13.72 -5.17
CA GLU A 62 -10.52 12.71 -4.42
C GLU A 62 -9.60 11.97 -3.46
N VAL A 63 -8.39 11.68 -3.91
CA VAL A 63 -7.42 10.97 -3.08
C VAL A 63 -6.88 11.88 -1.98
N LEU A 64 -6.57 13.12 -2.34
CA LEU A 64 -6.04 14.09 -1.38
C LEU A 64 -7.04 14.32 -0.24
N ASP A 65 -8.31 14.49 -0.59
CA ASP A 65 -9.35 14.71 0.39
C ASP A 65 -9.53 13.49 1.29
N ASN A 66 -9.42 12.31 0.70
CA ASN A 66 -9.58 11.07 1.43
C ASN A 66 -8.38 10.83 2.35
N TRP A 67 -7.18 11.00 1.80
CA TRP A 67 -5.95 10.81 2.56
C TRP A 67 -5.96 11.66 3.83
N ARG A 68 -6.39 12.91 3.70
CA ARG A 68 -6.44 13.82 4.83
C ARG A 68 -7.58 13.46 5.76
N GLU A 69 -8.59 12.76 5.24
CA GLU A 69 -9.74 12.35 6.03
C GLU A 69 -9.37 11.21 6.98
N LEU A 70 -8.54 10.29 6.48
CA LEU A 70 -8.11 9.15 7.27
C LEU A 70 -7.05 9.56 8.29
N GLU A 71 -6.20 10.50 7.91
CA GLU A 71 -5.14 10.98 8.78
C GLU A 71 -5.71 11.82 9.92
N MET A 72 -6.86 12.44 9.67
CA MET A 72 -7.51 13.27 10.67
C MET A 72 -8.46 12.44 11.53
N LYS A 73 -8.93 11.33 10.98
CA LYS A 73 -9.84 10.45 11.69
C LYS A 73 -9.07 9.43 12.53
N ALA A 74 -7.77 9.36 12.31
CA ALA A 74 -6.92 8.44 13.05
C ALA A 74 -6.73 8.89 14.49
N ARG A 75 -7.32 10.03 14.83
CA ARG A 75 -7.22 10.58 16.18
C ARG A 75 -5.76 10.61 16.63
N LYS A 76 -4.84 10.76 15.68
CA LYS A 76 -3.42 10.80 15.99
C LYS A 76 -2.59 10.98 14.71
N ARG A 77 -1.57 11.82 14.79
CA ARG A 77 -0.71 12.08 13.65
C ARG A 77 0.32 10.96 13.47
N LEU A 78 0.00 10.01 12.59
CA LEU A 78 0.87 8.88 12.33
C LEU A 78 2.30 9.36 12.07
N PRO A 79 3.28 8.47 12.34
CA PRO A 79 4.70 8.78 12.14
C PRO A 79 5.06 8.89 10.66
N THR A 80 4.12 8.52 9.79
CA THR A 80 4.35 8.58 8.35
C THR A 80 3.28 9.41 7.67
N THR A 81 3.64 10.02 6.54
CA THR A 81 2.71 10.85 5.78
C THR A 81 2.27 10.16 4.49
N LEU A 82 3.10 9.22 4.03
CA LEU A 82 2.81 8.49 2.81
C LEU A 82 2.29 7.08 3.12
N PHE A 83 1.12 7.01 3.73
CA PHE A 83 0.52 5.73 4.10
C PHE A 83 -0.85 5.58 3.46
N PHE A 84 -1.28 4.32 3.27
CA PHE A 84 -2.58 4.04 2.67
C PHE A 84 -3.37 3.07 3.54
N ILE A 85 -4.60 2.79 3.11
CA ILE A 85 -5.47 1.89 3.85
C ILE A 85 -5.84 0.67 3.01
N GLU A 86 -6.06 -0.47 3.68
CA GLU A 86 -6.40 -1.70 2.99
C GLU A 86 -7.72 -1.54 2.24
N THR A 87 -8.59 -0.67 2.75
CA THR A 87 -9.89 -0.44 2.13
C THR A 87 -9.73 0.25 0.77
N ASP A 88 -8.51 0.68 0.47
CA ASP A 88 -8.22 1.35 -0.80
C ASP A 88 -7.34 0.48 -1.69
N ILE A 89 -7.04 -0.72 -1.21
CA ILE A 89 -6.20 -1.65 -1.97
C ILE A 89 -6.92 -2.98 -2.17
N ARG A 90 -7.60 -3.46 -1.12
CA ARG A 90 -8.33 -4.72 -1.20
C ARG A 90 -9.35 -4.70 -2.33
N PRO A 91 -10.30 -3.76 -2.26
CA PRO A 91 -11.34 -3.62 -3.28
C PRO A 91 -10.79 -3.11 -4.61
N MET A 92 -9.49 -3.26 -4.80
CA MET A 92 -8.85 -2.81 -6.02
C MET A 92 -8.16 -3.97 -6.74
N LEU A 93 -7.77 -4.99 -5.97
CA LEU A 93 -7.10 -6.16 -6.52
C LEU A 93 -8.09 -7.03 -7.30
N GLN A 94 -8.23 -8.28 -6.88
CA GLN A 94 -9.14 -9.21 -7.53
C GLN A 94 -10.16 -9.76 -6.55
N ASP A 95 -11.37 -10.00 -7.04
CA ASP A 95 -12.45 -10.53 -6.21
C ASP A 95 -12.14 -11.96 -5.78
N ARG A 96 -11.53 -12.72 -6.68
CA ARG A 96 -11.19 -14.11 -6.41
C ARG A 96 -9.80 -14.22 -5.76
N LEU A 97 -9.28 -13.09 -5.31
CA LEU A 97 -7.97 -13.05 -4.67
C LEU A 97 -8.04 -13.58 -3.25
N ARG A 98 -9.24 -13.54 -2.66
CA ARG A 98 -9.43 -14.01 -1.30
C ARG A 98 -8.65 -13.16 -0.31
N PRO A 99 -9.00 -13.28 0.98
CA PRO A 99 -8.35 -12.51 2.06
C PRO A 99 -6.92 -12.99 2.31
N SER A 100 -6.03 -12.71 1.36
CA SER A 100 -4.64 -13.12 1.47
C SER A 100 -3.78 -11.96 1.97
N PHE A 101 -4.24 -10.74 1.71
CA PHE A 101 -3.52 -9.54 2.13
C PHE A 101 -3.15 -9.61 3.61
N ALA A 102 -4.15 -9.89 4.45
CA ALA A 102 -3.94 -10.00 5.88
C ALA A 102 -2.81 -10.99 6.20
N LYS A 103 -2.57 -11.91 5.27
CA LYS A 103 -1.53 -12.91 5.45
C LYS A 103 -0.23 -12.49 4.74
N ALA A 104 -0.36 -11.59 3.78
CA ALA A 104 0.78 -11.10 3.04
C ALA A 104 1.49 -9.97 3.78
N ILE A 105 0.78 -9.35 4.71
CA ILE A 105 1.34 -8.26 5.50
C ILE A 105 2.73 -8.59 6.01
N PRO A 106 2.84 -9.76 6.66
CA PRO A 106 4.12 -10.23 7.23
C PRO A 106 5.11 -10.62 6.14
N CYS A 107 4.59 -11.07 5.00
CA CYS A 107 5.44 -11.49 3.89
C CYS A 107 6.02 -10.28 3.17
N LEU A 108 5.38 -9.12 3.36
CA LEU A 108 5.84 -7.89 2.72
C LEU A 108 6.86 -7.18 3.60
N ARG A 109 6.61 -7.15 4.90
CA ARG A 109 7.51 -6.51 5.85
C ARG A 109 8.74 -7.38 6.11
N HIS A 110 8.55 -8.69 6.06
CA HIS A 110 9.64 -9.63 6.30
C HIS A 110 10.80 -9.37 5.35
N ILE A 111 10.50 -8.72 4.22
CA ILE A 111 11.52 -8.41 3.22
C ILE A 111 11.89 -6.93 3.27
N ARG A 112 11.14 -6.16 4.04
CA ARG A 112 11.39 -4.73 4.17
C ARG A 112 10.95 -3.98 2.91
N ARG A 113 9.68 -4.13 2.55
CA ARG A 113 9.14 -3.47 1.38
C ARG A 113 8.06 -2.47 1.75
N ILE A 114 7.28 -2.81 2.77
CA ILE A 114 6.21 -1.94 3.24
C ILE A 114 5.99 -2.09 4.74
N ARG A 115 5.02 -1.35 5.28
CA ARG A 115 4.72 -1.40 6.70
C ARG A 115 3.22 -1.27 6.94
N GLU A 116 2.81 -1.38 8.20
CA GLU A 116 1.40 -1.27 8.56
C GLU A 116 1.23 -0.58 9.91
N GLU A 117 0.31 0.37 9.98
CA GLU A 117 0.05 1.09 11.21
C GLU A 117 -1.33 0.77 11.76
N ARG A 118 -1.37 -0.03 12.82
CA ARG A 118 -2.62 -0.41 13.44
C ARG A 118 -3.24 0.75 14.21
N CYS A 119 -4.25 1.38 13.64
CA CYS A 119 -4.92 2.51 14.28
C CYS A 119 -6.39 2.19 14.55
N GLY A 120 -6.64 1.49 15.65
CA GLY A 120 -8.00 1.14 16.00
C GLY A 120 -8.59 0.11 15.05
N PRO A 121 -9.88 0.29 14.71
CA PRO A 121 -10.58 -0.62 13.81
C PRO A 121 -10.09 -0.52 12.37
N LEU A 122 -9.10 0.34 12.16
CA LEU A 122 -8.53 0.53 10.83
C LEU A 122 -7.06 0.10 10.79
N THR A 123 -6.48 0.08 9.60
CA THR A 123 -5.09 -0.30 9.42
C THR A 123 -4.47 0.37 8.21
N PHE A 124 -3.40 1.12 8.43
CA PHE A 124 -2.72 1.82 7.34
C PHE A 124 -1.46 1.07 6.93
N TYR A 125 -0.78 1.58 5.90
CA TYR A 125 0.44 0.96 5.41
C TYR A 125 1.34 2.00 4.75
N TYR A 126 2.58 2.09 5.24
CA TYR A 126 3.55 3.04 4.70
C TYR A 126 4.79 2.32 4.17
N PRO A 127 5.54 3.00 3.30
CA PRO A 127 6.76 2.44 2.70
C PRO A 127 7.89 2.31 3.72
N GLY A 128 8.11 1.09 4.18
CA GLY A 128 9.16 0.84 5.16
C GLY A 128 9.13 1.83 6.30
N SER A 129 10.29 2.37 6.64
CA SER A 129 10.39 3.34 7.73
C SER A 129 11.45 4.39 7.43
N SER A 130 11.08 5.66 7.56
CA SER A 130 11.99 6.77 7.30
C SER A 130 12.12 7.67 8.52
N MET A 1 7.26 17.85 -12.47
CA MET A 1 7.81 16.68 -11.80
C MET A 1 7.43 15.40 -12.55
N ASN A 2 8.04 14.29 -12.16
CA ASN A 2 7.77 13.00 -12.79
C ASN A 2 6.90 12.12 -11.89
N ASP A 3 6.41 11.01 -12.44
CA ASP A 3 5.57 10.09 -11.69
C ASP A 3 6.21 8.70 -11.64
N ILE A 4 6.87 8.41 -10.53
CA ILE A 4 7.52 7.10 -10.36
C ILE A 4 6.89 6.32 -9.21
N ARG A 5 7.12 5.02 -9.20
CA ARG A 5 6.57 4.16 -8.16
C ARG A 5 7.41 4.25 -6.88
N ILE A 6 6.94 3.59 -5.82
CA ILE A 6 7.64 3.61 -4.55
C ILE A 6 8.02 2.19 -4.12
N VAL A 7 7.34 1.21 -4.69
CA VAL A 7 7.61 -0.18 -4.37
C VAL A 7 7.23 -1.10 -5.54
N PRO A 8 8.26 -1.56 -6.27
CA PRO A 8 8.06 -2.44 -7.42
C PRO A 8 7.59 -3.84 -7.01
N GLN A 9 6.79 -4.47 -7.86
CA GLN A 9 6.28 -5.81 -7.58
C GLN A 9 7.42 -6.75 -7.21
N ILE A 10 7.06 -7.92 -6.68
CA ILE A 10 8.05 -8.92 -6.28
C ILE A 10 7.91 -10.19 -7.11
N THR A 11 9.04 -10.69 -7.59
CA THR A 11 9.05 -11.91 -8.40
C THR A 11 9.57 -13.09 -7.60
N ASP A 12 9.77 -14.22 -8.28
CA ASP A 12 10.27 -15.43 -7.63
C ASP A 12 11.61 -15.17 -6.96
N GLU A 13 12.30 -14.12 -7.42
CA GLU A 13 13.61 -13.77 -6.86
C GLU A 13 13.47 -13.26 -5.44
N GLU A 14 12.33 -12.66 -5.14
CA GLU A 14 12.06 -12.13 -3.80
C GLU A 14 11.11 -13.03 -3.03
N PHE A 15 10.02 -13.42 -3.68
CA PHE A 15 9.03 -14.29 -3.06
C PHE A 15 9.68 -15.54 -2.49
N LYS A 16 10.73 -16.01 -3.16
CA LYS A 16 11.44 -17.20 -2.72
C LYS A 16 11.98 -17.04 -1.30
N THR A 17 12.13 -15.77 -0.88
CA THR A 17 12.63 -15.47 0.46
C THR A 17 11.56 -15.69 1.52
N ILE A 18 10.33 -15.97 1.06
CA ILE A 18 9.22 -16.21 1.97
C ILE A 18 8.64 -17.60 1.79
N PRO A 19 9.11 -18.55 2.61
CA PRO A 19 8.65 -19.94 2.57
C PRO A 19 7.21 -20.09 3.04
N LYS A 20 6.61 -21.24 2.75
CA LYS A 20 5.24 -21.51 3.15
C LYS A 20 5.04 -21.27 4.65
N TYR A 21 6.14 -21.35 5.40
CA TYR A 21 6.08 -21.13 6.84
C TYR A 21 5.61 -19.71 7.16
N GLN A 22 5.76 -18.81 6.20
CA GLN A 22 5.35 -17.43 6.37
C GLN A 22 4.21 -17.08 5.42
N LEU A 23 4.21 -17.69 4.24
CA LEU A 23 3.19 -17.43 3.25
C LEU A 23 1.81 -17.82 3.77
N GLY A 24 1.65 -19.08 4.17
CA GLY A 24 0.39 -19.55 4.70
C GLY A 24 -0.73 -19.49 3.66
N ARG A 25 -0.73 -20.43 2.74
CA ARG A 25 -1.74 -20.49 1.70
C ARG A 25 -1.58 -19.32 0.73
N LEU A 26 -0.45 -18.64 0.83
CA LEU A 26 -0.17 -17.49 -0.04
C LEU A 26 0.59 -17.93 -1.29
N THR A 27 0.75 -17.01 -2.23
CA THR A 27 1.46 -17.30 -3.47
C THR A 27 2.02 -16.03 -4.10
N LEU A 28 2.95 -16.19 -5.03
CA LEU A 28 3.57 -15.05 -5.70
C LEU A 28 2.50 -14.15 -6.33
N GLU A 29 1.50 -14.77 -6.93
CA GLU A 29 0.42 -14.03 -7.57
C GLU A 29 -0.31 -13.16 -6.56
N MET A 30 -0.49 -13.69 -5.35
CA MET A 30 -1.18 -12.96 -4.29
C MET A 30 -0.42 -11.69 -3.92
N MET A 31 0.90 -11.82 -3.75
CA MET A 31 1.73 -10.68 -3.39
C MET A 31 1.97 -9.79 -4.60
N ASN A 32 2.07 -10.41 -5.77
CA ASN A 32 2.30 -9.67 -7.01
C ASN A 32 1.22 -8.61 -7.23
N GLU A 33 -0.03 -8.98 -6.96
CA GLU A 33 -1.14 -8.06 -7.11
C GLU A 33 -1.26 -7.12 -5.92
N ILE A 34 -0.94 -7.65 -4.74
CA ILE A 34 -1.01 -6.86 -3.52
C ILE A 34 0.00 -5.72 -3.54
N VAL A 35 1.23 -6.02 -3.94
CA VAL A 35 2.28 -5.02 -4.01
C VAL A 35 2.09 -4.12 -5.24
N SER A 36 1.47 -4.66 -6.27
CA SER A 36 1.24 -3.90 -7.49
C SER A 36 0.13 -2.87 -7.29
N LYS A 37 -0.97 -3.31 -6.71
CA LYS A 37 -2.10 -2.42 -6.44
C LYS A 37 -1.75 -1.36 -5.43
N MET A 38 -1.28 -1.80 -4.25
CA MET A 38 -0.89 -0.88 -3.19
C MET A 38 0.10 0.16 -3.71
N ASP A 39 1.03 -0.28 -4.56
CA ASP A 39 2.03 0.61 -5.13
C ASP A 39 1.39 1.61 -6.08
N ASP A 40 0.30 1.20 -6.71
CA ASP A 40 -0.41 2.07 -7.65
C ASP A 40 -1.03 3.26 -6.94
N PHE A 41 -1.79 2.98 -5.89
CA PHE A 41 -2.45 4.03 -5.12
C PHE A 41 -1.42 4.95 -4.45
N LEU A 42 -0.36 4.35 -3.93
CA LEU A 42 0.68 5.10 -3.26
C LEU A 42 1.52 5.89 -4.28
N MET A 43 1.65 5.33 -5.48
CA MET A 43 2.42 5.97 -6.54
C MET A 43 1.75 7.28 -6.98
N LYS A 44 0.43 7.25 -7.07
CA LYS A 44 -0.33 8.43 -7.48
C LYS A 44 -0.37 9.47 -6.36
N LYS A 45 -0.47 8.99 -5.12
CA LYS A 45 -0.51 9.87 -3.96
C LYS A 45 0.75 10.73 -3.88
N SER A 46 1.91 10.09 -3.93
CA SER A 46 3.18 10.79 -3.87
C SER A 46 3.36 11.69 -5.08
N LYS A 47 2.84 11.25 -6.23
CA LYS A 47 2.94 12.01 -7.46
C LYS A 47 2.23 13.35 -7.34
N ILE A 48 1.18 13.40 -6.51
CA ILE A 48 0.41 14.62 -6.30
C ILE A 48 1.08 15.50 -5.26
N LEU A 49 1.73 14.87 -4.29
CA LEU A 49 2.41 15.61 -3.23
C LEU A 49 3.54 16.46 -3.79
N GLY A 50 3.96 16.15 -5.02
CA GLY A 50 5.03 16.90 -5.65
C GLY A 50 4.53 17.78 -6.78
N LYS A 51 3.54 17.28 -7.52
CA LYS A 51 2.98 18.03 -8.64
C LYS A 51 2.50 19.41 -8.18
N THR A 52 2.08 20.23 -9.14
CA THR A 52 1.60 21.57 -8.85
C THR A 52 0.17 21.75 -9.31
N ASN A 53 -0.39 22.93 -9.04
CA ASN A 53 -1.77 23.24 -9.44
C ASN A 53 -1.93 23.13 -10.96
N LYS A 54 -0.82 23.21 -11.68
CA LYS A 54 -0.85 23.11 -13.13
C LYS A 54 -1.14 21.68 -13.58
N GLN A 55 -0.68 20.72 -12.79
CA GLN A 55 -0.89 19.31 -13.10
C GLN A 55 -2.06 18.75 -12.30
N LEU A 56 -2.34 19.35 -11.16
CA LEU A 56 -3.43 18.90 -10.31
C LEU A 56 -4.73 18.78 -11.09
N THR A 57 -5.26 17.55 -11.14
CA THR A 57 -6.51 17.30 -11.87
C THR A 57 -7.55 16.66 -10.97
N ARG A 58 -8.65 16.22 -11.56
CA ARG A 58 -9.73 15.59 -10.81
C ARG A 58 -9.19 14.48 -9.91
N SER A 59 -8.28 13.68 -10.46
CA SER A 59 -7.68 12.57 -9.71
C SER A 59 -6.84 13.09 -8.55
N ASP A 60 -6.30 14.29 -8.71
CA ASP A 60 -5.47 14.90 -7.69
C ASP A 60 -6.33 15.41 -6.53
N ARG A 61 -7.53 15.89 -6.85
CA ARG A 61 -8.44 16.41 -5.84
C ARG A 61 -9.14 15.26 -5.10
N GLU A 62 -9.44 14.19 -5.83
CA GLU A 62 -10.10 13.03 -5.24
C GLU A 62 -9.17 12.29 -4.28
N VAL A 63 -7.89 12.24 -4.65
CA VAL A 63 -6.89 11.57 -3.81
C VAL A 63 -6.54 12.41 -2.59
N LEU A 64 -6.39 13.71 -2.79
CA LEU A 64 -6.06 14.62 -1.70
C LEU A 64 -7.15 14.62 -0.63
N ASP A 65 -8.39 14.69 -1.08
CA ASP A 65 -9.53 14.68 -0.15
C ASP A 65 -9.64 13.35 0.57
N ASN A 66 -9.44 12.26 -0.16
CA ASN A 66 -9.52 10.92 0.41
C ASN A 66 -8.38 10.69 1.42
N TRP A 67 -7.17 11.06 1.02
CA TRP A 67 -6.01 10.90 1.88
C TRP A 67 -6.22 11.59 3.22
N ARG A 68 -6.67 12.83 3.17
CA ARG A 68 -6.92 13.61 4.39
C ARG A 68 -8.04 12.99 5.21
N GLU A 69 -8.92 12.23 4.54
CA GLU A 69 -10.04 11.58 5.20
C GLU A 69 -9.56 10.42 6.05
N LEU A 70 -8.50 9.76 5.60
CA LEU A 70 -7.94 8.61 6.32
C LEU A 70 -7.11 9.06 7.51
N GLU A 71 -6.35 10.14 7.31
CA GLU A 71 -5.50 10.67 8.37
C GLU A 71 -6.34 11.27 9.49
N MET A 72 -7.53 11.75 9.14
CA MET A 72 -8.44 12.35 10.11
C MET A 72 -9.30 11.28 10.77
N LYS A 73 -9.46 10.15 10.09
CA LYS A 73 -10.27 9.05 10.61
C LYS A 73 -9.46 8.19 11.57
N ALA A 74 -8.14 8.34 11.52
CA ALA A 74 -7.26 7.58 12.40
C ALA A 74 -7.27 8.12 13.82
N ARG A 75 -8.08 9.16 14.03
CA ARG A 75 -8.19 9.78 15.35
C ARG A 75 -6.81 10.06 15.94
N LYS A 76 -5.86 10.41 15.07
CA LYS A 76 -4.50 10.70 15.50
C LYS A 76 -3.62 11.07 14.31
N ARG A 77 -2.37 11.42 14.58
CA ARG A 77 -1.42 11.80 13.54
C ARG A 77 -0.34 10.74 13.37
N LEU A 78 -0.55 9.83 12.43
CA LEU A 78 0.42 8.76 12.18
C LEU A 78 1.82 9.32 11.99
N PRO A 79 2.83 8.45 12.13
CA PRO A 79 4.24 8.85 11.99
C PRO A 79 4.59 9.18 10.54
N THR A 80 4.02 8.42 9.60
CA THR A 80 4.28 8.63 8.19
C THR A 80 3.23 9.52 7.56
N THR A 81 3.46 9.93 6.31
CA THR A 81 2.51 10.79 5.60
C THR A 81 2.00 10.11 4.33
N LEU A 82 2.74 9.12 3.86
CA LEU A 82 2.36 8.39 2.65
C LEU A 82 1.84 6.99 2.99
N PHE A 83 0.61 6.94 3.50
CA PHE A 83 0.01 5.67 3.87
C PHE A 83 -1.42 5.58 3.35
N PHE A 84 -1.96 4.36 3.31
CA PHE A 84 -3.31 4.14 2.83
C PHE A 84 -4.04 3.11 3.69
N ILE A 85 -5.32 2.91 3.40
CA ILE A 85 -6.13 1.95 4.15
C ILE A 85 -6.39 0.69 3.33
N GLU A 86 -6.46 -0.45 4.02
CA GLU A 86 -6.71 -1.72 3.36
C GLU A 86 -8.02 -1.67 2.55
N THR A 87 -8.93 -0.81 2.97
CA THR A 87 -10.21 -0.66 2.30
C THR A 87 -10.07 0.11 1.00
N ASP A 88 -8.87 0.64 0.77
CA ASP A 88 -8.60 1.40 -0.44
C ASP A 88 -7.93 0.53 -1.50
N ILE A 89 -7.32 -0.56 -1.06
CA ILE A 89 -6.63 -1.47 -1.96
C ILE A 89 -7.40 -2.79 -2.09
N ARG A 90 -8.07 -3.19 -1.01
CA ARG A 90 -8.84 -4.42 -1.00
C ARG A 90 -9.76 -4.50 -2.22
N PRO A 91 -10.65 -3.50 -2.36
CA PRO A 91 -11.59 -3.43 -3.47
C PRO A 91 -10.90 -3.14 -4.80
N MET A 92 -9.57 -3.09 -4.78
CA MET A 92 -8.80 -2.81 -5.98
C MET A 92 -8.11 -4.08 -6.48
N LEU A 93 -7.74 -4.96 -5.55
CA LEU A 93 -7.07 -6.20 -5.89
C LEU A 93 -7.99 -7.11 -6.70
N GLN A 94 -8.36 -8.24 -6.11
CA GLN A 94 -9.24 -9.19 -6.78
C GLN A 94 -10.23 -9.80 -5.80
N ASP A 95 -11.43 -10.08 -6.28
CA ASP A 95 -12.47 -10.68 -5.43
C ASP A 95 -12.12 -12.11 -5.08
N ARG A 96 -11.57 -12.85 -6.04
CA ARG A 96 -11.19 -14.24 -5.82
C ARG A 96 -9.79 -14.33 -5.22
N LEU A 97 -9.27 -13.20 -4.75
CA LEU A 97 -7.94 -13.16 -4.14
C LEU A 97 -7.97 -13.71 -2.71
N ARG A 98 -9.15 -13.68 -2.10
CA ARG A 98 -9.31 -14.17 -0.74
C ARG A 98 -8.49 -13.34 0.25
N PRO A 99 -8.80 -13.47 1.54
CA PRO A 99 -8.11 -12.74 2.60
C PRO A 99 -6.68 -13.21 2.80
N SER A 100 -5.82 -12.90 1.84
CA SER A 100 -4.42 -13.30 1.90
C SER A 100 -3.55 -12.15 2.41
N PHE A 101 -4.02 -10.93 2.20
CA PHE A 101 -3.29 -9.74 2.64
C PHE A 101 -2.89 -9.86 4.11
N ALA A 102 -3.86 -10.18 4.96
CA ALA A 102 -3.61 -10.32 6.38
C ALA A 102 -2.48 -11.32 6.65
N LYS A 103 -2.24 -12.19 5.68
CA LYS A 103 -1.18 -13.19 5.80
C LYS A 103 0.08 -12.75 5.06
N ALA A 104 -0.08 -11.82 4.13
CA ALA A 104 1.05 -11.31 3.36
C ALA A 104 1.75 -10.18 4.10
N ILE A 105 1.07 -9.60 5.08
CA ILE A 105 1.63 -8.51 5.86
C ILE A 105 3.06 -8.82 6.30
N PRO A 106 3.24 -10.00 6.92
CA PRO A 106 4.55 -10.44 7.40
C PRO A 106 5.49 -10.78 6.25
N CYS A 107 4.93 -11.30 5.17
CA CYS A 107 5.73 -11.66 4.00
C CYS A 107 6.21 -10.43 3.25
N LEU A 108 5.56 -9.30 3.51
CA LEU A 108 5.91 -8.05 2.86
C LEU A 108 6.93 -7.26 3.69
N ARG A 109 6.75 -7.29 5.00
CA ARG A 109 7.65 -6.58 5.91
C ARG A 109 8.93 -7.37 6.13
N HIS A 110 8.81 -8.70 6.08
CA HIS A 110 9.96 -9.58 6.27
C HIS A 110 11.07 -9.26 5.28
N ILE A 111 10.70 -8.60 4.18
CA ILE A 111 11.67 -8.24 3.15
C ILE A 111 11.95 -6.74 3.18
N ARG A 112 11.19 -6.01 3.99
CA ARG A 112 11.37 -4.56 4.11
C ARG A 112 10.87 -3.85 2.85
N ARG A 113 9.61 -4.08 2.50
CA ARG A 113 9.03 -3.46 1.31
C ARG A 113 7.89 -2.52 1.70
N ILE A 114 7.17 -2.87 2.77
CA ILE A 114 6.06 -2.06 3.24
C ILE A 114 5.89 -2.17 4.75
N ARG A 115 4.89 -1.48 5.28
CA ARG A 115 4.62 -1.51 6.72
C ARG A 115 3.13 -1.41 6.99
N GLU A 116 2.75 -1.55 8.26
CA GLU A 116 1.35 -1.48 8.65
C GLU A 116 1.20 -0.76 9.99
N GLU A 117 0.28 0.20 10.04
CA GLU A 117 0.03 0.96 11.26
C GLU A 117 -1.34 0.65 11.83
N ARG A 118 -1.37 -0.14 12.91
CA ARG A 118 -2.62 -0.51 13.55
C ARG A 118 -3.17 0.64 14.39
N CYS A 119 -4.16 1.33 13.84
CA CYS A 119 -4.78 2.46 14.54
C CYS A 119 -6.25 2.19 14.82
N GLY A 120 -6.52 1.45 15.90
CA GLY A 120 -7.88 1.14 16.25
C GLY A 120 -8.53 0.17 15.28
N PRO A 121 -9.81 0.40 14.96
CA PRO A 121 -10.56 -0.44 14.03
C PRO A 121 -10.08 -0.30 12.59
N LEU A 122 -9.05 0.53 12.39
CA LEU A 122 -8.49 0.73 11.07
C LEU A 122 -7.06 0.21 10.99
N THR A 123 -6.48 0.27 9.80
CA THR A 123 -5.11 -0.20 9.58
C THR A 123 -4.49 0.45 8.36
N PHE A 124 -3.44 1.23 8.58
CA PHE A 124 -2.75 1.91 7.49
C PHE A 124 -1.51 1.13 7.06
N TYR A 125 -0.87 1.60 5.99
CA TYR A 125 0.32 0.95 5.47
C TYR A 125 1.24 1.95 4.79
N TYR A 126 2.48 2.01 5.25
CA TYR A 126 3.46 2.94 4.69
C TYR A 126 4.68 2.18 4.18
N PRO A 127 5.42 2.83 3.26
CA PRO A 127 6.63 2.24 2.66
C PRO A 127 7.78 2.13 3.67
N GLY A 128 8.04 0.91 4.11
CA GLY A 128 9.12 0.70 5.07
C GLY A 128 9.04 1.64 6.26
N SER A 129 10.18 2.17 6.67
CA SER A 129 10.24 3.08 7.81
C SER A 129 11.32 4.13 7.61
N SER A 130 10.93 5.30 7.12
CA SER A 130 11.87 6.39 6.88
C SER A 130 12.68 6.68 8.13
N MET A 1 8.81 17.45 -9.56
CA MET A 1 8.95 17.45 -11.00
C MET A 1 8.99 16.03 -11.55
N ASN A 2 9.46 15.11 -10.73
CA ASN A 2 9.56 13.71 -11.13
C ASN A 2 8.77 12.80 -10.19
N ASP A 3 8.08 11.82 -10.76
CA ASP A 3 7.28 10.90 -9.97
C ASP A 3 7.74 9.46 -10.18
N ILE A 4 8.22 8.84 -9.11
CA ILE A 4 8.71 7.46 -9.18
C ILE A 4 7.89 6.55 -8.28
N ARG A 5 7.91 5.25 -8.57
CA ARG A 5 7.18 4.27 -7.79
C ARG A 5 7.70 4.20 -6.36
N ILE A 6 7.03 3.43 -5.51
CA ILE A 6 7.42 3.28 -4.12
C ILE A 6 7.69 1.82 -3.78
N VAL A 7 6.99 0.92 -4.45
CA VAL A 7 7.16 -0.52 -4.23
C VAL A 7 6.77 -1.31 -5.46
N PRO A 8 7.77 -1.75 -6.23
CA PRO A 8 7.55 -2.54 -7.44
C PRO A 8 7.04 -3.95 -7.15
N GLN A 9 6.78 -4.71 -8.20
CA GLN A 9 6.28 -6.08 -8.04
C GLN A 9 7.40 -7.02 -7.63
N ILE A 10 7.02 -8.15 -7.03
CA ILE A 10 7.99 -9.14 -6.58
C ILE A 10 7.90 -10.42 -7.41
N THR A 11 9.02 -10.83 -7.97
CA THR A 11 9.07 -12.04 -8.78
C THR A 11 9.36 -13.27 -7.93
N ASP A 12 9.64 -14.39 -8.58
CA ASP A 12 9.93 -15.63 -7.88
C ASP A 12 11.22 -15.50 -7.05
N GLU A 13 12.04 -14.51 -7.40
CA GLU A 13 13.29 -14.29 -6.69
C GLU A 13 13.05 -13.55 -5.38
N GLU A 14 12.00 -12.74 -5.36
CA GLU A 14 11.66 -11.96 -4.17
C GLU A 14 10.59 -12.69 -3.34
N PHE A 15 9.70 -13.38 -4.02
CA PHE A 15 8.62 -14.11 -3.35
C PHE A 15 9.17 -15.33 -2.63
N LYS A 16 10.23 -15.93 -3.19
CA LYS A 16 10.85 -17.11 -2.60
C LYS A 16 11.58 -16.75 -1.31
N THR A 17 11.69 -15.46 -1.04
CA THR A 17 12.36 -14.98 0.16
C THR A 17 11.46 -15.15 1.40
N ILE A 18 10.22 -15.54 1.16
CA ILE A 18 9.27 -15.73 2.25
C ILE A 18 8.98 -17.22 2.46
N PRO A 19 9.07 -17.67 3.73
CA PRO A 19 8.81 -19.07 4.09
C PRO A 19 7.34 -19.44 3.95
N LYS A 20 7.08 -20.71 3.63
CA LYS A 20 5.71 -21.19 3.48
C LYS A 20 4.91 -20.98 4.76
N TYR A 21 5.63 -20.85 5.87
CA TYR A 21 4.97 -20.64 7.17
C TYR A 21 4.25 -19.31 7.21
N GLN A 22 4.68 -18.37 6.36
CA GLN A 22 4.07 -17.06 6.30
C GLN A 22 3.06 -16.97 5.17
N LEU A 23 3.40 -17.57 4.02
CA LEU A 23 2.53 -17.56 2.86
C LEU A 23 1.25 -18.34 3.15
N GLY A 24 1.40 -19.59 3.56
CA GLY A 24 0.24 -20.42 3.86
C GLY A 24 -0.57 -20.75 2.63
N ARG A 25 -1.53 -19.87 2.31
CA ARG A 25 -2.39 -20.06 1.16
C ARG A 25 -2.20 -18.94 0.14
N LEU A 26 -1.07 -18.24 0.25
CA LEU A 26 -0.76 -17.14 -0.66
C LEU A 26 0.13 -17.61 -1.80
N THR A 27 0.15 -16.85 -2.89
CA THR A 27 0.97 -17.18 -4.04
C THR A 27 1.59 -15.93 -4.66
N LEU A 28 2.57 -16.14 -5.53
CA LEU A 28 3.24 -15.02 -6.19
C LEU A 28 2.23 -14.07 -6.83
N GLU A 29 1.21 -14.64 -7.46
CA GLU A 29 0.18 -13.85 -8.12
C GLU A 29 -0.55 -12.97 -7.11
N MET A 30 -0.81 -13.53 -5.92
CA MET A 30 -1.50 -12.79 -4.87
C MET A 30 -0.69 -11.57 -4.43
N MET A 31 0.62 -11.77 -4.26
CA MET A 31 1.50 -10.70 -3.84
C MET A 31 1.77 -9.74 -5.00
N ASN A 32 1.89 -10.29 -6.20
CA ASN A 32 2.16 -9.48 -7.39
C ASN A 32 1.09 -8.40 -7.56
N GLU A 33 -0.16 -8.79 -7.33
CA GLU A 33 -1.28 -7.85 -7.46
C GLU A 33 -1.38 -6.94 -6.23
N ILE A 34 -0.99 -7.49 -5.09
CA ILE A 34 -1.03 -6.73 -3.83
C ILE A 34 -0.02 -5.59 -3.84
N VAL A 35 1.21 -5.90 -4.25
CA VAL A 35 2.27 -4.91 -4.30
C VAL A 35 2.08 -3.97 -5.48
N SER A 36 1.44 -4.46 -6.53
CA SER A 36 1.19 -3.66 -7.73
C SER A 36 0.12 -2.61 -7.46
N LYS A 37 -1.04 -3.08 -6.98
CA LYS A 37 -2.15 -2.18 -6.68
C LYS A 37 -1.77 -1.16 -5.62
N MET A 38 -1.24 -1.66 -4.50
CA MET A 38 -0.83 -0.79 -3.40
C MET A 38 0.13 0.29 -3.89
N ASP A 39 1.05 -0.10 -4.76
CA ASP A 39 2.03 0.84 -5.31
C ASP A 39 1.36 1.85 -6.22
N ASP A 40 0.26 1.44 -6.85
CA ASP A 40 -0.48 2.32 -7.75
C ASP A 40 -1.10 3.48 -6.99
N PHE A 41 -1.73 3.18 -5.86
CA PHE A 41 -2.37 4.18 -5.04
C PHE A 41 -1.34 5.12 -4.42
N LEU A 42 -0.26 4.55 -3.91
CA LEU A 42 0.81 5.33 -3.29
C LEU A 42 1.60 6.11 -4.35
N MET A 43 1.61 5.59 -5.56
CA MET A 43 2.33 6.23 -6.67
C MET A 43 1.61 7.51 -7.10
N LYS A 44 0.29 7.44 -7.18
CA LYS A 44 -0.51 8.60 -7.58
C LYS A 44 -0.54 9.65 -6.48
N LYS A 45 -0.60 9.19 -5.24
CA LYS A 45 -0.62 10.10 -4.10
C LYS A 45 0.65 10.91 -4.01
N SER A 46 1.79 10.23 -4.01
CA SER A 46 3.08 10.89 -3.93
C SER A 46 3.30 11.81 -5.14
N LYS A 47 2.66 11.47 -6.25
CA LYS A 47 2.79 12.26 -7.47
C LYS A 47 2.05 13.58 -7.33
N ILE A 48 0.99 13.59 -6.53
CA ILE A 48 0.20 14.79 -6.30
C ILE A 48 0.88 15.72 -5.30
N LEU A 49 1.58 15.13 -4.34
CA LEU A 49 2.29 15.90 -3.33
C LEU A 49 3.38 16.76 -3.96
N GLY A 50 3.75 16.44 -5.18
CA GLY A 50 4.78 17.19 -5.88
C GLY A 50 4.22 18.00 -7.04
N LYS A 51 3.14 17.51 -7.63
CA LYS A 51 2.51 18.19 -8.76
C LYS A 51 1.82 19.47 -8.30
N THR A 52 1.11 20.11 -9.22
CA THR A 52 0.40 21.35 -8.92
C THR A 52 -1.09 21.22 -9.18
N ASN A 53 -1.81 22.32 -9.09
CA ASN A 53 -3.26 22.33 -9.32
C ASN A 53 -3.56 22.23 -10.82
N LYS A 54 -2.51 22.28 -11.63
CA LYS A 54 -2.68 22.20 -13.08
C LYS A 54 -2.64 20.75 -13.55
N GLN A 55 -1.76 19.95 -12.94
CA GLN A 55 -1.63 18.54 -13.30
C GLN A 55 -2.66 17.70 -12.55
N LEU A 56 -3.06 18.17 -11.38
CA LEU A 56 -4.04 17.46 -10.56
C LEU A 56 -5.27 17.08 -11.39
N THR A 57 -5.65 15.80 -11.32
CA THR A 57 -6.80 15.31 -12.06
C THR A 57 -7.92 14.89 -11.11
N ARG A 58 -8.97 14.30 -11.68
CA ARG A 58 -10.11 13.86 -10.89
C ARG A 58 -9.68 12.83 -9.85
N SER A 59 -8.88 11.85 -10.29
CA SER A 59 -8.39 10.81 -9.40
C SER A 59 -7.53 11.39 -8.29
N ASP A 60 -6.90 12.52 -8.58
CA ASP A 60 -6.04 13.18 -7.60
C ASP A 60 -6.86 13.85 -6.52
N ARG A 61 -8.05 14.33 -6.89
CA ARG A 61 -8.94 15.00 -5.95
C ARG A 61 -9.61 13.99 -5.02
N GLU A 62 -10.08 12.89 -5.60
CA GLU A 62 -10.74 11.85 -4.83
C GLU A 62 -9.79 11.21 -3.83
N VAL A 63 -8.54 11.03 -4.25
CA VAL A 63 -7.51 10.43 -3.39
C VAL A 63 -7.09 11.39 -2.30
N LEU A 64 -6.99 12.67 -2.65
CA LEU A 64 -6.58 13.70 -1.69
C LEU A 64 -7.57 13.78 -0.53
N ASP A 65 -8.86 13.75 -0.86
CA ASP A 65 -9.90 13.82 0.15
C ASP A 65 -9.95 12.54 0.98
N ASN A 66 -9.61 11.43 0.35
CA ASN A 66 -9.61 10.13 1.02
C ASN A 66 -8.40 10.00 1.94
N TRP A 67 -7.26 10.48 1.47
CA TRP A 67 -6.02 10.42 2.25
C TRP A 67 -6.13 11.27 3.51
N ARG A 68 -6.75 12.43 3.38
CA ARG A 68 -6.92 13.34 4.51
C ARG A 68 -8.02 12.84 5.45
N GLU A 69 -8.95 12.06 4.90
CA GLU A 69 -10.05 11.52 5.68
C GLU A 69 -9.57 10.44 6.64
N LEU A 70 -8.70 9.57 6.14
CA LEU A 70 -8.15 8.48 6.95
C LEU A 70 -7.10 9.00 7.92
N GLU A 71 -6.35 10.01 7.50
CA GLU A 71 -5.31 10.60 8.33
C GLU A 71 -5.92 11.31 9.54
N MET A 72 -7.10 11.89 9.34
CA MET A 72 -7.79 12.60 10.42
C MET A 72 -8.66 11.64 11.23
N LYS A 73 -8.95 10.48 10.66
CA LYS A 73 -9.77 9.48 11.33
C LYS A 73 -8.93 8.61 12.26
N ALA A 74 -7.61 8.66 12.07
CA ALA A 74 -6.69 7.89 12.90
C ALA A 74 -6.59 8.47 14.30
N ARG A 75 -7.33 9.55 14.54
CA ARG A 75 -7.32 10.20 15.84
C ARG A 75 -5.89 10.42 16.34
N LYS A 76 -4.99 10.72 15.42
CA LYS A 76 -3.59 10.95 15.76
C LYS A 76 -2.79 11.34 14.52
N ARG A 77 -1.55 11.75 14.74
CA ARG A 77 -0.67 12.16 13.64
C ARG A 77 0.44 11.14 13.42
N LEU A 78 0.19 10.19 12.54
CA LEU A 78 1.17 9.14 12.24
C LEU A 78 2.54 9.75 11.93
N PRO A 79 3.58 8.92 11.99
CA PRO A 79 4.95 9.36 11.73
C PRO A 79 5.17 9.67 10.25
N THR A 80 4.65 8.82 9.37
CA THR A 80 4.79 9.01 7.94
C THR A 80 3.57 9.70 7.35
N THR A 81 3.71 10.21 6.13
CA THR A 81 2.62 10.90 5.46
C THR A 81 2.27 10.23 4.14
N LEU A 82 3.10 9.27 3.73
CA LEU A 82 2.88 8.54 2.49
C LEU A 82 2.41 7.12 2.76
N PHE A 83 1.13 6.99 3.11
CA PHE A 83 0.56 5.68 3.40
C PHE A 83 -0.82 5.53 2.74
N PHE A 84 -1.47 4.41 3.01
CA PHE A 84 -2.79 4.14 2.44
C PHE A 84 -3.57 3.16 3.31
N ILE A 85 -4.87 3.08 3.05
CA ILE A 85 -5.74 2.17 3.82
C ILE A 85 -5.97 0.87 3.06
N GLU A 86 -6.20 -0.21 3.81
CA GLU A 86 -6.43 -1.51 3.20
C GLU A 86 -7.83 -1.57 2.59
N THR A 87 -8.74 -0.74 3.09
CA THR A 87 -10.10 -0.70 2.59
C THR A 87 -10.18 -0.01 1.24
N ASP A 88 -9.07 0.59 0.82
CA ASP A 88 -9.01 1.28 -0.45
C ASP A 88 -8.23 0.47 -1.48
N ILE A 89 -7.47 -0.51 -0.99
CA ILE A 89 -6.68 -1.36 -1.87
C ILE A 89 -7.29 -2.75 -1.99
N ARG A 90 -7.90 -3.21 -0.91
CA ARG A 90 -8.53 -4.53 -0.88
C ARG A 90 -9.53 -4.68 -2.03
N PRO A 91 -10.53 -3.79 -2.06
CA PRO A 91 -11.57 -3.80 -3.09
C PRO A 91 -11.02 -3.37 -4.46
N MET A 92 -9.71 -3.16 -4.53
CA MET A 92 -9.07 -2.76 -5.77
C MET A 92 -8.31 -3.92 -6.40
N LEU A 93 -7.91 -4.88 -5.56
CA LEU A 93 -7.18 -6.04 -6.04
C LEU A 93 -8.07 -6.96 -6.87
N GLN A 94 -8.42 -8.11 -6.31
CA GLN A 94 -9.27 -9.07 -6.99
C GLN A 94 -10.34 -9.62 -6.06
N ASP A 95 -11.57 -9.70 -6.56
CA ASP A 95 -12.69 -10.20 -5.77
C ASP A 95 -12.47 -11.67 -5.41
N ARG A 96 -11.63 -12.35 -6.17
CA ARG A 96 -11.34 -13.77 -5.93
C ARG A 96 -10.01 -13.93 -5.21
N LEU A 97 -9.31 -12.83 -5.01
CA LEU A 97 -8.01 -12.84 -4.34
C LEU A 97 -8.17 -13.27 -2.88
N ARG A 98 -9.37 -13.07 -2.34
CA ARG A 98 -9.65 -13.44 -0.96
C ARG A 98 -8.80 -12.61 0.01
N PRO A 99 -9.20 -12.60 1.29
CA PRO A 99 -8.50 -11.85 2.34
C PRO A 99 -7.14 -12.45 2.66
N SER A 100 -6.20 -12.32 1.72
CA SER A 100 -4.86 -12.86 1.92
C SER A 100 -3.89 -11.76 2.37
N PHE A 101 -4.30 -10.51 2.17
CA PHE A 101 -3.47 -9.37 2.56
C PHE A 101 -3.01 -9.50 4.00
N ALA A 102 -3.95 -9.76 4.91
CA ALA A 102 -3.63 -9.91 6.32
C ALA A 102 -2.56 -10.96 6.53
N LYS A 103 -2.42 -11.86 5.57
CA LYS A 103 -1.43 -12.93 5.64
C LYS A 103 -0.16 -12.55 4.90
N ALA A 104 -0.29 -11.61 3.96
CA ALA A 104 0.85 -11.16 3.17
C ALA A 104 1.61 -10.05 3.91
N ILE A 105 0.95 -9.41 4.86
CA ILE A 105 1.56 -8.34 5.63
C ILE A 105 2.96 -8.73 6.11
N PRO A 106 3.06 -9.91 6.75
CA PRO A 106 4.33 -10.43 7.27
C PRO A 106 5.27 -10.85 6.15
N CYS A 107 4.71 -11.21 5.01
CA CYS A 107 5.51 -11.64 3.85
C CYS A 107 6.06 -10.43 3.10
N LEU A 108 5.45 -9.27 3.32
CA LEU A 108 5.88 -8.04 2.65
C LEU A 108 6.89 -7.29 3.52
N ARG A 109 6.73 -7.39 4.83
CA ARG A 109 7.63 -6.71 5.77
C ARG A 109 8.85 -7.57 6.05
N HIS A 110 8.69 -8.89 5.94
CA HIS A 110 9.79 -9.82 6.18
C HIS A 110 10.98 -9.50 5.29
N ILE A 111 10.73 -8.79 4.21
CA ILE A 111 11.79 -8.41 3.27
C ILE A 111 12.23 -6.97 3.50
N ARG A 112 11.45 -6.23 4.27
CA ARG A 112 11.77 -4.84 4.57
C ARG A 112 11.49 -3.95 3.37
N ARG A 113 10.26 -3.99 2.88
CA ARG A 113 9.87 -3.18 1.72
C ARG A 113 8.71 -2.25 2.08
N ILE A 114 7.85 -2.70 2.98
CA ILE A 114 6.70 -1.90 3.40
C ILE A 114 6.46 -2.06 4.90
N ARG A 115 5.45 -1.33 5.40
CA ARG A 115 5.11 -1.39 6.82
C ARG A 115 3.61 -1.27 7.02
N GLU A 116 3.17 -1.40 8.27
CA GLU A 116 1.75 -1.30 8.59
C GLU A 116 1.55 -0.71 9.98
N GLU A 117 0.69 0.30 10.07
CA GLU A 117 0.41 0.96 11.35
C GLU A 117 -1.02 0.72 11.77
N ARG A 118 -1.20 -0.13 12.79
CA ARG A 118 -2.52 -0.45 13.30
C ARG A 118 -3.03 0.64 14.24
N CYS A 119 -3.92 1.48 13.73
CA CYS A 119 -4.48 2.57 14.53
C CYS A 119 -6.00 2.50 14.53
N GLY A 120 -6.56 1.88 15.55
CA GLY A 120 -8.00 1.76 15.66
C GLY A 120 -8.61 1.03 14.48
N PRO A 121 -9.86 1.40 14.13
CA PRO A 121 -10.58 0.79 13.01
C PRO A 121 -9.99 1.17 11.65
N LEU A 122 -8.66 1.23 11.59
CA LEU A 122 -7.96 1.58 10.36
C LEU A 122 -6.62 0.87 10.27
N THR A 123 -6.01 0.92 9.09
CA THR A 123 -4.71 0.28 8.86
C THR A 123 -3.95 0.98 7.75
N PHE A 124 -2.85 1.64 8.12
CA PHE A 124 -2.02 2.35 7.16
C PHE A 124 -0.86 1.49 6.71
N TYR A 125 -0.20 1.91 5.63
CA TYR A 125 0.93 1.17 5.08
C TYR A 125 1.91 2.11 4.39
N TYR A 126 3.13 2.16 4.91
CA TYR A 126 4.17 3.02 4.34
C TYR A 126 5.40 2.22 3.95
N PRO A 127 6.20 2.75 3.01
CA PRO A 127 7.42 2.10 2.54
C PRO A 127 8.52 2.08 3.61
N GLY A 128 8.51 1.04 4.43
CA GLY A 128 9.52 0.93 5.48
C GLY A 128 9.57 2.16 6.36
N SER A 129 10.50 2.17 7.31
CA SER A 129 10.66 3.29 8.23
C SER A 129 11.70 4.27 7.71
N SER A 130 11.23 5.42 7.23
CA SER A 130 12.12 6.45 6.70
C SER A 130 12.70 7.30 7.83
N MET A 1 10.72 17.23 -12.36
CA MET A 1 10.20 16.15 -11.52
C MET A 1 9.40 15.16 -12.35
N ASN A 2 9.68 13.87 -12.17
CA ASN A 2 8.99 12.83 -12.91
C ASN A 2 8.18 11.94 -11.96
N ASP A 3 7.31 11.12 -12.53
CA ASP A 3 6.47 10.23 -11.74
C ASP A 3 7.14 8.86 -11.58
N ILE A 4 7.64 8.58 -10.38
CA ILE A 4 8.30 7.31 -10.12
C ILE A 4 7.55 6.52 -9.05
N ARG A 5 7.82 5.21 -8.99
CA ARG A 5 7.17 4.34 -8.03
C ARG A 5 7.94 4.31 -6.71
N ILE A 6 7.32 3.76 -5.67
CA ILE A 6 7.96 3.66 -4.37
C ILE A 6 8.40 2.23 -4.07
N VAL A 7 7.67 1.27 -4.62
CA VAL A 7 7.99 -0.15 -4.43
C VAL A 7 7.58 -0.97 -5.63
N PRO A 8 8.58 -1.58 -6.30
CA PRO A 8 8.34 -2.41 -7.49
C PRO A 8 7.64 -3.73 -7.14
N GLN A 9 7.61 -4.65 -8.10
CA GLN A 9 6.98 -5.94 -7.89
C GLN A 9 7.98 -6.98 -7.40
N ILE A 10 7.46 -8.08 -6.85
CA ILE A 10 8.33 -9.14 -6.34
C ILE A 10 8.18 -10.40 -7.18
N THR A 11 9.31 -11.00 -7.54
CA THR A 11 9.32 -12.22 -8.34
C THR A 11 9.67 -13.43 -7.49
N ASP A 12 9.88 -14.57 -8.15
CA ASP A 12 10.22 -15.80 -7.46
C ASP A 12 11.49 -15.63 -6.63
N GLU A 13 12.30 -14.63 -6.99
CA GLU A 13 13.54 -14.37 -6.29
C GLU A 13 13.27 -13.79 -4.89
N GLU A 14 12.13 -13.09 -4.77
CA GLU A 14 11.76 -12.48 -3.50
C GLU A 14 10.69 -13.31 -2.79
N PHE A 15 9.68 -13.73 -3.55
CA PHE A 15 8.59 -14.53 -3.00
C PHE A 15 9.15 -15.79 -2.32
N LYS A 16 10.21 -16.34 -2.88
CA LYS A 16 10.83 -17.54 -2.32
C LYS A 16 11.54 -17.23 -1.01
N THR A 17 11.76 -15.94 -0.75
CA THR A 17 12.43 -15.51 0.47
C THR A 17 11.48 -15.57 1.66
N ILE A 18 10.21 -15.83 1.40
CA ILE A 18 9.21 -15.90 2.45
C ILE A 18 8.79 -17.36 2.71
N PRO A 19 8.92 -17.79 3.97
CA PRO A 19 8.56 -19.15 4.37
C PRO A 19 7.05 -19.39 4.33
N LYS A 20 6.66 -20.63 4.06
CA LYS A 20 5.25 -20.99 4.00
C LYS A 20 4.53 -20.61 5.29
N TYR A 21 5.28 -20.56 6.38
CA TYR A 21 4.72 -20.20 7.68
C TYR A 21 4.17 -18.78 7.66
N GLN A 22 4.62 -17.99 6.70
CA GLN A 22 4.16 -16.61 6.58
C GLN A 22 3.20 -16.44 5.41
N LEU A 23 3.45 -17.21 4.35
CA LEU A 23 2.60 -17.16 3.16
C LEU A 23 1.17 -17.55 3.49
N GLY A 24 1.00 -18.77 4.00
CA GLY A 24 -0.32 -19.25 4.35
C GLY A 24 -1.25 -19.34 3.16
N ARG A 25 -1.01 -20.32 2.29
CA ARG A 25 -1.82 -20.51 1.10
C ARG A 25 -1.64 -19.34 0.13
N LEU A 26 -0.63 -18.51 0.39
CA LEU A 26 -0.35 -17.37 -0.48
C LEU A 26 0.40 -17.80 -1.73
N THR A 27 0.47 -16.90 -2.70
CA THR A 27 1.14 -17.19 -3.96
C THR A 27 1.78 -15.92 -4.54
N LEU A 28 2.76 -16.11 -5.42
CA LEU A 28 3.45 -14.98 -6.05
C LEU A 28 2.45 -14.03 -6.70
N GLU A 29 1.44 -14.58 -7.35
CA GLU A 29 0.42 -13.78 -8.01
C GLU A 29 -0.32 -12.90 -7.00
N MET A 30 -0.55 -13.44 -5.81
CA MET A 30 -1.24 -12.69 -4.76
C MET A 30 -0.43 -11.48 -4.32
N MET A 31 0.86 -11.70 -4.07
CA MET A 31 1.74 -10.62 -3.64
C MET A 31 2.10 -9.71 -4.83
N ASN A 32 2.18 -10.30 -6.01
CA ASN A 32 2.50 -9.55 -7.22
C ASN A 32 1.50 -8.44 -7.45
N GLU A 33 0.22 -8.76 -7.32
CA GLU A 33 -0.85 -7.78 -7.52
C GLU A 33 -0.98 -6.87 -6.30
N ILE A 34 -0.63 -7.40 -5.13
CA ILE A 34 -0.71 -6.64 -3.90
C ILE A 34 0.36 -5.56 -3.85
N VAL A 35 1.57 -5.91 -4.23
CA VAL A 35 2.69 -4.97 -4.22
C VAL A 35 2.57 -3.98 -5.38
N SER A 36 2.06 -4.45 -6.51
CA SER A 36 1.89 -3.61 -7.69
C SER A 36 0.77 -2.60 -7.48
N LYS A 37 -0.29 -3.03 -6.79
CA LYS A 37 -1.43 -2.17 -6.51
C LYS A 37 -1.10 -1.16 -5.43
N MET A 38 -0.54 -1.64 -4.32
CA MET A 38 -0.18 -0.77 -3.21
C MET A 38 0.75 0.35 -3.67
N ASP A 39 1.72 -0.01 -4.51
CA ASP A 39 2.67 0.96 -5.03
C ASP A 39 2.01 1.91 -6.01
N ASP A 40 0.99 1.41 -6.72
CA ASP A 40 0.27 2.22 -7.69
C ASP A 40 -0.45 3.39 -7.00
N PHE A 41 -1.18 3.08 -5.94
CA PHE A 41 -1.92 4.09 -5.20
C PHE A 41 -0.97 5.07 -4.52
N LEU A 42 0.10 4.54 -3.92
CA LEU A 42 1.09 5.36 -3.24
C LEU A 42 1.91 6.17 -4.24
N MET A 43 2.03 5.65 -5.45
CA MET A 43 2.79 6.33 -6.50
C MET A 43 2.05 7.58 -6.98
N LYS A 44 0.73 7.45 -7.16
CA LYS A 44 -0.09 8.56 -7.62
C LYS A 44 -0.23 9.61 -6.53
N LYS A 45 -0.30 9.16 -5.28
CA LYS A 45 -0.44 10.07 -4.15
C LYS A 45 0.81 10.96 -4.01
N SER A 46 1.97 10.32 -3.97
CA SER A 46 3.23 11.05 -3.83
C SER A 46 3.45 11.97 -5.03
N LYS A 47 2.86 11.62 -6.17
CA LYS A 47 2.99 12.40 -7.38
C LYS A 47 2.17 13.69 -7.29
N ILE A 48 1.07 13.63 -6.54
CA ILE A 48 0.20 14.77 -6.37
C ILE A 48 0.75 15.74 -5.33
N LEU A 49 1.45 15.19 -4.33
CA LEU A 49 2.04 16.00 -3.27
C LEU A 49 3.06 16.97 -3.84
N GLY A 50 3.57 16.67 -5.03
CA GLY A 50 4.56 17.53 -5.67
C GLY A 50 4.00 18.26 -6.86
N LYS A 51 3.00 17.66 -7.52
CA LYS A 51 2.38 18.27 -8.69
C LYS A 51 1.72 19.59 -8.33
N THR A 52 1.01 20.17 -9.29
CA THR A 52 0.33 21.44 -9.08
C THR A 52 -1.16 21.32 -9.39
N ASN A 53 -1.93 22.34 -8.99
CA ASN A 53 -3.36 22.35 -9.23
C ASN A 53 -3.67 22.19 -10.71
N LYS A 54 -2.73 22.61 -11.55
CA LYS A 54 -2.90 22.51 -12.99
C LYS A 54 -2.81 21.06 -13.46
N GLN A 55 -1.91 20.29 -12.85
CA GLN A 55 -1.74 18.89 -13.19
C GLN A 55 -2.74 18.02 -12.45
N LEU A 56 -3.13 18.45 -11.26
CA LEU A 56 -4.09 17.71 -10.45
C LEU A 56 -5.33 17.35 -11.26
N THR A 57 -5.71 16.08 -11.23
CA THR A 57 -6.88 15.61 -11.96
C THR A 57 -7.99 15.18 -11.00
N ARG A 58 -9.06 14.63 -11.56
CA ARG A 58 -10.19 14.17 -10.76
C ARG A 58 -9.75 13.14 -9.73
N SER A 59 -9.13 12.06 -10.20
CA SER A 59 -8.66 11.01 -9.32
C SER A 59 -7.77 11.57 -8.21
N ASP A 60 -7.09 12.67 -8.51
CA ASP A 60 -6.21 13.31 -7.54
C ASP A 60 -7.01 14.03 -6.48
N ARG A 61 -8.18 14.53 -6.86
CA ARG A 61 -9.05 15.24 -5.92
C ARG A 61 -9.75 14.28 -4.98
N GLU A 62 -10.24 13.17 -5.54
CA GLU A 62 -10.93 12.16 -4.75
C GLU A 62 -9.99 11.50 -3.74
N VAL A 63 -8.76 11.27 -4.17
CA VAL A 63 -7.75 10.65 -3.32
C VAL A 63 -7.29 11.60 -2.22
N LEU A 64 -7.12 12.87 -2.58
CA LEU A 64 -6.69 13.89 -1.63
C LEU A 64 -7.69 14.02 -0.49
N ASP A 65 -8.97 14.06 -0.83
CA ASP A 65 -10.02 14.18 0.17
C ASP A 65 -10.08 12.96 1.06
N ASN A 66 -9.87 11.78 0.46
CA ASN A 66 -9.90 10.53 1.21
C ASN A 66 -8.65 10.39 2.07
N TRP A 67 -7.52 10.87 1.58
CA TRP A 67 -6.26 10.81 2.30
C TRP A 67 -6.34 11.60 3.60
N ARG A 68 -6.85 12.82 3.51
CA ARG A 68 -6.98 13.68 4.69
C ARG A 68 -8.08 13.18 5.61
N GLU A 69 -9.02 12.42 5.05
CA GLU A 69 -10.13 11.88 5.83
C GLU A 69 -9.63 10.78 6.77
N LEU A 70 -8.81 9.89 6.25
CA LEU A 70 -8.27 8.79 7.05
C LEU A 70 -7.19 9.29 8.01
N GLU A 71 -6.49 10.35 7.61
CA GLU A 71 -5.44 10.93 8.44
C GLU A 71 -6.02 11.59 9.68
N MET A 72 -7.20 12.20 9.52
CA MET A 72 -7.86 12.87 10.63
C MET A 72 -8.74 11.89 11.41
N LYS A 73 -9.01 10.74 10.80
CA LYS A 73 -9.84 9.72 11.44
C LYS A 73 -9.00 8.79 12.29
N ALA A 74 -7.69 8.83 12.08
CA ALA A 74 -6.78 7.98 12.84
C ALA A 74 -6.65 8.45 14.28
N ARG A 75 -7.33 9.55 14.61
CA ARG A 75 -7.30 10.11 15.95
C ARG A 75 -5.87 10.20 16.46
N LYS A 76 -4.95 10.56 15.57
CA LYS A 76 -3.54 10.68 15.94
C LYS A 76 -2.70 11.11 14.73
N ARG A 77 -1.43 11.42 14.97
CA ARG A 77 -0.53 11.83 13.91
C ARG A 77 0.55 10.78 13.67
N LEU A 78 0.27 9.84 12.77
CA LEU A 78 1.21 8.78 12.45
C LEU A 78 2.58 9.35 12.12
N PRO A 79 3.62 8.50 12.19
CA PRO A 79 5.00 8.89 11.91
C PRO A 79 5.22 9.18 10.42
N THR A 80 4.73 8.28 9.58
CA THR A 80 4.88 8.42 8.13
C THR A 80 3.72 9.23 7.54
N THR A 81 3.94 9.81 6.37
CA THR A 81 2.92 10.61 5.71
C THR A 81 2.50 9.97 4.39
N LEU A 82 3.39 9.17 3.81
CA LEU A 82 3.11 8.49 2.55
C LEU A 82 2.60 7.07 2.79
N PHE A 83 1.33 6.98 3.19
CA PHE A 83 0.72 5.68 3.45
C PHE A 83 -0.65 5.58 2.78
N PHE A 84 -1.36 4.50 3.05
CA PHE A 84 -2.68 4.28 2.46
C PHE A 84 -3.50 3.30 3.31
N ILE A 85 -4.80 3.24 3.04
CA ILE A 85 -5.67 2.34 3.78
C ILE A 85 -5.99 1.09 2.96
N GLU A 86 -6.08 -0.05 3.64
CA GLU A 86 -6.38 -1.31 2.98
C GLU A 86 -7.70 -1.23 2.22
N THR A 87 -8.58 -0.34 2.67
CA THR A 87 -9.89 -0.17 2.04
C THR A 87 -9.76 0.57 0.72
N ASP A 88 -8.55 1.04 0.42
CA ASP A 88 -8.30 1.77 -0.82
C ASP A 88 -7.59 0.87 -1.84
N ILE A 89 -7.04 -0.23 -1.36
CA ILE A 89 -6.33 -1.17 -2.22
C ILE A 89 -7.11 -2.47 -2.37
N ARG A 90 -7.72 -2.91 -1.28
CA ARG A 90 -8.49 -4.15 -1.28
C ARG A 90 -9.47 -4.17 -2.46
N PRO A 91 -10.36 -3.17 -2.50
CA PRO A 91 -11.37 -3.05 -3.57
C PRO A 91 -10.74 -2.69 -4.92
N MET A 92 -9.41 -2.62 -4.95
CA MET A 92 -8.70 -2.29 -6.17
C MET A 92 -8.03 -3.53 -6.77
N LEU A 93 -7.62 -4.45 -5.90
CA LEU A 93 -6.97 -5.68 -6.34
C LEU A 93 -7.91 -6.52 -7.18
N GLN A 94 -8.33 -7.66 -6.64
CA GLN A 94 -9.23 -8.56 -7.36
C GLN A 94 -10.30 -9.12 -6.42
N ASP A 95 -11.55 -9.05 -6.85
CA ASP A 95 -12.66 -9.55 -6.05
C ASP A 95 -12.51 -11.04 -5.76
N ARG A 96 -11.72 -11.71 -6.59
CA ARG A 96 -11.49 -13.15 -6.44
C ARG A 96 -10.12 -13.40 -5.79
N LEU A 97 -9.38 -12.33 -5.55
CA LEU A 97 -8.06 -12.45 -4.93
C LEU A 97 -8.16 -12.99 -3.52
N ARG A 98 -9.35 -12.88 -2.93
CA ARG A 98 -9.58 -13.35 -1.58
C ARG A 98 -8.78 -12.54 -0.56
N PRO A 99 -9.22 -12.56 0.69
CA PRO A 99 -8.56 -11.82 1.78
C PRO A 99 -7.21 -12.42 2.15
N SER A 100 -6.24 -12.29 1.25
CA SER A 100 -4.90 -12.83 1.47
C SER A 100 -3.96 -11.74 1.99
N PHE A 101 -4.39 -10.49 1.84
CA PHE A 101 -3.58 -9.36 2.29
C PHE A 101 -3.12 -9.54 3.73
N ALA A 102 -4.07 -9.84 4.61
CA ALA A 102 -3.78 -10.06 6.02
C ALA A 102 -2.71 -11.14 6.20
N LYS A 103 -2.56 -11.99 5.20
CA LYS A 103 -1.59 -13.07 5.24
C LYS A 103 -0.29 -12.67 4.54
N ALA A 104 -0.38 -11.63 3.70
CA ALA A 104 0.78 -11.15 2.97
C ALA A 104 1.47 -10.02 3.73
N ILE A 105 0.76 -9.43 4.69
CA ILE A 105 1.32 -8.34 5.48
C ILE A 105 2.72 -8.67 5.95
N PRO A 106 2.88 -9.84 6.59
CA PRO A 106 4.17 -10.30 7.11
C PRO A 106 5.15 -10.67 5.99
N CYS A 107 4.60 -11.14 4.88
CA CYS A 107 5.42 -11.53 3.73
C CYS A 107 5.96 -10.31 3.01
N LEU A 108 5.36 -9.14 3.28
CA LEU A 108 5.79 -7.90 2.65
C LEU A 108 6.81 -7.17 3.52
N ARG A 109 6.63 -7.25 4.84
CA ARG A 109 7.53 -6.61 5.78
C ARG A 109 8.73 -7.51 6.08
N HIS A 110 8.54 -8.81 5.91
CA HIS A 110 9.60 -9.77 6.17
C HIS A 110 10.85 -9.45 5.37
N ILE A 111 10.66 -8.74 4.26
CA ILE A 111 11.78 -8.36 3.40
C ILE A 111 12.14 -6.88 3.59
N ARG A 112 11.38 -6.20 4.44
CA ARG A 112 11.62 -4.79 4.71
C ARG A 112 11.31 -3.94 3.48
N ARG A 113 10.08 -4.04 2.98
CA ARG A 113 9.66 -3.28 1.81
C ARG A 113 8.55 -2.31 2.17
N ILE A 114 7.73 -2.68 3.14
CA ILE A 114 6.63 -1.84 3.59
C ILE A 114 6.35 -2.02 5.08
N ARG A 115 5.36 -1.29 5.58
CA ARG A 115 4.99 -1.38 6.99
C ARG A 115 3.47 -1.30 7.16
N GLU A 116 3.02 -1.47 8.39
CA GLU A 116 1.59 -1.43 8.69
C GLU A 116 1.34 -0.85 10.09
N GLU A 117 0.50 0.17 10.16
CA GLU A 117 0.18 0.81 11.43
C GLU A 117 -1.28 0.57 11.81
N ARG A 118 -1.50 -0.33 12.76
CA ARG A 118 -2.84 -0.65 13.22
C ARG A 118 -3.41 0.47 14.08
N CYS A 119 -4.30 1.26 13.50
CA CYS A 119 -4.93 2.38 14.21
C CYS A 119 -6.44 2.20 14.28
N GLY A 120 -6.89 1.39 15.23
CA GLY A 120 -8.32 1.17 15.38
C GLY A 120 -8.90 0.36 14.25
N PRO A 121 -10.11 0.73 13.81
CA PRO A 121 -10.80 0.04 12.72
C PRO A 121 -10.14 0.29 11.36
N LEU A 122 -9.04 1.03 11.38
CA LEU A 122 -8.30 1.35 10.16
C LEU A 122 -6.91 0.75 10.19
N THR A 123 -6.17 0.91 9.09
CA THR A 123 -4.82 0.38 9.00
C THR A 123 -4.05 1.06 7.87
N PHE A 124 -2.94 1.70 8.23
CA PHE A 124 -2.10 2.39 7.25
C PHE A 124 -0.95 1.52 6.80
N TYR A 125 -0.26 1.93 5.74
CA TYR A 125 0.87 1.18 5.21
C TYR A 125 1.86 2.11 4.53
N TYR A 126 3.08 2.17 5.06
CA TYR A 126 4.12 3.02 4.49
C TYR A 126 5.34 2.19 4.09
N PRO A 127 6.00 2.61 3.02
CA PRO A 127 7.20 1.93 2.50
C PRO A 127 8.40 2.09 3.42
N GLY A 128 8.55 1.17 4.37
CA GLY A 128 9.66 1.23 5.29
C GLY A 128 9.85 2.62 5.89
N SER A 129 9.11 2.90 6.96
CA SER A 129 9.20 4.20 7.61
C SER A 129 8.91 4.08 9.11
N SER A 130 9.93 4.33 9.93
CA SER A 130 9.79 4.25 11.37
C SER A 130 10.13 5.58 12.03
N MET A 1 7.55 16.99 -10.10
CA MET A 1 8.19 16.84 -11.41
C MET A 1 8.67 15.42 -11.62
N ASN A 2 8.97 14.72 -10.52
CA ASN A 2 9.44 13.34 -10.58
C ASN A 2 8.47 12.41 -9.87
N ASP A 3 8.11 11.32 -10.55
CA ASP A 3 7.19 10.34 -9.99
C ASP A 3 7.62 8.93 -10.34
N ILE A 4 8.23 8.24 -9.38
CA ILE A 4 8.69 6.87 -9.58
C ILE A 4 8.00 5.91 -8.62
N ARG A 5 7.93 4.64 -9.03
CA ARG A 5 7.29 3.62 -8.21
C ARG A 5 7.95 3.55 -6.83
N ILE A 6 7.14 3.26 -5.81
CA ILE A 6 7.65 3.16 -4.44
C ILE A 6 7.98 1.72 -4.09
N VAL A 7 7.20 0.78 -4.62
CA VAL A 7 7.42 -0.64 -4.36
C VAL A 7 6.91 -1.49 -5.51
N PRO A 8 7.85 -1.94 -6.37
CA PRO A 8 7.51 -2.77 -7.53
C PRO A 8 7.07 -4.17 -7.13
N GLN A 9 6.55 -4.92 -8.10
CA GLN A 9 6.09 -6.28 -7.84
C GLN A 9 7.24 -7.18 -7.42
N ILE A 10 6.92 -8.35 -6.88
CA ILE A 10 7.92 -9.30 -6.43
C ILE A 10 7.82 -10.61 -7.20
N THR A 11 8.91 -10.99 -7.86
CA THR A 11 8.94 -12.24 -8.62
C THR A 11 9.38 -13.41 -7.75
N ASP A 12 9.62 -14.56 -8.39
CA ASP A 12 10.05 -15.75 -7.67
C ASP A 12 11.37 -15.52 -6.96
N GLU A 13 12.09 -14.50 -7.39
CA GLU A 13 13.39 -14.17 -6.80
C GLU A 13 13.19 -13.43 -5.48
N GLU A 14 12.09 -12.70 -5.37
CA GLU A 14 11.79 -11.94 -4.15
C GLU A 14 10.83 -12.71 -3.25
N PHE A 15 9.77 -13.23 -3.85
CA PHE A 15 8.77 -13.99 -3.10
C PHE A 15 9.41 -15.16 -2.37
N LYS A 16 10.50 -15.68 -2.92
CA LYS A 16 11.21 -16.80 -2.32
C LYS A 16 11.95 -16.36 -1.05
N THR A 17 11.97 -15.05 -0.81
CA THR A 17 12.64 -14.51 0.36
C THR A 17 11.79 -14.71 1.62
N ILE A 18 10.55 -15.12 1.42
CA ILE A 18 9.64 -15.35 2.54
C ILE A 18 9.45 -16.85 2.79
N PRO A 19 9.60 -17.26 4.05
CA PRO A 19 9.45 -18.67 4.45
C PRO A 19 7.99 -19.13 4.38
N LYS A 20 7.81 -20.41 4.06
CA LYS A 20 6.47 -20.98 3.95
C LYS A 20 5.69 -20.79 5.25
N TYR A 21 6.42 -20.64 6.34
CA TYR A 21 5.79 -20.44 7.65
C TYR A 21 4.98 -19.15 7.68
N GLN A 22 5.33 -18.21 6.80
CA GLN A 22 4.63 -16.93 6.74
C GLN A 22 3.59 -16.95 5.62
N LEU A 23 3.95 -17.53 4.49
CA LEU A 23 3.05 -17.61 3.34
C LEU A 23 1.82 -18.46 3.68
N GLY A 24 2.06 -19.70 4.11
CA GLY A 24 0.97 -20.58 4.46
C GLY A 24 0.09 -20.91 3.27
N ARG A 25 -0.97 -20.14 3.10
CA ARG A 25 -1.90 -20.35 2.00
C ARG A 25 -1.79 -19.23 0.96
N LEU A 26 -0.62 -18.59 0.92
CA LEU A 26 -0.38 -17.50 -0.02
C LEU A 26 0.39 -18.00 -1.23
N THR A 27 0.52 -17.14 -2.25
CA THR A 27 1.24 -17.48 -3.46
C THR A 27 1.79 -16.24 -4.14
N LEU A 28 2.77 -16.44 -5.02
CA LEU A 28 3.39 -15.33 -5.74
C LEU A 28 2.32 -14.45 -6.40
N GLU A 29 1.33 -15.09 -6.99
CA GLU A 29 0.24 -14.36 -7.66
C GLU A 29 -0.49 -13.47 -6.68
N MET A 30 -0.73 -13.98 -5.47
CA MET A 30 -1.43 -13.21 -4.44
C MET A 30 -0.63 -11.97 -4.05
N MET A 31 0.68 -12.15 -3.87
CA MET A 31 1.55 -11.03 -3.50
C MET A 31 1.80 -10.12 -4.69
N ASN A 32 1.85 -10.70 -5.88
CA ASN A 32 2.08 -9.94 -7.10
C ASN A 32 1.00 -8.87 -7.29
N GLU A 33 -0.25 -9.26 -7.03
CA GLU A 33 -1.37 -8.34 -7.17
C GLU A 33 -1.47 -7.41 -5.96
N ILE A 34 -1.04 -7.91 -4.81
CA ILE A 34 -1.08 -7.13 -3.57
C ILE A 34 -0.05 -6.01 -3.59
N VAL A 35 1.17 -6.35 -4.00
CA VAL A 35 2.25 -5.38 -4.07
C VAL A 35 2.07 -4.44 -5.27
N SER A 36 1.44 -4.94 -6.31
CA SER A 36 1.22 -4.16 -7.52
C SER A 36 0.12 -3.11 -7.30
N LYS A 37 -0.92 -3.51 -6.56
CA LYS A 37 -2.03 -2.61 -6.26
C LYS A 37 -1.61 -1.55 -5.25
N MET A 38 -0.99 -1.98 -4.17
CA MET A 38 -0.53 -1.07 -3.12
C MET A 38 0.39 0.00 -3.70
N ASP A 39 1.29 -0.42 -4.58
CA ASP A 39 2.24 0.50 -5.21
C ASP A 39 1.52 1.45 -6.16
N ASP A 40 0.44 0.96 -6.77
CA ASP A 40 -0.34 1.77 -7.70
C ASP A 40 -0.92 3.00 -7.01
N PHE A 41 -1.68 2.76 -5.94
CA PHE A 41 -2.30 3.85 -5.20
C PHE A 41 -1.24 4.78 -4.61
N LEU A 42 -0.22 4.20 -3.99
CA LEU A 42 0.85 4.98 -3.39
C LEU A 42 1.62 5.75 -4.46
N MET A 43 1.67 5.19 -5.67
CA MET A 43 2.37 5.83 -6.78
C MET A 43 1.67 7.10 -7.21
N LYS A 44 0.34 7.08 -7.18
CA LYS A 44 -0.46 8.25 -7.56
C LYS A 44 -0.35 9.34 -6.51
N LYS A 45 -0.29 8.94 -5.25
CA LYS A 45 -0.19 9.89 -4.15
C LYS A 45 1.12 10.66 -4.21
N SER A 46 2.23 9.93 -4.30
CA SER A 46 3.56 10.54 -4.37
C SER A 46 3.69 11.41 -5.61
N LYS A 47 2.94 11.06 -6.66
CA LYS A 47 2.97 11.80 -7.91
C LYS A 47 2.25 13.14 -7.77
N ILE A 48 1.27 13.19 -6.87
CA ILE A 48 0.52 14.41 -6.63
C ILE A 48 1.27 15.36 -5.72
N LEU A 49 2.06 14.80 -4.81
CA LEU A 49 2.84 15.60 -3.88
C LEU A 49 3.86 16.46 -4.61
N GLY A 50 4.22 16.04 -5.83
CA GLY A 50 5.17 16.78 -6.62
C GLY A 50 4.52 17.58 -7.73
N LYS A 51 3.48 17.02 -8.32
CA LYS A 51 2.76 17.68 -9.41
C LYS A 51 2.34 19.09 -9.00
N THR A 52 1.86 19.86 -9.97
CA THR A 52 1.43 21.23 -9.71
C THR A 52 -0.10 21.33 -9.71
N ASN A 53 -0.61 22.40 -9.11
CA ASN A 53 -2.06 22.60 -9.04
C ASN A 53 -2.66 22.61 -10.44
N LYS A 54 -1.86 22.94 -11.43
CA LYS A 54 -2.32 22.98 -12.82
C LYS A 54 -2.45 21.57 -13.39
N GLN A 55 -1.54 20.69 -13.01
CA GLN A 55 -1.56 19.31 -13.47
C GLN A 55 -2.52 18.47 -12.65
N LEU A 56 -2.69 18.84 -11.38
CA LEU A 56 -3.58 18.11 -10.49
C LEU A 56 -4.96 17.95 -11.11
N THR A 57 -5.50 16.74 -11.02
CA THR A 57 -6.82 16.46 -11.58
C THR A 57 -7.82 16.12 -10.48
N ARG A 58 -9.08 15.93 -10.87
CA ARG A 58 -10.13 15.61 -9.92
C ARG A 58 -9.75 14.39 -9.08
N SER A 59 -9.32 13.34 -9.75
CA SER A 59 -8.93 12.10 -9.07
C SER A 59 -7.90 12.39 -7.98
N ASP A 60 -7.06 13.39 -8.21
CA ASP A 60 -6.04 13.76 -7.25
C ASP A 60 -6.65 14.49 -6.06
N ARG A 61 -7.72 15.24 -6.33
CA ARG A 61 -8.40 15.99 -5.27
C ARG A 61 -9.24 15.07 -4.40
N GLU A 62 -9.92 14.11 -5.02
CA GLU A 62 -10.76 13.17 -4.29
C GLU A 62 -9.90 12.26 -3.41
N VAL A 63 -8.74 11.89 -3.91
CA VAL A 63 -7.83 11.02 -3.17
C VAL A 63 -7.16 11.77 -2.03
N LEU A 64 -6.81 13.03 -2.27
CA LEU A 64 -6.16 13.85 -1.26
C LEU A 64 -7.07 14.04 -0.05
N ASP A 65 -8.33 14.39 -0.32
CA ASP A 65 -9.30 14.60 0.76
C ASP A 65 -9.61 13.29 1.48
N ASN A 66 -9.57 12.19 0.74
CA ASN A 66 -9.85 10.88 1.32
C ASN A 66 -8.67 10.39 2.16
N TRP A 67 -7.46 10.65 1.66
CA TRP A 67 -6.25 10.24 2.38
C TRP A 67 -6.16 10.93 3.73
N ARG A 68 -6.36 12.24 3.74
CA ARG A 68 -6.30 13.02 4.97
C ARG A 68 -7.53 12.76 5.83
N GLU A 69 -8.62 12.34 5.20
CA GLU A 69 -9.86 12.07 5.91
C GLU A 69 -9.72 10.83 6.79
N LEU A 70 -9.09 9.79 6.24
CA LEU A 70 -8.89 8.54 6.97
C LEU A 70 -7.77 8.69 7.99
N GLU A 71 -6.76 9.48 7.65
CA GLU A 71 -5.63 9.70 8.53
C GLU A 71 -6.01 10.62 9.70
N MET A 72 -7.00 11.48 9.46
CA MET A 72 -7.47 12.41 10.48
C MET A 72 -8.56 11.77 11.33
N LYS A 73 -9.24 10.78 10.77
CA LYS A 73 -10.31 10.09 11.48
C LYS A 73 -9.76 8.91 12.28
N ALA A 74 -8.52 8.55 12.01
CA ALA A 74 -7.87 7.44 12.72
C ALA A 74 -7.53 7.81 14.16
N ARG A 75 -7.87 9.05 14.53
CA ARG A 75 -7.60 9.53 15.88
C ARG A 75 -6.16 9.23 16.30
N LYS A 76 -5.22 9.68 15.48
CA LYS A 76 -3.80 9.47 15.76
C LYS A 76 -2.93 10.09 14.68
N ARG A 77 -2.01 10.95 15.09
CA ARG A 77 -1.11 11.61 14.14
C ARG A 77 0.05 10.70 13.76
N LEU A 78 -0.14 9.94 12.69
CA LEU A 78 0.89 9.02 12.21
C LEU A 78 2.12 9.78 11.74
N PRO A 79 3.29 9.14 11.85
CA PRO A 79 4.57 9.74 11.43
C PRO A 79 4.68 9.87 9.92
N THR A 80 4.37 8.78 9.21
CA THR A 80 4.44 8.79 7.75
C THR A 80 3.25 9.51 7.15
N THR A 81 3.42 10.03 5.94
CA THR A 81 2.37 10.75 5.24
C THR A 81 1.98 10.06 3.94
N LEU A 82 2.87 9.20 3.46
CA LEU A 82 2.63 8.47 2.22
C LEU A 82 2.16 7.05 2.50
N PHE A 83 0.89 6.91 2.86
CA PHE A 83 0.32 5.60 3.16
C PHE A 83 -1.09 5.48 2.57
N PHE A 84 -1.75 4.37 2.89
CA PHE A 84 -3.10 4.13 2.38
C PHE A 84 -3.86 3.19 3.31
N ILE A 85 -5.17 3.05 3.06
CA ILE A 85 -6.01 2.19 3.88
C ILE A 85 -6.33 0.89 3.14
N GLU A 86 -6.48 -0.19 3.90
CA GLU A 86 -6.80 -1.49 3.32
C GLU A 86 -8.08 -1.42 2.49
N THR A 87 -8.97 -0.52 2.86
CA THR A 87 -10.24 -0.35 2.15
C THR A 87 -10.03 0.38 0.83
N ASP A 88 -8.81 0.85 0.61
CA ASP A 88 -8.47 1.57 -0.62
C ASP A 88 -7.73 0.66 -1.60
N ILE A 89 -7.41 -0.55 -1.14
CA ILE A 89 -6.69 -1.51 -1.98
C ILE A 89 -7.47 -2.81 -2.09
N ARG A 90 -8.04 -3.25 -0.98
CA ARG A 90 -8.81 -4.49 -0.95
C ARG A 90 -9.81 -4.54 -2.10
N PRO A 91 -10.72 -3.56 -2.14
CA PRO A 91 -11.74 -3.46 -3.18
C PRO A 91 -11.15 -3.10 -4.54
N MET A 92 -9.83 -3.17 -4.64
CA MET A 92 -9.14 -2.85 -5.89
C MET A 92 -8.38 -4.07 -6.42
N LEU A 93 -8.00 -4.96 -5.51
CA LEU A 93 -7.27 -6.16 -5.88
C LEU A 93 -8.12 -7.07 -6.76
N GLN A 94 -8.42 -8.26 -6.24
CA GLN A 94 -9.24 -9.23 -6.98
C GLN A 94 -10.30 -9.84 -6.07
N ASP A 95 -11.49 -10.05 -6.63
CA ASP A 95 -12.59 -10.63 -5.87
C ASP A 95 -12.31 -12.10 -5.54
N ARG A 96 -11.48 -12.74 -6.35
CA ARG A 96 -11.14 -14.13 -6.14
C ARG A 96 -9.77 -14.26 -5.46
N LEU A 97 -9.12 -13.13 -5.25
CA LEU A 97 -7.80 -13.12 -4.62
C LEU A 97 -7.90 -13.58 -3.16
N ARG A 98 -9.11 -13.52 -2.61
CA ARG A 98 -9.33 -13.92 -1.23
C ARG A 98 -8.56 -13.03 -0.27
N PRO A 99 -9.04 -12.95 0.98
CA PRO A 99 -8.42 -12.13 2.02
C PRO A 99 -7.07 -12.70 2.48
N SER A 100 -6.07 -12.60 1.61
CA SER A 100 -4.74 -13.10 1.92
C SER A 100 -3.84 -11.98 2.42
N PHE A 101 -4.30 -10.74 2.24
CA PHE A 101 -3.53 -9.58 2.68
C PHE A 101 -3.10 -9.72 4.13
N ALA A 102 -4.06 -10.02 5.00
CA ALA A 102 -3.79 -10.18 6.42
C ALA A 102 -2.69 -11.23 6.65
N LYS A 103 -2.50 -12.10 5.67
CA LYS A 103 -1.49 -13.14 5.76
C LYS A 103 -0.21 -12.72 5.06
N ALA A 104 -0.32 -11.76 4.15
CA ALA A 104 0.83 -11.27 3.41
C ALA A 104 1.55 -10.16 4.18
N ILE A 105 0.85 -9.55 5.13
CA ILE A 105 1.41 -8.49 5.94
C ILE A 105 2.78 -8.89 6.49
N PRO A 106 2.84 -10.07 7.13
CA PRO A 106 4.07 -10.59 7.71
C PRO A 106 5.09 -11.00 6.65
N CYS A 107 4.62 -11.14 5.42
CA CYS A 107 5.49 -11.52 4.31
C CYS A 107 6.00 -10.30 3.57
N LEU A 108 5.33 -9.17 3.77
CA LEU A 108 5.71 -7.92 3.11
C LEU A 108 6.61 -7.08 4.00
N ARG A 109 6.54 -7.33 5.31
CA ARG A 109 7.34 -6.61 6.27
C ARG A 109 8.70 -7.27 6.46
N HIS A 110 8.73 -8.59 6.32
CA HIS A 110 9.97 -9.35 6.47
C HIS A 110 11.04 -8.84 5.52
N ILE A 111 10.61 -8.16 4.46
CA ILE A 111 11.53 -7.61 3.47
C ILE A 111 11.76 -6.12 3.69
N ARG A 112 10.96 -5.53 4.58
CA ARG A 112 11.06 -4.10 4.88
C ARG A 112 10.60 -3.27 3.70
N ARG A 113 9.91 -3.91 2.76
CA ARG A 113 9.40 -3.22 1.58
C ARG A 113 8.28 -2.26 1.94
N ILE A 114 7.52 -2.62 2.98
CA ILE A 114 6.41 -1.79 3.43
C ILE A 114 6.17 -1.96 4.92
N ARG A 115 5.16 -1.26 5.43
CA ARG A 115 4.84 -1.33 6.86
C ARG A 115 3.32 -1.25 7.07
N GLU A 116 2.90 -1.40 8.31
CA GLU A 116 1.48 -1.34 8.65
C GLU A 116 1.28 -0.81 10.07
N GLU A 117 0.44 0.22 10.19
CA GLU A 117 0.16 0.82 11.48
C GLU A 117 -1.29 0.58 11.90
N ARG A 118 -1.49 -0.35 12.83
CA ARG A 118 -2.82 -0.68 13.30
C ARG A 118 -3.39 0.46 14.16
N CYS A 119 -4.28 1.24 13.56
CA CYS A 119 -4.90 2.36 14.26
C CYS A 119 -6.41 2.17 14.39
N GLY A 120 -6.81 1.38 15.38
CA GLY A 120 -8.23 1.13 15.59
C GLY A 120 -8.85 0.32 14.46
N PRO A 121 -10.07 0.68 14.06
CA PRO A 121 -10.79 -0.01 12.99
C PRO A 121 -10.17 0.25 11.62
N LEU A 122 -9.07 0.98 11.60
CA LEU A 122 -8.38 1.30 10.36
C LEU A 122 -6.98 0.70 10.35
N THR A 123 -6.29 0.84 9.21
CA THR A 123 -4.94 0.32 9.07
C THR A 123 -4.20 1.00 7.91
N PHE A 124 -3.10 1.66 8.24
CA PHE A 124 -2.31 2.36 7.22
C PHE A 124 -1.14 1.49 6.77
N TYR A 125 -0.48 1.91 5.69
CA TYR A 125 0.65 1.17 5.14
C TYR A 125 1.62 2.11 4.43
N TYR A 126 2.84 2.17 4.93
CA TYR A 126 3.87 3.02 4.34
C TYR A 126 5.11 2.22 3.97
N PRO A 127 5.82 2.67 2.92
CA PRO A 127 7.02 2.01 2.44
C PRO A 127 8.19 2.16 3.41
N GLY A 128 8.38 1.16 4.26
CA GLY A 128 9.47 1.21 5.23
C GLY A 128 9.58 2.56 5.91
N SER A 129 8.81 2.76 6.97
CA SER A 129 8.83 4.01 7.70
C SER A 129 10.26 4.42 8.05
N SER A 130 10.93 3.58 8.83
CA SER A 130 12.31 3.84 9.25
C SER A 130 13.27 2.86 8.60
N MET A 1 10.95 15.54 -9.30
CA MET A 1 10.03 16.06 -10.29
C MET A 1 9.33 14.93 -11.05
N ASN A 2 10.06 13.83 -11.25
CA ASN A 2 9.52 12.68 -11.96
C ASN A 2 8.92 11.67 -10.98
N ASP A 3 7.62 11.47 -11.05
CA ASP A 3 6.93 10.53 -10.17
C ASP A 3 7.48 9.12 -10.36
N ILE A 4 8.04 8.56 -9.28
CA ILE A 4 8.60 7.21 -9.34
C ILE A 4 7.90 6.29 -8.34
N ARG A 5 7.96 4.98 -8.61
CA ARG A 5 7.34 4.00 -7.74
C ARG A 5 7.93 4.06 -6.33
N ILE A 6 7.22 3.46 -5.37
CA ILE A 6 7.68 3.45 -3.99
C ILE A 6 7.90 2.02 -3.50
N VAL A 7 7.28 1.07 -4.18
CA VAL A 7 7.41 -0.34 -3.82
C VAL A 7 7.17 -1.24 -5.03
N PRO A 8 8.27 -1.71 -5.64
CA PRO A 8 8.21 -2.59 -6.81
C PRO A 8 7.69 -3.98 -6.46
N GLN A 9 7.29 -4.74 -7.49
CA GLN A 9 6.77 -6.08 -7.28
C GLN A 9 7.87 -7.02 -6.83
N ILE A 10 7.48 -8.23 -6.44
CA ILE A 10 8.44 -9.23 -5.97
C ILE A 10 8.36 -10.51 -6.81
N THR A 11 9.42 -10.80 -7.54
CA THR A 11 9.48 -11.98 -8.38
C THR A 11 9.81 -13.23 -7.58
N ASP A 12 10.10 -14.32 -8.26
CA ASP A 12 10.44 -15.58 -7.60
C ASP A 12 11.69 -15.43 -6.75
N GLU A 13 12.51 -14.43 -7.07
CA GLU A 13 13.74 -14.17 -6.35
C GLU A 13 13.47 -13.33 -5.09
N GLU A 14 12.40 -12.55 -5.14
CA GLU A 14 12.04 -11.70 -4.01
C GLU A 14 10.99 -12.39 -3.13
N PHE A 15 10.25 -13.33 -3.71
CA PHE A 15 9.22 -14.06 -2.98
C PHE A 15 9.81 -15.29 -2.32
N LYS A 16 10.89 -15.81 -2.88
CA LYS A 16 11.55 -17.00 -2.35
C LYS A 16 12.18 -16.71 -0.98
N THR A 17 12.20 -15.43 -0.61
CA THR A 17 12.77 -15.03 0.67
C THR A 17 11.81 -15.33 1.81
N ILE A 18 10.54 -15.51 1.49
CA ILE A 18 9.53 -15.81 2.49
C ILE A 18 9.14 -17.28 2.45
N PRO A 19 9.47 -18.01 3.53
CA PRO A 19 9.16 -19.44 3.65
C PRO A 19 7.66 -19.69 3.81
N LYS A 20 7.24 -20.92 3.50
CA LYS A 20 5.84 -21.30 3.61
C LYS A 20 5.33 -21.08 5.03
N TYR A 21 6.26 -21.03 5.99
CA TYR A 21 5.90 -20.83 7.38
C TYR A 21 5.20 -19.48 7.59
N GLN A 22 5.39 -18.58 6.63
CA GLN A 22 4.78 -17.26 6.70
C GLN A 22 3.70 -17.09 5.63
N LEU A 23 3.95 -17.68 4.47
CA LEU A 23 3.01 -17.60 3.35
C LEU A 23 1.76 -18.44 3.63
N GLY A 24 1.98 -19.70 3.99
CA GLY A 24 0.87 -20.59 4.29
C GLY A 24 -0.01 -20.84 3.08
N ARG A 25 -1.06 -20.04 2.95
CA ARG A 25 -1.99 -20.17 1.83
C ARG A 25 -1.79 -19.04 0.82
N LEU A 26 -0.60 -18.45 0.82
CA LEU A 26 -0.28 -17.36 -0.10
C LEU A 26 0.55 -17.86 -1.28
N THR A 27 0.73 -17.00 -2.27
CA THR A 27 1.51 -17.34 -3.46
C THR A 27 2.11 -16.10 -4.11
N LEU A 28 3.09 -16.32 -4.98
CA LEU A 28 3.75 -15.21 -5.67
C LEU A 28 2.72 -14.30 -6.35
N GLU A 29 1.73 -14.92 -6.99
CA GLU A 29 0.68 -14.17 -7.68
C GLU A 29 -0.06 -13.27 -6.71
N MET A 30 -0.31 -13.78 -5.51
CA MET A 30 -1.03 -13.02 -4.49
C MET A 30 -0.26 -11.76 -4.12
N MET A 31 1.04 -11.91 -3.88
CA MET A 31 1.88 -10.78 -3.51
C MET A 31 2.18 -9.90 -4.73
N ASN A 32 2.30 -10.54 -5.89
CA ASN A 32 2.58 -9.82 -7.12
C ASN A 32 1.53 -8.74 -7.39
N GLU A 33 0.27 -9.09 -7.15
CA GLU A 33 -0.82 -8.14 -7.35
C GLU A 33 -0.95 -7.19 -6.16
N ILE A 34 -0.67 -7.70 -4.97
CA ILE A 34 -0.75 -6.89 -3.76
C ILE A 34 0.26 -5.75 -3.78
N VAL A 35 1.49 -6.07 -4.16
CA VAL A 35 2.55 -5.07 -4.23
C VAL A 35 2.40 -4.19 -5.47
N SER A 36 1.89 -4.79 -6.54
CA SER A 36 1.69 -4.06 -7.80
C SER A 36 0.61 -3.00 -7.64
N LYS A 37 -0.57 -3.44 -7.18
CA LYS A 37 -1.70 -2.55 -6.98
C LYS A 37 -1.40 -1.51 -5.90
N MET A 38 -0.94 -1.98 -4.76
CA MET A 38 -0.61 -1.10 -3.64
C MET A 38 0.35 0.00 -4.09
N ASP A 39 1.35 -0.38 -4.87
CA ASP A 39 2.35 0.58 -5.37
C ASP A 39 1.69 1.58 -6.32
N ASP A 40 0.65 1.14 -7.01
CA ASP A 40 -0.06 2.01 -7.95
C ASP A 40 -0.74 3.17 -7.23
N PHE A 41 -1.52 2.84 -6.21
CA PHE A 41 -2.23 3.87 -5.43
C PHE A 41 -1.24 4.78 -4.73
N LEU A 42 -0.21 4.19 -4.14
CA LEU A 42 0.81 4.95 -3.42
C LEU A 42 1.63 5.80 -4.39
N MET A 43 1.76 5.32 -5.62
CA MET A 43 2.52 6.03 -6.64
C MET A 43 1.80 7.31 -7.06
N LYS A 44 0.48 7.24 -7.15
CA LYS A 44 -0.33 8.38 -7.55
C LYS A 44 -0.39 9.43 -6.43
N LYS A 45 -0.46 8.94 -5.19
CA LYS A 45 -0.51 9.83 -4.03
C LYS A 45 0.77 10.65 -3.91
N SER A 46 1.91 9.97 -3.94
CA SER A 46 3.20 10.64 -3.84
C SER A 46 3.43 11.58 -5.02
N LYS A 47 2.80 11.25 -6.15
CA LYS A 47 2.94 12.07 -7.36
C LYS A 47 2.18 13.38 -7.20
N ILE A 48 1.11 13.36 -6.41
CA ILE A 48 0.30 14.56 -6.18
C ILE A 48 0.95 15.46 -5.14
N LEU A 49 1.64 14.85 -4.18
CA LEU A 49 2.31 15.60 -3.12
C LEU A 49 3.36 16.54 -3.70
N GLY A 50 3.82 16.23 -4.91
CA GLY A 50 4.82 17.06 -5.56
C GLY A 50 4.25 17.89 -6.68
N LYS A 51 3.27 17.34 -7.38
CA LYS A 51 2.63 18.04 -8.49
C LYS A 51 2.03 19.36 -8.03
N THR A 52 1.33 20.03 -8.93
CA THR A 52 0.70 21.31 -8.62
C THR A 52 -0.77 21.31 -9.04
N ASN A 53 -1.46 22.41 -8.75
CA ASN A 53 -2.86 22.55 -9.10
C ASN A 53 -3.06 22.56 -10.62
N LYS A 54 -1.96 22.76 -11.34
CA LYS A 54 -2.00 22.80 -12.80
C LYS A 54 -2.15 21.38 -13.37
N GLN A 55 -1.29 20.48 -12.91
CA GLN A 55 -1.32 19.10 -13.37
C GLN A 55 -2.35 18.28 -12.58
N LEU A 56 -2.60 18.69 -11.34
CA LEU A 56 -3.56 18.00 -10.48
C LEU A 56 -4.93 17.93 -11.15
N THR A 57 -5.49 16.73 -11.22
CA THR A 57 -6.80 16.53 -11.82
C THR A 57 -7.84 16.17 -10.77
N ARG A 58 -9.04 15.85 -11.23
CA ARG A 58 -10.13 15.47 -10.33
C ARG A 58 -9.76 14.25 -9.50
N SER A 59 -9.37 13.17 -10.18
CA SER A 59 -8.99 11.93 -9.51
C SER A 59 -7.91 12.20 -8.45
N ASP A 60 -7.08 13.20 -8.70
CA ASP A 60 -6.01 13.55 -7.78
C ASP A 60 -6.57 14.30 -6.57
N ARG A 61 -7.65 15.04 -6.77
CA ARG A 61 -8.28 15.80 -5.70
C ARG A 61 -9.07 14.88 -4.78
N GLU A 62 -9.67 13.84 -5.34
CA GLU A 62 -10.45 12.89 -4.57
C GLU A 62 -9.55 11.95 -3.78
N VAL A 63 -8.41 11.59 -4.37
CA VAL A 63 -7.46 10.71 -3.71
C VAL A 63 -6.76 11.40 -2.55
N LEU A 64 -6.41 12.66 -2.76
CA LEU A 64 -5.73 13.44 -1.71
C LEU A 64 -6.70 13.79 -0.59
N ASP A 65 -7.96 14.00 -0.95
CA ASP A 65 -8.99 14.34 0.04
C ASP A 65 -9.30 13.14 0.94
N ASN A 66 -9.17 11.94 0.38
CA ASN A 66 -9.43 10.73 1.13
C ASN A 66 -8.27 10.38 2.05
N TRP A 67 -7.06 10.48 1.52
CA TRP A 67 -5.86 10.18 2.30
C TRP A 67 -5.77 11.09 3.53
N ARG A 68 -6.11 12.36 3.36
CA ARG A 68 -6.07 13.31 4.46
C ARG A 68 -7.24 13.09 5.42
N GLU A 69 -8.35 12.59 4.88
CA GLU A 69 -9.54 12.34 5.69
C GLU A 69 -9.26 11.25 6.73
N LEU A 70 -8.55 10.21 6.31
CA LEU A 70 -8.22 9.11 7.20
C LEU A 70 -7.08 9.49 8.14
N GLU A 71 -6.15 10.30 7.64
CA GLU A 71 -5.01 10.74 8.44
C GLU A 71 -5.47 11.46 9.70
N MET A 72 -6.44 12.36 9.54
CA MET A 72 -6.98 13.11 10.67
C MET A 72 -7.99 12.27 11.45
N LYS A 73 -8.77 11.47 10.73
CA LYS A 73 -9.77 10.61 11.36
C LYS A 73 -9.12 9.65 12.35
N ALA A 74 -7.82 9.46 12.22
CA ALA A 74 -7.08 8.57 13.11
C ALA A 74 -6.87 9.21 14.48
N ARG A 75 -7.39 10.42 14.64
CA ARG A 75 -7.25 11.14 15.90
C ARG A 75 -5.80 11.13 16.38
N LYS A 76 -4.87 11.13 15.43
CA LYS A 76 -3.44 11.12 15.74
C LYS A 76 -2.61 11.11 14.48
N ARG A 77 -1.56 11.93 14.46
CA ARG A 77 -0.67 12.02 13.30
C ARG A 77 0.25 10.80 13.24
N LEU A 78 -0.09 9.86 12.36
CA LEU A 78 0.70 8.65 12.20
C LEU A 78 2.18 8.99 12.00
N PRO A 79 3.06 7.98 12.21
CA PRO A 79 4.50 8.16 12.05
C PRO A 79 4.91 8.35 10.60
N THR A 80 3.95 8.19 9.69
CA THR A 80 4.21 8.35 8.26
C THR A 80 3.17 9.23 7.60
N THR A 81 3.53 9.85 6.48
CA THR A 81 2.62 10.72 5.76
C THR A 81 2.15 10.07 4.47
N LEU A 82 2.94 9.13 3.96
CA LEU A 82 2.60 8.42 2.72
C LEU A 82 2.11 7.01 3.02
N PHE A 83 0.97 6.91 3.69
CA PHE A 83 0.40 5.61 4.03
C PHE A 83 -0.99 5.45 3.40
N PHE A 84 -1.38 4.20 3.17
CA PHE A 84 -2.67 3.90 2.57
C PHE A 84 -3.46 2.93 3.44
N ILE A 85 -4.68 2.63 3.01
CA ILE A 85 -5.54 1.71 3.75
C ILE A 85 -5.86 0.46 2.93
N GLU A 86 -6.03 -0.67 3.61
CA GLU A 86 -6.34 -1.92 2.94
C GLU A 86 -7.66 -1.84 2.21
N THR A 87 -8.54 -0.94 2.67
CA THR A 87 -9.85 -0.78 2.07
C THR A 87 -9.74 -0.05 0.72
N ASP A 88 -8.53 0.42 0.41
CA ASP A 88 -8.30 1.14 -0.84
C ASP A 88 -7.45 0.29 -1.79
N ILE A 89 -7.05 -0.88 -1.32
CA ILE A 89 -6.23 -1.78 -2.13
C ILE A 89 -6.89 -3.16 -2.27
N ARG A 90 -7.46 -3.63 -1.17
CA ARG A 90 -8.13 -4.93 -1.18
C ARG A 90 -9.17 -5.01 -2.29
N PRO A 91 -10.10 -4.05 -2.29
CA PRO A 91 -11.17 -3.99 -3.29
C PRO A 91 -10.64 -3.62 -4.68
N MET A 92 -9.32 -3.45 -4.78
CA MET A 92 -8.70 -3.10 -6.05
C MET A 92 -7.99 -4.31 -6.66
N LEU A 93 -7.48 -5.18 -5.80
CA LEU A 93 -6.79 -6.38 -6.25
C LEU A 93 -7.72 -7.29 -7.05
N GLN A 94 -8.16 -8.37 -6.41
CA GLN A 94 -9.07 -9.32 -7.07
C GLN A 94 -10.13 -9.81 -6.09
N ASP A 95 -11.37 -9.89 -6.58
CA ASP A 95 -12.48 -10.34 -5.74
C ASP A 95 -12.32 -11.82 -5.39
N ARG A 96 -11.53 -12.52 -6.18
CA ARG A 96 -11.30 -13.95 -5.95
C ARG A 96 -9.96 -14.18 -5.26
N LEU A 97 -9.21 -13.10 -5.06
CA LEU A 97 -7.90 -13.19 -4.42
C LEU A 97 -8.04 -13.63 -2.97
N ARG A 98 -9.23 -13.45 -2.40
CA ARG A 98 -9.49 -13.83 -1.02
C ARG A 98 -8.65 -13.01 -0.06
N PRO A 99 -9.03 -13.03 1.23
CA PRO A 99 -8.32 -12.29 2.28
C PRO A 99 -6.94 -12.87 2.57
N SER A 100 -6.02 -12.68 1.64
CA SER A 100 -4.65 -13.19 1.80
C SER A 100 -3.72 -12.09 2.31
N PHE A 101 -4.11 -10.84 2.10
CA PHE A 101 -3.31 -9.71 2.54
C PHE A 101 -2.95 -9.83 4.01
N ALA A 102 -3.95 -10.11 4.84
CA ALA A 102 -3.74 -10.26 6.27
C ALA A 102 -2.65 -11.30 6.56
N LYS A 103 -2.43 -12.19 5.60
CA LYS A 103 -1.42 -13.24 5.75
C LYS A 103 -0.12 -12.83 5.09
N ALA A 104 -0.19 -11.88 4.16
CA ALA A 104 0.99 -11.40 3.46
C ALA A 104 1.61 -10.21 4.18
N ILE A 105 0.87 -9.64 5.13
CA ILE A 105 1.35 -8.49 5.90
C ILE A 105 2.78 -8.72 6.37
N PRO A 106 3.02 -9.86 7.03
CA PRO A 106 4.35 -10.22 7.54
C PRO A 106 5.33 -10.54 6.42
N CYS A 107 4.82 -11.04 5.31
CA CYS A 107 5.65 -11.40 4.16
C CYS A 107 6.06 -10.15 3.39
N LEU A 108 5.35 -9.05 3.61
CA LEU A 108 5.65 -7.80 2.94
C LEU A 108 6.67 -6.98 3.72
N ARG A 109 6.58 -7.03 5.04
CA ARG A 109 7.50 -6.31 5.91
C ARG A 109 8.79 -7.08 6.10
N HIS A 110 8.70 -8.40 6.05
CA HIS A 110 9.87 -9.26 6.21
C HIS A 110 10.95 -8.92 5.19
N ILE A 111 10.53 -8.29 4.10
CA ILE A 111 11.46 -7.91 3.03
C ILE A 111 11.81 -6.43 3.13
N ARG A 112 11.10 -5.70 3.98
CA ARG A 112 11.35 -4.28 4.15
C ARG A 112 10.87 -3.49 2.94
N ARG A 113 9.58 -3.62 2.63
CA ARG A 113 8.99 -2.92 1.49
C ARG A 113 7.85 -2.02 1.94
N ILE A 114 7.07 -2.49 2.90
CA ILE A 114 5.94 -1.73 3.42
C ILE A 114 5.70 -2.03 4.89
N ARG A 115 4.94 -1.17 5.55
CA ARG A 115 4.63 -1.35 6.97
C ARG A 115 3.12 -1.35 7.20
N GLU A 116 2.72 -1.58 8.45
CA GLU A 116 1.31 -1.61 8.80
C GLU A 116 1.07 -0.92 10.14
N GLU A 117 0.16 0.04 10.15
CA GLU A 117 -0.17 0.78 11.36
C GLU A 117 -1.59 0.48 11.82
N ARG A 118 -1.71 -0.27 12.92
CA ARG A 118 -3.01 -0.64 13.46
C ARG A 118 -3.65 0.55 14.17
N CYS A 119 -4.60 1.20 13.51
CA CYS A 119 -5.29 2.34 14.08
C CYS A 119 -6.77 2.05 14.28
N GLY A 120 -7.08 1.37 15.39
CA GLY A 120 -8.46 1.03 15.68
C GLY A 120 -9.02 -0.01 14.73
N PRO A 121 -10.29 0.15 14.35
CA PRO A 121 -10.96 -0.78 13.44
C PRO A 121 -10.42 -0.69 12.01
N LEU A 122 -9.39 0.13 11.83
CA LEU A 122 -8.77 0.30 10.53
C LEU A 122 -7.29 -0.08 10.56
N THR A 123 -6.65 -0.05 9.40
CA THR A 123 -5.23 -0.38 9.29
C THR A 123 -4.59 0.31 8.10
N PHE A 124 -3.51 1.04 8.36
CA PHE A 124 -2.79 1.77 7.32
C PHE A 124 -1.49 1.06 6.97
N TYR A 125 -0.86 1.50 5.88
CA TYR A 125 0.40 0.91 5.44
C TYR A 125 1.25 1.93 4.70
N TYR A 126 2.51 2.04 5.09
CA TYR A 126 3.43 2.98 4.47
C TYR A 126 4.67 2.28 3.93
N PRO A 127 5.30 2.87 2.91
CA PRO A 127 6.50 2.31 2.29
C PRO A 127 7.72 2.37 3.21
N GLY A 128 7.82 1.41 4.12
CA GLY A 128 8.93 1.38 5.05
C GLY A 128 9.10 2.68 5.80
N SER A 129 10.11 2.74 6.66
CA SER A 129 10.37 3.93 7.45
C SER A 129 11.43 4.82 6.77
N SER A 130 12.29 4.18 5.98
CA SER A 130 13.34 4.91 5.28
C SER A 130 12.79 5.63 4.06
N MET A 1 10.87 16.65 -9.09
CA MET A 1 9.59 16.67 -9.77
C MET A 1 9.42 15.45 -10.67
N ASN A 2 9.78 14.28 -10.14
CA ASN A 2 9.67 13.04 -10.90
C ASN A 2 8.84 12.01 -10.14
N ASP A 3 7.94 11.35 -10.86
CA ASP A 3 7.08 10.34 -10.26
C ASP A 3 7.61 8.93 -10.53
N ILE A 4 8.21 8.33 -9.51
CA ILE A 4 8.76 6.98 -9.63
C ILE A 4 8.07 6.01 -8.69
N ARG A 5 8.09 4.73 -9.04
CA ARG A 5 7.47 3.69 -8.21
C ARG A 5 8.12 3.63 -6.84
N ILE A 6 7.32 3.29 -5.83
CA ILE A 6 7.83 3.20 -4.47
C ILE A 6 8.17 1.75 -4.11
N VAL A 7 7.40 0.81 -4.67
CA VAL A 7 7.62 -0.60 -4.41
C VAL A 7 7.14 -1.45 -5.59
N PRO A 8 8.10 -1.89 -6.43
CA PRO A 8 7.80 -2.72 -7.60
C PRO A 8 7.35 -4.12 -7.22
N GLN A 9 6.73 -4.82 -8.17
CA GLN A 9 6.25 -6.18 -7.94
C GLN A 9 7.37 -7.07 -7.41
N ILE A 10 7.01 -8.25 -6.93
CA ILE A 10 7.99 -9.19 -6.40
C ILE A 10 7.95 -10.51 -7.16
N THR A 11 9.11 -10.95 -7.63
CA THR A 11 9.20 -12.20 -8.38
C THR A 11 9.62 -13.35 -7.48
N ASP A 12 9.90 -14.50 -8.08
CA ASP A 12 10.32 -15.68 -7.33
C ASP A 12 11.58 -15.39 -6.52
N GLU A 13 12.32 -14.37 -6.93
CA GLU A 13 13.55 -14.00 -6.24
C GLU A 13 13.24 -13.31 -4.92
N GLU A 14 12.10 -12.63 -4.86
CA GLU A 14 11.69 -11.93 -3.64
C GLU A 14 10.69 -12.76 -2.84
N PHE A 15 9.68 -13.29 -3.55
CA PHE A 15 8.65 -14.09 -2.91
C PHE A 15 9.27 -15.26 -2.13
N LYS A 16 10.37 -15.80 -2.65
CA LYS A 16 11.05 -16.91 -2.01
C LYS A 16 11.76 -16.45 -0.74
N THR A 17 11.81 -15.14 -0.53
CA THR A 17 12.46 -14.57 0.64
C THR A 17 11.56 -14.69 1.86
N ILE A 18 10.36 -15.22 1.67
CA ILE A 18 9.41 -15.39 2.76
C ILE A 18 9.16 -16.87 3.05
N PRO A 19 9.24 -17.25 4.33
CA PRO A 19 9.03 -18.63 4.77
C PRO A 19 7.57 -19.05 4.64
N LYS A 20 7.35 -20.34 4.37
CA LYS A 20 6.00 -20.86 4.22
C LYS A 20 5.18 -20.62 5.49
N TYR A 21 5.87 -20.43 6.61
CA TYR A 21 5.21 -20.18 7.88
C TYR A 21 4.43 -18.87 7.84
N GLN A 22 4.85 -17.96 6.96
CA GLN A 22 4.19 -16.67 6.82
C GLN A 22 3.21 -16.68 5.65
N LEU A 23 3.59 -17.37 4.58
CA LEU A 23 2.74 -17.45 3.39
C LEU A 23 1.48 -18.27 3.68
N GLY A 24 1.68 -19.45 4.28
CA GLY A 24 0.56 -20.31 4.60
C GLY A 24 -0.10 -20.89 3.36
N ARG A 25 -1.03 -20.13 2.78
CA ARG A 25 -1.75 -20.57 1.59
C ARG A 25 -1.67 -19.51 0.48
N LEU A 26 -0.69 -18.61 0.60
CA LEU A 26 -0.51 -17.55 -0.38
C LEU A 26 0.35 -18.03 -1.54
N THR A 27 0.50 -17.18 -2.55
CA THR A 27 1.30 -17.52 -3.73
C THR A 27 1.87 -16.26 -4.38
N LEU A 28 2.88 -16.45 -5.21
CA LEU A 28 3.52 -15.33 -5.89
C LEU A 28 2.49 -14.46 -6.60
N GLU A 29 1.50 -15.09 -7.22
CA GLU A 29 0.45 -14.37 -7.93
C GLU A 29 -0.32 -13.47 -6.97
N MET A 30 -0.64 -13.99 -5.79
CA MET A 30 -1.38 -13.22 -4.79
C MET A 30 -0.59 -11.99 -4.37
N MET A 31 0.71 -12.16 -4.14
CA MET A 31 1.56 -11.06 -3.73
C MET A 31 1.85 -10.13 -4.92
N ASN A 32 1.96 -10.71 -6.10
CA ASN A 32 2.24 -9.95 -7.30
C ASN A 32 1.19 -8.87 -7.52
N GLU A 33 -0.07 -9.21 -7.27
CA GLU A 33 -1.17 -8.27 -7.44
C GLU A 33 -1.29 -7.36 -6.22
N ILE A 34 -0.98 -7.90 -5.05
CA ILE A 34 -1.04 -7.14 -3.80
C ILE A 34 -0.02 -6.02 -3.79
N VAL A 35 1.22 -6.34 -4.17
CA VAL A 35 2.29 -5.35 -4.20
C VAL A 35 2.15 -4.43 -5.39
N SER A 36 1.61 -4.95 -6.49
CA SER A 36 1.42 -4.17 -7.70
C SER A 36 0.34 -3.10 -7.50
N LYS A 37 -0.82 -3.53 -7.02
CA LYS A 37 -1.94 -2.63 -6.78
C LYS A 37 -1.58 -1.60 -5.71
N MET A 38 -1.02 -2.08 -4.60
CA MET A 38 -0.63 -1.20 -3.50
C MET A 38 0.32 -0.11 -4.00
N ASP A 39 1.31 -0.51 -4.78
CA ASP A 39 2.28 0.44 -5.31
C ASP A 39 1.63 1.40 -6.30
N ASP A 40 0.57 0.93 -6.95
CA ASP A 40 -0.15 1.76 -7.92
C ASP A 40 -0.78 2.98 -7.25
N PHE A 41 -1.59 2.72 -6.23
CA PHE A 41 -2.25 3.80 -5.50
C PHE A 41 -1.23 4.71 -4.82
N LEU A 42 -0.22 4.09 -4.21
CA LEU A 42 0.82 4.85 -3.52
C LEU A 42 1.67 5.64 -4.52
N MET A 43 1.74 5.14 -5.74
CA MET A 43 2.52 5.81 -6.79
C MET A 43 1.83 7.10 -7.24
N LYS A 44 0.50 7.06 -7.31
CA LYS A 44 -0.28 8.22 -7.72
C LYS A 44 -0.26 9.30 -6.64
N LYS A 45 -0.35 8.87 -5.39
CA LYS A 45 -0.34 9.79 -4.26
C LYS A 45 0.99 10.55 -4.17
N SER A 46 2.09 9.81 -4.18
CA SER A 46 3.41 10.40 -4.11
C SER A 46 3.67 11.32 -5.30
N LYS A 47 3.03 11.01 -6.42
CA LYS A 47 3.17 11.81 -7.63
C LYS A 47 2.45 13.14 -7.49
N ILE A 48 1.38 13.15 -6.71
CA ILE A 48 0.59 14.36 -6.49
C ILE A 48 1.29 15.30 -5.51
N LEU A 49 2.00 14.71 -4.56
CA LEU A 49 2.71 15.49 -3.54
C LEU A 49 3.80 16.34 -4.19
N GLY A 50 4.22 15.96 -5.39
CA GLY A 50 5.24 16.71 -6.09
C GLY A 50 4.68 17.57 -7.22
N LYS A 51 3.67 17.04 -7.91
CA LYS A 51 3.04 17.75 -9.00
C LYS A 51 2.40 19.05 -8.52
N THR A 52 1.94 19.87 -9.46
CA THR A 52 1.31 21.14 -9.13
C THR A 52 -0.20 21.06 -9.30
N ASN A 53 -0.90 22.10 -8.85
CA ASN A 53 -2.36 22.15 -8.96
C ASN A 53 -2.79 22.06 -10.42
N LYS A 54 -1.90 22.44 -11.33
CA LYS A 54 -2.18 22.41 -12.75
C LYS A 54 -2.28 20.97 -13.26
N GLN A 55 -1.40 20.12 -12.74
CA GLN A 55 -1.39 18.71 -13.14
C GLN A 55 -2.43 17.92 -12.36
N LEU A 56 -2.67 18.33 -11.11
CA LEU A 56 -3.64 17.65 -10.27
C LEU A 56 -4.98 17.48 -10.98
N THR A 57 -5.50 16.26 -10.96
CA THR A 57 -6.77 15.97 -11.61
C THR A 57 -7.82 15.55 -10.59
N ARG A 58 -9.00 15.17 -11.08
CA ARG A 58 -10.09 14.76 -10.22
C ARG A 58 -9.64 13.64 -9.28
N SER A 59 -9.11 12.56 -9.86
CA SER A 59 -8.64 11.43 -9.06
C SER A 59 -7.66 11.88 -8.00
N ASP A 60 -6.87 12.90 -8.31
CA ASP A 60 -5.89 13.43 -7.37
C ASP A 60 -6.56 14.23 -6.27
N ARG A 61 -7.69 14.87 -6.61
CA ARG A 61 -8.42 15.67 -5.63
C ARG A 61 -9.21 14.78 -4.68
N GLU A 62 -9.81 13.72 -5.23
CA GLU A 62 -10.60 12.79 -4.42
C GLU A 62 -9.71 12.02 -3.46
N VAL A 63 -8.51 11.67 -3.91
CA VAL A 63 -7.55 10.93 -3.09
C VAL A 63 -6.96 11.82 -2.01
N LEU A 64 -6.68 13.07 -2.37
CA LEU A 64 -6.10 14.03 -1.42
C LEU A 64 -7.05 14.27 -0.25
N ASP A 65 -8.32 14.47 -0.56
CA ASP A 65 -9.33 14.71 0.46
C ASP A 65 -9.54 13.47 1.32
N ASN A 66 -9.46 12.31 0.71
CA ASN A 66 -9.64 11.05 1.41
C ASN A 66 -8.45 10.76 2.32
N TRP A 67 -7.25 10.87 1.76
CA TRP A 67 -6.03 10.63 2.53
C TRP A 67 -5.99 11.49 3.78
N ARG A 68 -6.39 12.75 3.64
CA ARG A 68 -6.39 13.68 4.76
C ARG A 68 -7.50 13.34 5.75
N GLU A 69 -8.54 12.68 5.25
CA GLU A 69 -9.68 12.29 6.09
C GLU A 69 -9.31 11.13 7.00
N LEU A 70 -8.49 10.22 6.48
CA LEU A 70 -8.06 9.05 7.24
C LEU A 70 -6.99 9.43 8.26
N GLU A 71 -6.11 10.35 7.89
CA GLU A 71 -5.05 10.80 8.77
C GLU A 71 -5.62 11.63 9.92
N MET A 72 -6.73 12.31 9.66
CA MET A 72 -7.38 13.14 10.67
C MET A 72 -8.37 12.33 11.49
N LYS A 73 -8.76 11.17 10.96
CA LYS A 73 -9.70 10.30 11.64
C LYS A 73 -8.98 9.21 12.44
N ALA A 74 -7.66 9.13 12.25
CA ALA A 74 -6.86 8.14 12.95
C ALA A 74 -6.69 8.51 14.42
N ARG A 75 -7.28 9.63 14.82
CA ARG A 75 -7.18 10.10 16.20
C ARG A 75 -5.74 10.10 16.68
N LYS A 76 -4.81 10.24 15.75
CA LYS A 76 -3.39 10.26 16.07
C LYS A 76 -2.54 10.46 14.83
N ARG A 77 -1.74 11.52 14.82
CA ARG A 77 -0.88 11.83 13.68
C ARG A 77 0.12 10.71 13.45
N LEU A 78 -0.19 9.82 12.52
CA LEU A 78 0.69 8.70 12.20
C LEU A 78 2.12 9.18 11.97
N PRO A 79 3.10 8.28 12.19
CA PRO A 79 4.51 8.59 12.00
C PRO A 79 4.88 8.78 10.53
N THR A 80 3.93 8.49 9.64
CA THR A 80 4.15 8.62 8.21
C THR A 80 3.07 9.47 7.57
N THR A 81 3.37 10.02 6.39
CA THR A 81 2.43 10.86 5.67
C THR A 81 1.99 10.20 4.36
N LEU A 82 2.82 9.30 3.85
CA LEU A 82 2.52 8.60 2.61
C LEU A 82 2.05 7.18 2.89
N PHE A 83 0.87 7.07 3.49
CA PHE A 83 0.30 5.76 3.81
C PHE A 83 -1.07 5.60 3.17
N PHE A 84 -1.45 4.34 2.93
CA PHE A 84 -2.74 4.04 2.31
C PHE A 84 -3.51 3.02 3.14
N ILE A 85 -4.75 2.75 2.72
CA ILE A 85 -5.60 1.79 3.43
C ILE A 85 -5.86 0.55 2.57
N GLU A 86 -6.09 -0.57 3.22
CA GLU A 86 -6.36 -1.83 2.53
C GLU A 86 -7.78 -1.85 1.97
N THR A 87 -8.65 -1.05 2.56
CA THR A 87 -10.04 -0.97 2.13
C THR A 87 -10.16 -0.21 0.81
N ASP A 88 -9.05 0.33 0.34
CA ASP A 88 -9.03 1.07 -0.91
C ASP A 88 -8.21 0.33 -1.97
N ILE A 89 -7.63 -0.79 -1.58
CA ILE A 89 -6.82 -1.59 -2.49
C ILE A 89 -7.30 -3.03 -2.55
N ARG A 90 -7.68 -3.57 -1.39
CA ARG A 90 -8.16 -4.94 -1.30
C ARG A 90 -9.25 -5.19 -2.34
N PRO A 91 -10.30 -4.35 -2.33
CA PRO A 91 -11.42 -4.48 -3.26
C PRO A 91 -11.02 -4.12 -4.70
N MET A 92 -9.75 -3.75 -4.87
CA MET A 92 -9.25 -3.39 -6.20
C MET A 92 -8.43 -4.52 -6.80
N LEU A 93 -7.80 -5.31 -5.94
CA LEU A 93 -6.99 -6.44 -6.39
C LEU A 93 -7.81 -7.40 -7.24
N GLN A 94 -8.22 -8.51 -6.63
CA GLN A 94 -9.03 -9.51 -7.33
C GLN A 94 -10.08 -10.11 -6.40
N ASP A 95 -11.24 -10.42 -6.96
CA ASP A 95 -12.33 -11.00 -6.19
C ASP A 95 -11.97 -12.41 -5.73
N ARG A 96 -11.33 -13.18 -6.60
CA ARG A 96 -10.93 -14.54 -6.28
C ARG A 96 -9.56 -14.57 -5.61
N LEU A 97 -9.13 -13.42 -5.10
CA LEU A 97 -7.84 -13.31 -4.44
C LEU A 97 -7.91 -13.84 -3.02
N ARG A 98 -9.11 -13.83 -2.44
CA ARG A 98 -9.31 -14.32 -1.08
C ARG A 98 -8.56 -13.45 -0.08
N PRO A 99 -8.91 -13.59 1.20
CA PRO A 99 -8.28 -12.84 2.29
C PRO A 99 -6.84 -13.27 2.54
N SER A 100 -5.97 -12.99 1.57
CA SER A 100 -4.57 -13.35 1.68
C SER A 100 -3.73 -12.15 2.11
N PHE A 101 -4.20 -10.95 1.78
CA PHE A 101 -3.51 -9.72 2.13
C PHE A 101 -3.13 -9.71 3.61
N ALA A 102 -4.13 -9.92 4.47
CA ALA A 102 -3.91 -9.94 5.91
C ALA A 102 -2.82 -10.93 6.28
N LYS A 103 -2.60 -11.91 5.41
CA LYS A 103 -1.58 -12.93 5.66
C LYS A 103 -0.27 -12.57 4.97
N ALA A 104 -0.36 -11.68 3.99
CA ALA A 104 0.83 -11.24 3.25
C ALA A 104 1.48 -10.04 3.92
N ILE A 105 0.70 -9.32 4.72
CA ILE A 105 1.20 -8.14 5.42
C ILE A 105 2.56 -8.42 6.06
N PRO A 106 2.62 -9.50 6.86
CA PRO A 106 3.85 -9.89 7.56
C PRO A 106 4.91 -10.42 6.60
N CYS A 107 4.48 -10.82 5.41
CA CYS A 107 5.39 -11.34 4.39
C CYS A 107 6.05 -10.20 3.62
N LEU A 108 5.31 -9.12 3.41
CA LEU A 108 5.81 -7.97 2.68
C LEU A 108 6.88 -7.24 3.50
N ARG A 109 6.53 -6.87 4.72
CA ARG A 109 7.44 -6.15 5.61
C ARG A 109 8.69 -6.99 5.88
N HIS A 110 8.52 -8.32 5.88
CA HIS A 110 9.62 -9.23 6.14
C HIS A 110 10.73 -9.04 5.10
N ILE A 111 10.39 -8.44 3.97
CA ILE A 111 11.35 -8.20 2.90
C ILE A 111 11.81 -6.75 2.90
N ARG A 112 11.22 -5.94 3.79
CA ARG A 112 11.57 -4.53 3.89
C ARG A 112 11.11 -3.77 2.65
N ARG A 113 9.85 -3.96 2.28
CA ARG A 113 9.29 -3.30 1.11
C ARG A 113 8.27 -2.24 1.52
N ILE A 114 7.46 -2.57 2.52
CA ILE A 114 6.44 -1.65 3.01
C ILE A 114 6.19 -1.85 4.50
N ARG A 115 5.24 -1.09 5.05
CA ARG A 115 4.91 -1.18 6.47
C ARG A 115 3.39 -1.15 6.66
N GLU A 116 2.97 -1.41 7.89
CA GLU A 116 1.54 -1.41 8.22
C GLU A 116 1.28 -0.73 9.56
N GLU A 117 0.34 0.20 9.58
CA GLU A 117 0.00 0.93 10.79
C GLU A 117 -1.39 0.56 11.28
N ARG A 118 -1.45 -0.24 12.35
CA ARG A 118 -2.72 -0.66 12.91
C ARG A 118 -3.39 0.47 13.69
N CYS A 119 -4.40 1.08 13.08
CA CYS A 119 -5.11 2.18 13.71
C CYS A 119 -6.59 1.83 13.92
N GLY A 120 -6.86 1.10 15.01
CA GLY A 120 -8.22 0.70 15.30
C GLY A 120 -8.74 -0.34 14.33
N PRO A 121 -10.02 -0.21 13.95
CA PRO A 121 -10.67 -1.14 13.03
C PRO A 121 -10.14 -1.02 11.61
N LEU A 122 -9.15 -0.14 11.43
CA LEU A 122 -8.55 0.08 10.11
C LEU A 122 -7.07 -0.29 10.13
N THR A 123 -6.46 -0.31 8.95
CA THR A 123 -5.05 -0.65 8.82
C THR A 123 -4.41 0.11 7.65
N PHE A 124 -3.40 0.91 7.96
CA PHE A 124 -2.70 1.68 6.93
C PHE A 124 -1.38 1.01 6.55
N TYR A 125 -0.73 1.54 5.52
CA TYR A 125 0.54 0.99 5.06
C TYR A 125 1.38 2.07 4.38
N TYR A 126 2.62 2.19 4.82
CA TYR A 126 3.54 3.19 4.27
C TYR A 126 4.84 2.54 3.80
N PRO A 127 5.51 3.19 2.85
CA PRO A 127 6.78 2.70 2.30
C PRO A 127 7.91 2.77 3.32
N GLY A 128 8.40 1.60 3.74
CA GLY A 128 9.48 1.56 4.71
C GLY A 128 10.05 2.93 5.00
N SER A 129 9.60 3.54 6.10
CA SER A 129 10.07 4.86 6.49
C SER A 129 11.60 4.91 6.50
N SER A 130 12.13 6.13 6.49
CA SER A 130 13.58 6.33 6.49
C SER A 130 13.98 7.38 7.51
N MET A 1 11.66 15.74 -11.10
CA MET A 1 11.09 15.94 -12.43
C MET A 1 9.81 15.13 -12.60
N ASN A 2 9.87 13.86 -12.21
CA ASN A 2 8.71 12.98 -12.32
C ASN A 2 8.69 11.96 -11.18
N ASP A 3 7.52 11.76 -10.59
CA ASP A 3 7.36 10.82 -9.49
C ASP A 3 7.85 9.43 -9.90
N ILE A 4 8.44 8.71 -8.94
CA ILE A 4 8.94 7.36 -9.20
C ILE A 4 8.24 6.33 -8.33
N ARG A 5 8.24 5.08 -8.78
CA ARG A 5 7.60 4.00 -8.05
C ARG A 5 8.22 3.85 -6.67
N ILE A 6 7.38 3.48 -5.69
CA ILE A 6 7.85 3.30 -4.32
C ILE A 6 8.24 1.85 -4.06
N VAL A 7 7.50 0.93 -4.66
CA VAL A 7 7.77 -0.50 -4.49
C VAL A 7 7.24 -1.30 -5.68
N PRO A 8 8.16 -1.63 -6.60
CA PRO A 8 7.82 -2.41 -7.80
C PRO A 8 7.45 -3.86 -7.49
N GLN A 9 7.01 -4.59 -8.50
CA GLN A 9 6.64 -5.99 -8.32
C GLN A 9 7.75 -6.77 -7.62
N ILE A 10 7.38 -7.87 -6.99
CA ILE A 10 8.34 -8.70 -6.28
C ILE A 10 8.37 -10.12 -6.86
N THR A 11 9.49 -10.46 -7.50
CA THR A 11 9.64 -11.78 -8.09
C THR A 11 9.91 -12.84 -7.03
N ASP A 12 10.24 -14.04 -7.47
CA ASP A 12 10.51 -15.15 -6.55
C ASP A 12 11.68 -14.81 -5.64
N GLU A 13 12.53 -13.88 -6.08
CA GLU A 13 13.68 -13.46 -5.29
C GLU A 13 13.26 -13.05 -3.89
N GLU A 14 12.05 -12.53 -3.76
CA GLU A 14 11.53 -12.09 -2.47
C GLU A 14 10.56 -13.12 -1.90
N PHE A 15 9.69 -13.66 -2.76
CA PHE A 15 8.71 -14.65 -2.34
C PHE A 15 9.40 -15.91 -1.80
N LYS A 16 10.64 -16.12 -2.24
CA LYS A 16 11.41 -17.27 -1.80
C LYS A 16 11.87 -17.12 -0.36
N THR A 17 12.03 -15.88 0.08
CA THR A 17 12.46 -15.59 1.45
C THR A 17 11.30 -15.74 2.42
N ILE A 18 10.12 -16.02 1.89
CA ILE A 18 8.93 -16.19 2.72
C ILE A 18 8.24 -17.51 2.43
N PRO A 19 8.66 -18.57 3.14
CA PRO A 19 8.09 -19.92 2.98
C PRO A 19 6.66 -20.00 3.49
N LYS A 20 6.09 -21.20 3.46
CA LYS A 20 4.74 -21.43 3.93
C LYS A 20 4.57 -20.95 5.38
N TYR A 21 5.67 -20.87 6.10
CA TYR A 21 5.65 -20.42 7.49
C TYR A 21 5.32 -18.94 7.58
N GLN A 22 5.44 -18.24 6.45
CA GLN A 22 5.15 -16.82 6.39
C GLN A 22 3.91 -16.55 5.54
N LEU A 23 3.81 -17.25 4.42
CA LEU A 23 2.68 -17.08 3.52
C LEU A 23 1.45 -17.85 4.02
N GLY A 24 1.66 -19.11 4.40
CA GLY A 24 0.57 -19.92 4.90
C GLY A 24 -0.28 -20.51 3.79
N ARG A 25 -0.88 -19.64 2.98
CA ARG A 25 -1.72 -20.07 1.88
C ARG A 25 -1.67 -19.09 0.72
N LEU A 26 -0.67 -18.21 0.75
CA LEU A 26 -0.49 -17.21 -0.30
C LEU A 26 0.45 -17.71 -1.38
N THR A 27 0.61 -16.92 -2.44
CA THR A 27 1.48 -17.28 -3.55
C THR A 27 2.09 -16.04 -4.20
N LEU A 28 3.14 -16.25 -4.98
CA LEU A 28 3.81 -15.15 -5.66
C LEU A 28 2.80 -14.28 -6.41
N GLU A 29 1.85 -14.92 -7.07
CA GLU A 29 0.83 -14.20 -7.83
C GLU A 29 0.02 -13.29 -6.92
N MET A 30 -0.31 -13.79 -5.73
CA MET A 30 -1.09 -13.02 -4.77
C MET A 30 -0.32 -11.79 -4.32
N MET A 31 0.98 -11.95 -4.09
CA MET A 31 1.82 -10.85 -3.65
C MET A 31 2.13 -9.90 -4.81
N ASN A 32 2.32 -10.47 -6.00
CA ASN A 32 2.62 -9.69 -7.19
C ASN A 32 1.52 -8.66 -7.45
N GLU A 33 0.27 -9.08 -7.28
CA GLU A 33 -0.86 -8.18 -7.49
C GLU A 33 -1.07 -7.27 -6.29
N ILE A 34 -0.65 -7.73 -5.12
CA ILE A 34 -0.79 -6.95 -3.89
C ILE A 34 0.22 -5.81 -3.85
N VAL A 35 1.46 -6.13 -4.19
CA VAL A 35 2.53 -5.13 -4.19
C VAL A 35 2.39 -4.18 -5.37
N SER A 36 1.80 -4.68 -6.46
CA SER A 36 1.61 -3.88 -7.66
C SER A 36 0.50 -2.85 -7.46
N LYS A 37 -0.60 -3.29 -6.84
CA LYS A 37 -1.73 -2.42 -6.58
C LYS A 37 -1.38 -1.35 -5.55
N MET A 38 -0.80 -1.78 -4.43
CA MET A 38 -0.40 -0.87 -3.37
C MET A 38 0.58 0.19 -3.89
N ASP A 39 1.49 -0.24 -4.76
CA ASP A 39 2.47 0.66 -5.33
C ASP A 39 1.82 1.67 -6.27
N ASP A 40 0.71 1.27 -6.89
CA ASP A 40 0.00 2.13 -7.81
C ASP A 40 -0.64 3.30 -7.07
N PHE A 41 -1.39 2.99 -6.01
CA PHE A 41 -2.06 4.01 -5.22
C PHE A 41 -1.04 4.95 -4.58
N LEU A 42 0.00 4.38 -3.99
CA LEU A 42 1.05 5.16 -3.34
C LEU A 42 1.81 6.00 -4.36
N MET A 43 1.99 5.44 -5.56
CA MET A 43 2.71 6.14 -6.63
C MET A 43 1.97 7.41 -7.02
N LYS A 44 0.64 7.35 -7.07
CA LYS A 44 -0.17 8.49 -7.43
C LYS A 44 -0.15 9.55 -6.33
N LYS A 45 -0.09 9.10 -5.08
CA LYS A 45 -0.06 10.01 -3.95
C LYS A 45 1.20 10.88 -3.98
N SER A 46 2.36 10.23 -4.07
CA SER A 46 3.62 10.95 -4.11
C SER A 46 3.71 11.84 -5.35
N LYS A 47 2.98 11.46 -6.40
CA LYS A 47 2.97 12.22 -7.63
C LYS A 47 2.17 13.52 -7.47
N ILE A 48 1.18 13.49 -6.58
CA ILE A 48 0.34 14.65 -6.33
C ILE A 48 1.05 15.64 -5.40
N LEU A 49 1.85 15.12 -4.48
CA LEU A 49 2.58 15.95 -3.54
C LEU A 49 3.55 16.88 -4.27
N GLY A 50 3.88 16.53 -5.51
CA GLY A 50 4.78 17.35 -6.30
C GLY A 50 4.09 18.06 -7.44
N LYS A 51 2.99 17.47 -7.91
CA LYS A 51 2.23 18.06 -9.02
C LYS A 51 1.63 19.40 -8.61
N THR A 52 0.82 19.97 -9.50
CA THR A 52 0.16 21.24 -9.23
C THR A 52 -1.32 21.20 -9.60
N ASN A 53 -2.03 22.27 -9.28
CA ASN A 53 -3.46 22.35 -9.57
C ASN A 53 -3.71 22.14 -11.06
N LYS A 54 -2.71 22.42 -11.88
CA LYS A 54 -2.83 22.26 -13.32
C LYS A 54 -2.98 20.79 -13.69
N GLN A 55 -2.26 19.93 -12.99
CA GLN A 55 -2.31 18.49 -13.24
C GLN A 55 -3.39 17.83 -12.39
N LEU A 56 -3.59 18.35 -11.18
CA LEU A 56 -4.59 17.81 -10.26
C LEU A 56 -5.94 17.65 -10.96
N THR A 57 -6.53 16.47 -10.86
CA THR A 57 -7.81 16.20 -11.48
C THR A 57 -8.82 15.68 -10.46
N ARG A 58 -9.99 15.26 -10.94
CA ARG A 58 -11.03 14.75 -10.06
C ARG A 58 -10.49 13.64 -9.15
N SER A 59 -9.87 12.64 -9.77
CA SER A 59 -9.31 11.52 -9.03
C SER A 59 -8.32 12.00 -7.97
N ASP A 60 -7.67 13.13 -8.25
CA ASP A 60 -6.70 13.70 -7.33
C ASP A 60 -7.40 14.36 -6.14
N ARG A 61 -8.58 14.92 -6.39
CA ARG A 61 -9.34 15.58 -5.35
C ARG A 61 -10.02 14.56 -4.44
N GLU A 62 -10.46 13.46 -5.03
CA GLU A 62 -11.13 12.40 -4.27
C GLU A 62 -10.13 11.66 -3.38
N VAL A 63 -8.91 11.48 -3.89
CA VAL A 63 -7.87 10.79 -3.15
C VAL A 63 -7.32 11.65 -2.03
N LEU A 64 -7.16 12.95 -2.32
CA LEU A 64 -6.65 13.89 -1.33
C LEU A 64 -7.60 14.02 -0.15
N ASP A 65 -8.89 14.14 -0.45
CA ASP A 65 -9.91 14.29 0.59
C ASP A 65 -10.02 13.00 1.41
N ASN A 66 -9.84 11.86 0.75
CA ASN A 66 -9.92 10.56 1.41
C ASN A 66 -8.68 10.31 2.26
N TRP A 67 -7.52 10.63 1.72
CA TRP A 67 -6.26 10.44 2.42
C TRP A 67 -6.25 11.22 3.74
N ARG A 68 -6.77 12.44 3.70
CA ARG A 68 -6.81 13.29 4.89
C ARG A 68 -7.93 12.84 5.83
N GLU A 69 -8.93 12.17 5.26
CA GLU A 69 -10.06 11.68 6.05
C GLU A 69 -9.66 10.47 6.89
N LEU A 70 -8.90 9.57 6.28
CA LEU A 70 -8.45 8.36 6.97
C LEU A 70 -7.35 8.69 7.97
N GLU A 71 -6.44 9.57 7.59
CA GLU A 71 -5.34 9.96 8.46
C GLU A 71 -5.86 10.72 9.68
N MET A 72 -6.96 11.44 9.49
CA MET A 72 -7.56 12.21 10.58
C MET A 72 -8.56 11.37 11.36
N LYS A 73 -9.07 10.32 10.71
CA LYS A 73 -10.03 9.44 11.35
C LYS A 73 -9.35 8.51 12.34
N ALA A 74 -8.05 8.30 12.16
CA ALA A 74 -7.28 7.43 13.05
C ALA A 74 -7.03 8.11 14.39
N ARG A 75 -7.53 9.34 14.53
CA ARG A 75 -7.36 10.08 15.77
C ARG A 75 -5.94 9.96 16.29
N LYS A 76 -4.96 9.93 15.38
CA LYS A 76 -3.57 9.81 15.75
C LYS A 76 -2.67 10.32 14.62
N ARG A 77 -1.70 11.15 14.99
CA ARG A 77 -0.76 11.71 14.01
C ARG A 77 0.36 10.73 13.71
N LEU A 78 0.16 9.91 12.68
CA LEU A 78 1.16 8.92 12.28
C LEU A 78 2.48 9.59 11.92
N PRO A 79 3.57 8.81 11.94
CA PRO A 79 4.90 9.30 11.61
C PRO A 79 5.06 9.65 10.13
N THR A 80 4.63 8.72 9.27
CA THR A 80 4.72 8.93 7.83
C THR A 80 3.45 9.58 7.29
N THR A 81 3.57 10.18 6.12
CA THR A 81 2.42 10.84 5.49
C THR A 81 2.08 10.21 4.14
N LEU A 82 2.95 9.31 3.69
CA LEU A 82 2.74 8.62 2.42
C LEU A 82 2.25 7.20 2.64
N PHE A 83 0.98 7.07 3.03
CA PHE A 83 0.39 5.76 3.26
C PHE A 83 -0.98 5.65 2.60
N PHE A 84 -1.66 4.52 2.84
CA PHE A 84 -2.98 4.31 2.26
C PHE A 84 -3.79 3.37 3.15
N ILE A 85 -5.07 3.22 2.82
CA ILE A 85 -5.97 2.36 3.58
C ILE A 85 -6.31 1.10 2.80
N GLU A 86 -6.43 -0.02 3.52
CA GLU A 86 -6.76 -1.30 2.90
C GLU A 86 -8.06 -1.21 2.13
N THR A 87 -8.92 -0.28 2.53
CA THR A 87 -10.21 -0.10 1.87
C THR A 87 -10.05 0.59 0.53
N ASP A 88 -8.84 1.05 0.25
CA ASP A 88 -8.54 1.73 -1.01
C ASP A 88 -7.61 0.90 -1.87
N ILE A 89 -7.17 -0.24 -1.33
CA ILE A 89 -6.27 -1.13 -2.05
C ILE A 89 -6.86 -2.53 -2.19
N ARG A 90 -7.97 -2.75 -1.50
CA ARG A 90 -8.65 -4.05 -1.54
C ARG A 90 -9.60 -4.14 -2.72
N PRO A 91 -10.60 -3.24 -2.74
CA PRO A 91 -11.60 -3.20 -3.81
C PRO A 91 -11.02 -2.71 -5.13
N MET A 92 -9.70 -2.86 -5.28
CA MET A 92 -9.02 -2.44 -6.49
C MET A 92 -8.27 -3.60 -7.12
N LEU A 93 -7.88 -4.56 -6.29
CA LEU A 93 -7.15 -5.73 -6.77
C LEU A 93 -8.03 -6.60 -7.67
N GLN A 94 -8.07 -7.89 -7.37
CA GLN A 94 -8.88 -8.84 -8.14
C GLN A 94 -10.01 -9.40 -7.30
N ASP A 95 -11.06 -9.88 -7.96
CA ASP A 95 -12.21 -10.46 -7.27
C ASP A 95 -11.90 -11.88 -6.79
N ARG A 96 -10.90 -12.50 -7.42
CA ARG A 96 -10.51 -13.86 -7.07
C ARG A 96 -9.29 -13.85 -6.16
N LEU A 97 -8.68 -12.68 -6.00
CA LEU A 97 -7.50 -12.55 -5.15
C LEU A 97 -7.83 -12.82 -3.70
N ARG A 98 -9.06 -12.51 -3.30
CA ARG A 98 -9.51 -12.73 -1.93
C ARG A 98 -8.67 -11.91 -0.95
N PRO A 99 -9.21 -11.75 0.27
CA PRO A 99 -8.52 -10.98 1.32
C PRO A 99 -7.28 -11.70 1.85
N SER A 100 -6.24 -11.75 1.02
CA SER A 100 -5.00 -12.41 1.40
C SER A 100 -4.00 -11.40 1.98
N PHE A 101 -4.27 -10.12 1.74
CA PHE A 101 -3.41 -9.06 2.25
C PHE A 101 -3.14 -9.22 3.74
N ALA A 102 -4.21 -9.33 4.52
CA ALA A 102 -4.09 -9.50 5.96
C ALA A 102 -3.18 -10.67 6.30
N LYS A 103 -3.05 -11.61 5.37
CA LYS A 103 -2.20 -12.77 5.57
C LYS A 103 -0.81 -12.54 5.01
N ALA A 104 -0.71 -11.61 4.06
CA ALA A 104 0.58 -11.30 3.44
C ALA A 104 1.28 -10.15 4.17
N ILE A 105 0.55 -9.52 5.10
CA ILE A 105 1.10 -8.41 5.87
C ILE A 105 2.47 -8.76 6.44
N PRO A 106 2.54 -9.91 7.12
CA PRO A 106 3.79 -10.39 7.73
C PRO A 106 4.82 -10.82 6.69
N CYS A 107 4.33 -11.36 5.57
CA CYS A 107 5.22 -11.81 4.50
C CYS A 107 5.70 -10.63 3.67
N LEU A 108 5.13 -9.45 3.92
CA LEU A 108 5.50 -8.25 3.19
C LEU A 108 6.44 -7.38 4.02
N ARG A 109 6.32 -7.48 5.34
CA ARG A 109 7.17 -6.70 6.24
C ARG A 109 8.43 -7.48 6.61
N HIS A 110 8.31 -8.80 6.67
CA HIS A 110 9.44 -9.66 7.01
C HIS A 110 10.60 -9.43 6.05
N ILE A 111 10.29 -8.89 4.88
CA ILE A 111 11.32 -8.61 3.88
C ILE A 111 11.78 -7.16 3.94
N ARG A 112 11.05 -6.35 4.69
CA ARG A 112 11.39 -4.94 4.84
C ARG A 112 11.10 -4.17 3.55
N ARG A 113 9.87 -4.30 3.06
CA ARG A 113 9.46 -3.63 1.83
C ARG A 113 8.35 -2.63 2.11
N ILE A 114 7.54 -2.92 3.12
CA ILE A 114 6.42 -2.05 3.48
C ILE A 114 6.17 -2.09 4.99
N ARG A 115 5.18 -1.32 5.43
CA ARG A 115 4.83 -1.26 6.85
C ARG A 115 3.32 -1.17 7.03
N GLU A 116 2.88 -1.33 8.28
CA GLU A 116 1.46 -1.27 8.59
C GLU A 116 1.22 -0.65 9.96
N GLU A 117 0.34 0.35 10.02
CA GLU A 117 0.03 1.03 11.27
C GLU A 117 -1.42 0.78 11.68
N ARG A 118 -1.61 -0.05 12.69
CA ARG A 118 -2.94 -0.37 13.18
C ARG A 118 -3.45 0.71 14.13
N CYS A 119 -4.33 1.57 13.60
CA CYS A 119 -4.89 2.66 14.40
C CYS A 119 -6.42 2.62 14.37
N GLY A 120 -7.02 2.03 15.39
CA GLY A 120 -8.46 1.94 15.46
C GLY A 120 -9.05 1.23 14.26
N PRO A 121 -10.29 1.62 13.89
CA PRO A 121 -10.98 1.03 12.74
C PRO A 121 -10.36 1.43 11.41
N LEU A 122 -9.03 1.43 11.36
CA LEU A 122 -8.30 1.79 10.15
C LEU A 122 -6.97 1.05 10.08
N THR A 123 -6.34 1.10 8.91
CA THR A 123 -5.06 0.44 8.71
C THR A 123 -4.24 1.14 7.64
N PHE A 124 -3.14 1.78 8.06
CA PHE A 124 -2.27 2.49 7.13
C PHE A 124 -1.10 1.62 6.69
N TYR A 125 -0.45 2.01 5.61
CA TYR A 125 0.69 1.26 5.08
C TYR A 125 1.66 2.18 4.37
N TYR A 126 2.89 2.24 4.88
CA TYR A 126 3.92 3.09 4.28
C TYR A 126 5.15 2.26 3.91
N PRO A 127 5.96 2.79 2.98
CA PRO A 127 7.17 2.14 2.50
C PRO A 127 8.26 2.10 3.57
N GLY A 128 8.37 0.98 4.27
CA GLY A 128 9.37 0.85 5.31
C GLY A 128 9.35 2.00 6.29
N SER A 129 10.52 2.31 6.85
CA SER A 129 10.63 3.41 7.82
C SER A 129 11.69 4.41 7.38
N SER A 130 12.81 3.90 6.87
CA SER A 130 13.90 4.76 6.42
C SER A 130 13.54 5.44 5.10
N MET A 1 9.54 12.28 -16.16
CA MET A 1 9.34 11.02 -15.43
C MET A 1 9.64 11.19 -13.94
N ASN A 2 9.10 12.27 -13.37
CA ASN A 2 9.30 12.55 -11.95
C ASN A 2 8.44 11.65 -11.08
N ASP A 3 7.29 11.25 -11.61
CA ASP A 3 6.36 10.38 -10.88
C ASP A 3 6.81 8.93 -10.96
N ILE A 4 7.49 8.47 -9.91
CA ILE A 4 7.97 7.09 -9.86
C ILE A 4 7.34 6.33 -8.69
N ARG A 5 7.36 5.01 -8.78
CA ARG A 5 6.79 4.17 -7.74
C ARG A 5 7.66 4.21 -6.48
N ILE A 6 7.21 3.51 -5.43
CA ILE A 6 7.94 3.47 -4.18
C ILE A 6 8.31 2.03 -3.81
N VAL A 7 7.64 1.08 -4.43
CA VAL A 7 7.89 -0.34 -4.17
C VAL A 7 7.53 -1.20 -5.37
N PRO A 8 8.56 -1.69 -6.07
CA PRO A 8 8.38 -2.53 -7.27
C PRO A 8 7.84 -3.91 -6.92
N GLN A 9 7.64 -4.73 -7.94
CA GLN A 9 7.11 -6.08 -7.74
C GLN A 9 8.20 -7.01 -7.19
N ILE A 10 7.78 -8.15 -6.66
CA ILE A 10 8.71 -9.13 -6.11
C ILE A 10 8.65 -10.45 -6.88
N THR A 11 9.81 -10.92 -7.33
CA THR A 11 9.89 -12.16 -8.07
C THR A 11 10.33 -13.31 -7.17
N ASP A 12 10.61 -14.46 -7.77
CA ASP A 12 11.04 -15.64 -7.03
C ASP A 12 12.29 -15.33 -6.20
N GLU A 13 13.02 -14.29 -6.61
CA GLU A 13 14.23 -13.90 -5.90
C GLU A 13 13.90 -13.29 -4.54
N GLU A 14 12.73 -12.67 -4.43
CA GLU A 14 12.30 -12.06 -3.19
C GLU A 14 11.29 -12.94 -2.47
N PHE A 15 10.31 -13.45 -3.21
CA PHE A 15 9.28 -14.31 -2.64
C PHE A 15 9.90 -15.49 -1.92
N LYS A 16 11.03 -15.98 -2.45
CA LYS A 16 11.72 -17.12 -1.86
C LYS A 16 12.11 -16.82 -0.42
N THR A 17 12.18 -15.55 -0.08
CA THR A 17 12.55 -15.13 1.27
C THR A 17 11.38 -15.30 2.24
N ILE A 18 10.20 -15.58 1.69
CA ILE A 18 9.01 -15.77 2.49
C ILE A 18 8.51 -17.21 2.41
N PRO A 19 8.84 -18.01 3.44
CA PRO A 19 8.43 -19.41 3.51
C PRO A 19 6.93 -19.57 3.72
N LYS A 20 6.44 -20.79 3.54
CA LYS A 20 5.02 -21.08 3.72
C LYS A 20 4.56 -20.70 5.12
N TYR A 21 5.52 -20.58 6.04
CA TYR A 21 5.21 -20.22 7.42
C TYR A 21 4.57 -18.83 7.49
N GLN A 22 4.72 -18.06 6.41
CA GLN A 22 4.16 -16.72 6.35
C GLN A 22 3.12 -16.61 5.24
N LEU A 23 3.38 -17.30 4.13
CA LEU A 23 2.47 -17.28 2.99
C LEU A 23 1.17 -18.01 3.32
N GLY A 24 1.30 -19.22 3.86
CA GLY A 24 0.14 -20.00 4.21
C GLY A 24 -0.59 -20.54 3.00
N ARG A 25 -1.40 -19.70 2.37
CA ARG A 25 -2.15 -20.11 1.18
C ARG A 25 -1.94 -19.11 0.04
N LEU A 26 -0.97 -18.23 0.20
CA LEU A 26 -0.66 -17.23 -0.81
C LEU A 26 0.38 -17.76 -1.80
N THR A 27 0.74 -16.93 -2.77
CA THR A 27 1.72 -17.30 -3.78
C THR A 27 2.37 -16.08 -4.41
N LEU A 28 3.45 -16.30 -5.14
CA LEU A 28 4.16 -15.21 -5.81
C LEU A 28 3.20 -14.33 -6.61
N GLU A 29 2.26 -14.97 -7.29
CA GLU A 29 1.27 -14.24 -8.09
C GLU A 29 0.43 -13.33 -7.22
N MET A 30 0.03 -13.83 -6.05
CA MET A 30 -0.78 -13.05 -5.13
C MET A 30 -0.02 -11.84 -4.62
N MET A 31 1.28 -12.03 -4.35
CA MET A 31 2.12 -10.95 -3.87
C MET A 31 2.46 -9.97 -4.98
N ASN A 32 2.70 -10.50 -6.18
CA ASN A 32 3.02 -9.67 -7.33
C ASN A 32 1.92 -8.65 -7.60
N GLU A 33 0.67 -9.11 -7.53
CA GLU A 33 -0.47 -8.23 -7.77
C GLU A 33 -0.71 -7.31 -6.57
N ILE A 34 -0.31 -7.77 -5.39
CA ILE A 34 -0.48 -6.99 -4.17
C ILE A 34 0.50 -5.82 -4.13
N VAL A 35 1.77 -6.11 -4.36
CA VAL A 35 2.81 -5.09 -4.34
C VAL A 35 2.64 -4.12 -5.51
N SER A 36 2.05 -4.62 -6.60
CA SER A 36 1.83 -3.80 -7.79
C SER A 36 0.71 -2.79 -7.55
N LYS A 37 -0.39 -3.26 -6.97
CA LYS A 37 -1.53 -2.40 -6.69
C LYS A 37 -1.20 -1.40 -5.57
N MET A 38 -0.57 -1.90 -4.52
CA MET A 38 -0.20 -1.05 -3.38
C MET A 38 0.69 0.09 -3.84
N ASP A 39 1.77 -0.25 -4.54
CA ASP A 39 2.71 0.75 -5.04
C ASP A 39 2.03 1.71 -6.01
N ASP A 40 1.05 1.19 -6.75
CA ASP A 40 0.33 1.99 -7.71
C ASP A 40 -0.37 3.17 -7.04
N PHE A 41 -1.14 2.86 -6.00
CA PHE A 41 -1.86 3.89 -5.26
C PHE A 41 -0.90 4.86 -4.58
N LEU A 42 0.08 4.32 -3.87
CA LEU A 42 1.07 5.13 -3.18
C LEU A 42 1.87 5.96 -4.16
N MET A 43 2.08 5.41 -5.37
CA MET A 43 2.84 6.11 -6.40
C MET A 43 2.09 7.35 -6.88
N LYS A 44 0.77 7.24 -6.97
CA LYS A 44 -0.06 8.35 -7.41
C LYS A 44 -0.09 9.47 -6.38
N LYS A 45 -0.08 9.07 -5.10
CA LYS A 45 -0.10 10.04 -4.01
C LYS A 45 1.17 10.88 -4.01
N SER A 46 2.32 10.21 -3.97
CA SER A 46 3.61 10.90 -3.97
C SER A 46 3.78 11.76 -5.21
N LYS A 47 3.11 11.36 -6.29
CA LYS A 47 3.18 12.09 -7.55
C LYS A 47 2.38 13.39 -7.46
N ILE A 48 1.34 13.39 -6.65
CA ILE A 48 0.49 14.55 -6.48
C ILE A 48 1.13 15.56 -5.53
N LEU A 49 1.89 15.06 -4.56
CA LEU A 49 2.55 15.91 -3.58
C LEU A 49 3.57 16.82 -4.26
N GLY A 50 4.03 16.42 -5.44
CA GLY A 50 5.00 17.21 -6.18
C GLY A 50 4.37 17.99 -7.31
N LYS A 51 3.39 17.38 -7.98
CA LYS A 51 2.71 18.03 -9.08
C LYS A 51 2.16 19.40 -8.67
N THR A 52 1.80 20.21 -9.65
CA THR A 52 1.26 21.54 -9.39
C THR A 52 -0.25 21.56 -9.52
N ASN A 53 -0.87 22.65 -9.08
CA ASN A 53 -2.32 22.80 -9.15
C ASN A 53 -2.79 22.85 -10.59
N LYS A 54 -1.88 23.17 -11.49
CA LYS A 54 -2.21 23.26 -12.91
C LYS A 54 -2.35 21.86 -13.52
N GLN A 55 -1.45 20.97 -13.14
CA GLN A 55 -1.48 19.59 -13.65
C GLN A 55 -2.42 18.73 -12.82
N LEU A 56 -2.52 19.04 -11.53
CA LEU A 56 -3.39 18.28 -10.64
C LEU A 56 -4.82 18.23 -11.17
N THR A 57 -5.45 17.06 -11.03
CA THR A 57 -6.81 16.87 -11.51
C THR A 57 -7.76 16.60 -10.35
N ARG A 58 -9.01 16.30 -10.68
CA ARG A 58 -10.02 16.01 -9.66
C ARG A 58 -9.67 14.75 -8.88
N SER A 59 -9.13 13.76 -9.57
CA SER A 59 -8.75 12.49 -8.95
C SER A 59 -7.76 12.73 -7.81
N ASP A 60 -6.86 13.69 -8.00
CA ASP A 60 -5.87 14.02 -6.99
C ASP A 60 -6.51 14.73 -5.80
N ARG A 61 -7.55 15.50 -6.07
CA ARG A 61 -8.25 16.24 -5.03
C ARG A 61 -9.17 15.32 -4.24
N GLU A 62 -9.83 14.39 -4.94
CA GLU A 62 -10.74 13.44 -4.31
C GLU A 62 -9.97 12.49 -3.39
N VAL A 63 -8.78 12.08 -3.82
CA VAL A 63 -7.95 11.17 -3.04
C VAL A 63 -7.34 11.88 -1.85
N LEU A 64 -6.89 13.11 -2.06
CA LEU A 64 -6.27 13.90 -0.99
C LEU A 64 -7.25 14.10 0.17
N ASP A 65 -8.50 14.43 -0.17
CA ASP A 65 -9.52 14.65 0.84
C ASP A 65 -9.91 13.34 1.52
N ASN A 66 -9.90 12.25 0.75
CA ASN A 66 -10.26 10.94 1.29
C ASN A 66 -9.15 10.41 2.18
N TRP A 67 -7.90 10.61 1.76
CA TRP A 67 -6.75 10.15 2.52
C TRP A 67 -6.65 10.88 3.86
N ARG A 68 -7.00 12.16 3.85
CA ARG A 68 -6.95 12.98 5.06
C ARG A 68 -8.12 12.64 5.98
N GLU A 69 -9.20 12.14 5.41
CA GLU A 69 -10.39 11.80 6.18
C GLU A 69 -10.16 10.50 6.96
N LEU A 70 -9.50 9.54 6.32
CA LEU A 70 -9.22 8.26 6.95
C LEU A 70 -8.09 8.39 7.96
N GLU A 71 -7.15 9.30 7.69
CA GLU A 71 -6.02 9.51 8.58
C GLU A 71 -6.46 10.22 9.85
N MET A 72 -7.47 11.09 9.73
CA MET A 72 -7.98 11.84 10.87
C MET A 72 -9.09 11.06 11.57
N LYS A 73 -9.59 10.02 10.91
CA LYS A 73 -10.65 9.19 11.47
C LYS A 73 -10.07 8.02 12.26
N ALA A 74 -8.81 7.70 12.00
CA ALA A 74 -8.13 6.61 12.69
C ALA A 74 -7.81 6.99 14.13
N ARG A 75 -8.12 8.22 14.50
CA ARG A 75 -7.86 8.71 15.85
C ARG A 75 -6.45 8.33 16.30
N LYS A 76 -5.45 8.74 15.52
CA LYS A 76 -4.07 8.44 15.84
C LYS A 76 -3.12 9.40 15.11
N ARG A 77 -1.98 9.67 15.72
CA ARG A 77 -0.99 10.57 15.13
C ARG A 77 0.04 9.80 14.33
N LEU A 78 -0.17 9.75 13.02
CA LEU A 78 0.75 9.03 12.13
C LEU A 78 1.76 9.99 11.51
N PRO A 79 3.02 9.90 11.96
CA PRO A 79 4.10 10.74 11.47
C PRO A 79 4.50 10.41 10.03
N THR A 80 3.53 10.49 9.12
CA THR A 80 3.77 10.19 7.72
C THR A 80 2.63 10.70 6.85
N THR A 81 2.93 10.95 5.58
CA THR A 81 1.93 11.45 4.64
C THR A 81 2.01 10.69 3.31
N LEU A 82 2.44 9.44 3.37
CA LEU A 82 2.55 8.60 2.18
C LEU A 82 2.07 7.18 2.46
N PHE A 83 0.83 7.05 2.90
CA PHE A 83 0.25 5.75 3.20
C PHE A 83 -1.14 5.61 2.59
N PHE A 84 -1.72 4.42 2.71
CA PHE A 84 -3.04 4.15 2.17
C PHE A 84 -3.82 3.21 3.06
N ILE A 85 -5.12 3.09 2.81
CA ILE A 85 -5.98 2.22 3.61
C ILE A 85 -6.32 0.94 2.84
N GLU A 86 -6.42 -0.17 3.56
CA GLU A 86 -6.74 -1.45 2.95
C GLU A 86 -8.06 -1.38 2.20
N THR A 87 -8.93 -0.45 2.60
CA THR A 87 -10.22 -0.28 1.97
C THR A 87 -10.08 0.43 0.62
N ASP A 88 -8.88 0.90 0.33
CA ASP A 88 -8.61 1.60 -0.92
C ASP A 88 -7.98 0.66 -1.94
N ILE A 89 -7.22 -0.32 -1.46
CA ILE A 89 -6.57 -1.29 -2.33
C ILE A 89 -7.37 -2.59 -2.40
N ARG A 90 -8.14 -2.87 -1.36
CA ARG A 90 -8.95 -4.07 -1.31
C ARG A 90 -9.76 -4.24 -2.59
N PRO A 91 -10.60 -3.24 -2.90
CA PRO A 91 -11.43 -3.25 -4.10
C PRO A 91 -10.62 -3.11 -5.38
N MET A 92 -9.30 -3.08 -5.24
CA MET A 92 -8.41 -2.95 -6.39
C MET A 92 -7.69 -4.26 -6.67
N LEU A 93 -7.34 -4.98 -5.61
CA LEU A 93 -6.64 -6.26 -5.75
C LEU A 93 -7.54 -7.31 -6.40
N GLN A 94 -7.86 -8.35 -5.65
CA GLN A 94 -8.72 -9.42 -6.16
C GLN A 94 -9.64 -9.94 -5.07
N ASP A 95 -10.82 -10.40 -5.46
CA ASP A 95 -11.80 -10.93 -4.52
C ASP A 95 -11.18 -12.01 -3.64
N ARG A 96 -10.60 -13.02 -4.28
CA ARG A 96 -9.97 -14.12 -3.55
C ARG A 96 -8.67 -13.68 -2.91
N LEU A 97 -8.24 -12.46 -3.24
CA LEU A 97 -7.00 -11.91 -2.70
C LEU A 97 -7.28 -11.05 -1.46
N ARG A 98 -8.54 -10.68 -1.29
CA ARG A 98 -8.95 -9.87 -0.15
C ARG A 98 -8.43 -10.46 1.16
N PRO A 99 -8.83 -11.71 1.44
CA PRO A 99 -8.43 -12.42 2.66
C PRO A 99 -6.95 -12.79 2.64
N SER A 100 -6.29 -12.53 1.52
CA SER A 100 -4.87 -12.86 1.36
C SER A 100 -4.00 -11.69 1.84
N PHE A 101 -4.61 -10.51 1.95
CA PHE A 101 -3.90 -9.32 2.37
C PHE A 101 -3.40 -9.47 3.80
N ALA A 102 -4.32 -9.78 4.72
CA ALA A 102 -3.97 -9.96 6.13
C ALA A 102 -2.84 -10.97 6.29
N LYS A 103 -2.70 -11.85 5.30
CA LYS A 103 -1.66 -12.88 5.33
C LYS A 103 -0.42 -12.42 4.58
N ALA A 104 -0.59 -11.45 3.69
CA ALA A 104 0.52 -10.92 2.91
C ALA A 104 1.24 -9.81 3.68
N ILE A 105 0.54 -9.21 4.65
CA ILE A 105 1.12 -8.14 5.45
C ILE A 105 2.50 -8.53 5.96
N PRO A 106 2.60 -9.70 6.59
CA PRO A 106 3.86 -10.20 7.14
C PRO A 106 4.86 -10.60 6.04
N CYS A 107 4.32 -11.02 4.90
CA CYS A 107 5.16 -11.43 3.77
C CYS A 107 5.73 -10.22 3.05
N LEU A 108 5.15 -9.05 3.33
CA LEU A 108 5.60 -7.80 2.70
C LEU A 108 6.62 -7.09 3.58
N ARG A 109 6.42 -7.15 4.88
CA ARG A 109 7.31 -6.51 5.83
C ARG A 109 8.52 -7.39 6.12
N HIS A 110 8.32 -8.71 6.01
CA HIS A 110 9.40 -9.66 6.25
C HIS A 110 10.61 -9.37 5.37
N ILE A 111 10.36 -8.67 4.26
CA ILE A 111 11.41 -8.33 3.32
C ILE A 111 11.84 -6.87 3.48
N ARG A 112 11.09 -6.13 4.30
CA ARG A 112 11.39 -4.72 4.52
C ARG A 112 11.10 -3.89 3.28
N ARG A 113 9.86 -3.98 2.80
CA ARG A 113 9.44 -3.23 1.61
C ARG A 113 8.33 -2.25 1.96
N ILE A 114 7.53 -2.59 2.96
CA ILE A 114 6.43 -1.72 3.38
C ILE A 114 6.17 -1.87 4.87
N ARG A 115 5.17 -1.14 5.37
CA ARG A 115 4.82 -1.18 6.78
C ARG A 115 3.31 -1.14 6.97
N GLU A 116 2.86 -1.31 8.20
CA GLU A 116 1.43 -1.29 8.51
C GLU A 116 1.19 -0.76 9.92
N GLU A 117 0.33 0.25 10.02
CA GLU A 117 0.00 0.86 11.31
C GLU A 117 -1.44 0.57 11.69
N ARG A 118 -1.63 -0.37 12.63
CA ARG A 118 -2.96 -0.72 13.08
C ARG A 118 -3.56 0.37 13.95
N CYS A 119 -4.46 1.16 13.38
CA CYS A 119 -5.10 2.25 14.10
C CYS A 119 -6.61 2.05 14.15
N GLY A 120 -7.07 1.22 15.09
CA GLY A 120 -8.48 0.97 15.22
C GLY A 120 -9.04 0.18 14.05
N PRO A 121 -10.26 0.52 13.63
CA PRO A 121 -10.93 -0.14 12.51
C PRO A 121 -10.27 0.16 11.17
N LEU A 122 -9.18 0.92 11.22
CA LEU A 122 -8.45 1.28 10.00
C LEU A 122 -7.05 0.69 10.01
N THR A 123 -6.37 0.78 8.87
CA THR A 123 -5.02 0.25 8.74
C THR A 123 -4.25 0.95 7.63
N PHE A 124 -3.19 1.64 7.99
CA PHE A 124 -2.37 2.36 7.01
C PHE A 124 -1.18 1.53 6.58
N TYR A 125 -0.50 1.97 5.53
CA TYR A 125 0.67 1.25 5.02
C TYR A 125 1.63 2.21 4.33
N TYR A 126 2.84 2.30 4.86
CA TYR A 126 3.86 3.19 4.29
C TYR A 126 5.09 2.39 3.86
N PRO A 127 5.78 2.89 2.82
CA PRO A 127 6.98 2.24 2.29
C PRO A 127 8.17 2.35 3.25
N GLY A 128 8.32 1.35 4.11
CA GLY A 128 9.41 1.35 5.07
C GLY A 128 9.57 2.69 5.76
N SER A 129 8.80 2.92 6.81
CA SER A 129 8.86 4.17 7.56
C SER A 129 10.29 4.48 7.96
N SER A 130 10.85 3.66 8.84
CA SER A 130 12.22 3.85 9.31
C SER A 130 13.22 3.29 8.32
N MET A 1 10.82 17.48 -9.74
CA MET A 1 9.38 17.24 -9.65
C MET A 1 8.99 16.00 -10.44
N ASN A 2 9.71 14.90 -10.21
CA ASN A 2 9.43 13.65 -10.89
C ASN A 2 8.69 12.68 -9.97
N ASP A 3 7.83 11.86 -10.56
CA ASP A 3 7.07 10.88 -9.80
C ASP A 3 7.47 9.46 -10.18
N ILE A 4 8.12 8.77 -9.25
CA ILE A 4 8.56 7.40 -9.49
C ILE A 4 7.91 6.43 -8.50
N ARG A 5 7.82 5.17 -8.90
CA ARG A 5 7.22 4.15 -8.06
C ARG A 5 7.88 4.12 -6.68
N ILE A 6 7.18 3.56 -5.70
CA ILE A 6 7.69 3.47 -4.35
C ILE A 6 7.95 2.02 -3.94
N VAL A 7 7.23 1.10 -4.57
CA VAL A 7 7.37 -0.32 -4.28
C VAL A 7 7.00 -1.17 -5.50
N PRO A 8 8.01 -1.61 -6.25
CA PRO A 8 7.81 -2.45 -7.44
C PRO A 8 7.32 -3.85 -7.10
N GLN A 9 6.94 -4.60 -8.12
CA GLN A 9 6.45 -5.96 -7.93
C GLN A 9 7.56 -6.87 -7.42
N ILE A 10 7.18 -8.03 -6.89
CA ILE A 10 8.15 -8.99 -6.36
C ILE A 10 8.00 -10.34 -7.05
N THR A 11 9.03 -10.74 -7.79
CA THR A 11 9.02 -12.02 -8.50
C THR A 11 9.40 -13.16 -7.56
N ASP A 12 9.57 -14.35 -8.14
CA ASP A 12 9.94 -15.52 -7.36
C ASP A 12 11.22 -15.28 -6.58
N GLU A 13 12.06 -14.38 -7.08
CA GLU A 13 13.32 -14.05 -6.43
C GLU A 13 13.07 -13.49 -5.02
N GLU A 14 11.92 -12.84 -4.84
CA GLU A 14 11.57 -12.26 -3.55
C GLU A 14 10.45 -13.06 -2.89
N PHE A 15 9.49 -13.51 -3.69
CA PHE A 15 8.36 -14.28 -3.17
C PHE A 15 8.85 -15.51 -2.40
N LYS A 16 9.93 -16.12 -2.90
CA LYS A 16 10.50 -17.30 -2.26
C LYS A 16 11.52 -16.90 -1.20
N THR A 17 11.73 -15.60 -1.04
CA THR A 17 12.68 -15.09 -0.06
C THR A 17 12.08 -15.12 1.34
N ILE A 18 10.81 -15.50 1.44
CA ILE A 18 10.13 -15.56 2.72
C ILE A 18 9.73 -17.00 3.06
N PRO A 19 9.68 -17.30 4.36
CA PRO A 19 9.31 -18.63 4.85
C PRO A 19 7.84 -18.95 4.62
N LYS A 20 7.54 -20.23 4.43
CA LYS A 20 6.16 -20.66 4.20
C LYS A 20 5.29 -20.39 5.42
N TYR A 21 5.93 -20.29 6.59
CA TYR A 21 5.21 -20.03 7.83
C TYR A 21 4.50 -18.69 7.78
N GLN A 22 4.90 -17.85 6.83
CA GLN A 22 4.29 -16.53 6.67
C GLN A 22 3.39 -16.48 5.45
N LEU A 23 3.74 -17.26 4.43
CA LEU A 23 2.96 -17.31 3.19
C LEU A 23 1.54 -17.80 3.46
N GLY A 24 1.43 -18.99 4.05
CA GLY A 24 0.12 -19.55 4.35
C GLY A 24 -0.74 -19.70 3.11
N ARG A 25 -0.37 -20.65 2.25
CA ARG A 25 -1.11 -20.89 1.02
C ARG A 25 -1.00 -19.70 0.07
N LEU A 26 -0.08 -18.79 0.37
CA LEU A 26 0.12 -17.62 -0.47
C LEU A 26 0.78 -17.99 -1.79
N THR A 27 0.60 -17.14 -2.80
CA THR A 27 1.18 -17.37 -4.11
C THR A 27 1.73 -16.08 -4.72
N LEU A 28 2.72 -16.22 -5.58
CA LEU A 28 3.33 -15.06 -6.22
C LEU A 28 2.26 -14.15 -6.83
N GLU A 29 1.24 -14.75 -7.44
CA GLU A 29 0.17 -14.00 -8.05
C GLU A 29 -0.56 -13.14 -7.02
N MET A 30 -0.71 -13.67 -5.82
CA MET A 30 -1.38 -12.96 -4.74
C MET A 30 -0.56 -11.75 -4.29
N MET A 31 0.75 -11.95 -4.13
CA MET A 31 1.64 -10.88 -3.71
C MET A 31 1.92 -9.92 -4.87
N ASN A 32 1.88 -10.46 -6.08
CA ASN A 32 2.13 -9.65 -7.27
C ASN A 32 1.05 -8.59 -7.45
N GLU A 33 -0.19 -8.97 -7.21
CA GLU A 33 -1.31 -8.05 -7.34
C GLU A 33 -1.43 -7.15 -6.10
N ILE A 34 -1.00 -7.67 -4.96
CA ILE A 34 -1.05 -6.92 -3.71
C ILE A 34 -0.04 -5.78 -3.72
N VAL A 35 1.20 -6.09 -4.09
CA VAL A 35 2.26 -5.10 -4.14
C VAL A 35 2.07 -4.15 -5.32
N SER A 36 1.49 -4.66 -6.40
CA SER A 36 1.25 -3.87 -7.60
C SER A 36 0.18 -2.81 -7.35
N LYS A 37 -0.96 -3.25 -6.81
CA LYS A 37 -2.06 -2.35 -6.51
C LYS A 37 -1.65 -1.30 -5.48
N MET A 38 -1.12 -1.77 -4.35
CA MET A 38 -0.69 -0.88 -3.28
C MET A 38 0.24 0.20 -3.83
N ASP A 39 1.20 -0.21 -4.65
CA ASP A 39 2.15 0.74 -5.23
C ASP A 39 1.44 1.73 -6.13
N ASP A 40 0.36 1.31 -6.76
CA ASP A 40 -0.41 2.18 -7.65
C ASP A 40 -1.02 3.34 -6.87
N PHE A 41 -1.63 3.03 -5.73
CA PHE A 41 -2.25 4.05 -4.90
C PHE A 41 -1.21 5.03 -4.36
N LEU A 42 -0.17 4.48 -3.72
CA LEU A 42 0.89 5.31 -3.16
C LEU A 42 1.61 6.08 -4.26
N MET A 43 1.73 5.47 -5.43
CA MET A 43 2.39 6.11 -6.55
C MET A 43 1.67 7.37 -6.98
N LYS A 44 0.34 7.32 -6.96
CA LYS A 44 -0.49 8.47 -7.34
C LYS A 44 -0.37 9.58 -6.30
N LYS A 45 -0.24 9.20 -5.03
CA LYS A 45 -0.13 10.17 -3.95
C LYS A 45 1.13 11.01 -4.11
N SER A 46 2.28 10.34 -4.23
CA SER A 46 3.55 11.04 -4.38
C SER A 46 3.58 11.84 -5.68
N LYS A 47 2.77 11.41 -6.65
CA LYS A 47 2.70 12.08 -7.93
C LYS A 47 1.98 13.42 -7.81
N ILE A 48 1.05 13.51 -6.86
CA ILE A 48 0.29 14.74 -6.64
C ILE A 48 1.09 15.72 -5.78
N LEU A 49 1.89 15.19 -4.87
CA LEU A 49 2.71 16.03 -4.00
C LEU A 49 3.72 16.84 -4.79
N GLY A 50 3.97 16.41 -6.03
CA GLY A 50 4.92 17.12 -6.87
C GLY A 50 4.23 17.84 -8.02
N LYS A 51 3.15 17.25 -8.54
CA LYS A 51 2.42 17.85 -9.64
C LYS A 51 2.04 19.30 -9.34
N THR A 52 1.54 19.99 -10.34
CA THR A 52 1.14 21.39 -10.19
C THR A 52 -0.33 21.59 -10.54
N ASN A 53 -0.76 22.85 -10.53
CA ASN A 53 -2.15 23.18 -10.85
C ASN A 53 -2.43 22.95 -12.33
N LYS A 54 -1.37 22.73 -13.09
CA LYS A 54 -1.51 22.49 -14.53
C LYS A 54 -1.91 21.05 -14.81
N GLN A 55 -1.26 20.11 -14.13
CA GLN A 55 -1.56 18.70 -14.31
C GLN A 55 -2.61 18.23 -13.31
N LEU A 56 -2.71 18.94 -12.18
CA LEU A 56 -3.67 18.59 -11.14
C LEU A 56 -5.08 18.50 -11.72
N THR A 57 -5.71 17.36 -11.55
CA THR A 57 -7.06 17.14 -12.04
C THR A 57 -7.98 16.61 -10.94
N ARG A 58 -9.21 16.27 -11.32
CA ARG A 58 -10.18 15.74 -10.36
C ARG A 58 -9.59 14.59 -9.56
N SER A 59 -8.93 13.66 -10.27
CA SER A 59 -8.33 12.50 -9.62
C SER A 59 -7.44 12.93 -8.45
N ASP A 60 -6.81 14.08 -8.60
CA ASP A 60 -5.92 14.60 -7.56
C ASP A 60 -6.73 15.17 -6.39
N ARG A 61 -7.88 15.76 -6.71
CA ARG A 61 -8.74 16.34 -5.69
C ARG A 61 -9.44 15.25 -4.88
N GLU A 62 -9.85 14.18 -5.56
CA GLU A 62 -10.53 13.07 -4.90
C GLU A 62 -9.57 12.31 -4.00
N VAL A 63 -8.35 12.10 -4.47
CA VAL A 63 -7.33 11.39 -3.70
C VAL A 63 -6.87 12.21 -2.51
N LEU A 64 -6.74 13.52 -2.72
CA LEU A 64 -6.31 14.43 -1.66
C LEU A 64 -7.29 14.44 -0.50
N ASP A 65 -8.58 14.50 -0.84
CA ASP A 65 -9.64 14.52 0.17
C ASP A 65 -9.67 13.20 0.94
N ASN A 66 -9.60 12.10 0.21
CA ASN A 66 -9.62 10.77 0.82
C ASN A 66 -8.39 10.55 1.69
N TRP A 67 -7.23 10.92 1.17
CA TRP A 67 -5.98 10.77 1.90
C TRP A 67 -6.05 11.45 3.26
N ARG A 68 -6.48 12.71 3.25
CA ARG A 68 -6.59 13.49 4.48
C ARG A 68 -7.64 12.88 5.41
N GLU A 69 -8.56 12.11 4.84
CA GLU A 69 -9.61 11.47 5.62
C GLU A 69 -9.06 10.29 6.42
N LEU A 70 -8.08 9.61 5.84
CA LEU A 70 -7.46 8.46 6.50
C LEU A 70 -6.51 8.90 7.60
N GLU A 71 -5.68 9.90 7.29
CA GLU A 71 -4.72 10.43 8.26
C GLU A 71 -5.43 11.11 9.42
N MET A 72 -6.63 11.64 9.14
CA MET A 72 -7.41 12.32 10.17
C MET A 72 -8.29 11.33 10.92
N LYS A 73 -8.49 10.16 10.33
CA LYS A 73 -9.33 9.12 10.94
C LYS A 73 -8.49 8.25 11.88
N ALA A 74 -7.18 8.32 11.74
CA ALA A 74 -6.28 7.54 12.58
C ALA A 74 -6.22 8.10 14.00
N ARG A 75 -7.00 9.15 14.25
CA ARG A 75 -7.03 9.79 15.56
C ARG A 75 -5.63 10.10 16.06
N LYS A 76 -4.73 10.40 15.12
CA LYS A 76 -3.34 10.72 15.45
C LYS A 76 -2.57 11.11 14.21
N ARG A 77 -1.35 11.61 14.41
CA ARG A 77 -0.50 12.03 13.30
C ARG A 77 0.69 11.10 13.15
N LEU A 78 0.53 10.06 12.33
CA LEU A 78 1.59 9.09 12.10
C LEU A 78 2.89 9.78 11.69
N PRO A 79 4.00 9.07 11.82
CA PRO A 79 5.33 9.60 11.47
C PRO A 79 5.50 9.77 9.97
N THR A 80 4.84 8.91 9.20
CA THR A 80 4.91 8.98 7.74
C THR A 80 3.63 9.53 7.15
N THR A 81 3.76 10.32 6.08
CA THR A 81 2.61 10.92 5.42
C THR A 81 2.33 10.23 4.09
N LEU A 82 2.80 9.00 3.96
CA LEU A 82 2.60 8.22 2.74
C LEU A 82 2.07 6.83 3.06
N PHE A 83 0.90 6.77 3.68
CA PHE A 83 0.28 5.50 4.04
C PHE A 83 -1.15 5.41 3.51
N PHE A 84 -1.68 4.20 3.47
CA PHE A 84 -3.05 3.98 2.98
C PHE A 84 -3.77 2.95 3.84
N ILE A 85 -5.05 2.75 3.56
CA ILE A 85 -5.85 1.79 4.30
C ILE A 85 -6.13 0.54 3.47
N GLU A 86 -6.18 -0.61 4.13
CA GLU A 86 -6.44 -1.88 3.45
C GLU A 86 -7.77 -1.83 2.70
N THR A 87 -8.69 -1.00 3.20
CA THR A 87 -10.00 -0.86 2.59
C THR A 87 -9.92 -0.05 1.30
N ASP A 88 -8.75 0.50 1.02
CA ASP A 88 -8.55 1.31 -0.18
C ASP A 88 -7.90 0.47 -1.28
N ILE A 89 -7.24 -0.61 -0.89
CA ILE A 89 -6.57 -1.48 -1.84
C ILE A 89 -7.32 -2.81 -1.98
N ARG A 90 -7.89 -3.28 -0.88
CA ARG A 90 -8.64 -4.53 -0.89
C ARG A 90 -9.64 -4.57 -2.04
N PRO A 91 -10.55 -3.58 -2.07
CA PRO A 91 -11.57 -3.49 -3.11
C PRO A 91 -10.98 -3.11 -4.47
N MET A 92 -9.66 -3.04 -4.53
CA MET A 92 -8.96 -2.70 -5.78
C MET A 92 -8.24 -3.91 -6.35
N LEU A 93 -7.85 -4.83 -5.48
CA LEU A 93 -7.15 -6.03 -5.90
C LEU A 93 -8.06 -6.92 -6.75
N GLN A 94 -8.40 -8.10 -6.22
CA GLN A 94 -9.26 -9.03 -6.93
C GLN A 94 -10.25 -9.68 -5.98
N ASP A 95 -11.48 -9.91 -6.46
CA ASP A 95 -12.52 -10.53 -5.64
C ASP A 95 -12.16 -11.98 -5.31
N ARG A 96 -11.59 -12.68 -6.29
CA ARG A 96 -11.20 -14.07 -6.09
C ARG A 96 -9.77 -14.17 -5.58
N LEU A 97 -9.29 -13.09 -4.97
CA LEU A 97 -7.93 -13.04 -4.43
C LEU A 97 -7.88 -13.68 -3.04
N ARG A 98 -9.04 -13.78 -2.39
CA ARG A 98 -9.12 -14.37 -1.06
C ARG A 98 -8.36 -13.52 -0.05
N PRO A 99 -8.68 -13.72 1.24
CA PRO A 99 -8.03 -12.99 2.33
C PRO A 99 -6.58 -13.41 2.53
N SER A 100 -5.72 -13.04 1.58
CA SER A 100 -4.31 -13.38 1.66
C SER A 100 -3.49 -12.22 2.22
N PHE A 101 -4.05 -11.02 2.13
CA PHE A 101 -3.38 -9.83 2.63
C PHE A 101 -2.87 -10.04 4.05
N ALA A 102 -3.76 -10.47 4.94
CA ALA A 102 -3.40 -10.72 6.33
C ALA A 102 -2.24 -11.70 6.43
N LYS A 103 -2.04 -12.49 5.38
CA LYS A 103 -0.96 -13.46 5.35
C LYS A 103 0.26 -12.91 4.62
N ALA A 104 0.03 -11.88 3.79
CA ALA A 104 1.10 -11.25 3.03
C ALA A 104 1.80 -10.17 3.86
N ILE A 105 1.12 -9.69 4.88
CA ILE A 105 1.67 -8.65 5.75
C ILE A 105 3.09 -8.99 6.18
N PRO A 106 3.28 -10.21 6.70
CA PRO A 106 4.59 -10.67 7.16
C PRO A 106 5.55 -10.93 6.00
N CYS A 107 5.00 -11.39 4.89
CA CYS A 107 5.82 -11.68 3.70
C CYS A 107 6.22 -10.39 3.00
N LEU A 108 5.56 -9.29 3.36
CA LEU A 108 5.86 -7.99 2.77
C LEU A 108 6.85 -7.21 3.62
N ARG A 109 6.78 -7.42 4.93
CA ARG A 109 7.68 -6.73 5.86
C ARG A 109 8.98 -7.51 6.03
N HIS A 110 8.89 -8.83 5.93
CA HIS A 110 10.06 -9.69 6.07
C HIS A 110 11.16 -9.29 5.09
N ILE A 111 10.76 -8.64 4.00
CA ILE A 111 11.71 -8.20 2.99
C ILE A 111 12.01 -6.71 3.13
N ARG A 112 11.31 -6.05 4.05
CA ARG A 112 11.49 -4.62 4.27
C ARG A 112 11.04 -3.81 3.07
N ARG A 113 9.78 -3.99 2.68
CA ARG A 113 9.23 -3.28 1.53
C ARG A 113 8.09 -2.36 1.96
N ILE A 114 7.37 -2.76 3.01
CA ILE A 114 6.26 -1.97 3.52
C ILE A 114 6.10 -2.17 5.03
N ARG A 115 5.09 -1.51 5.60
CA ARG A 115 4.82 -1.61 7.03
C ARG A 115 3.32 -1.55 7.31
N GLU A 116 2.96 -1.75 8.57
CA GLU A 116 1.56 -1.73 8.97
C GLU A 116 1.39 -1.15 10.37
N GLU A 117 0.55 -0.12 10.49
CA GLU A 117 0.30 0.52 11.77
C GLU A 117 -1.12 0.27 12.24
N ARG A 118 -1.26 -0.55 13.28
CA ARG A 118 -2.57 -0.87 13.84
C ARG A 118 -3.13 0.31 14.63
N CYS A 119 -4.05 1.04 14.02
CA CYS A 119 -4.67 2.19 14.68
C CYS A 119 -6.16 1.96 14.91
N GLY A 120 -6.48 1.23 15.98
CA GLY A 120 -7.87 0.95 16.28
C GLY A 120 -8.50 0.00 15.29
N PRO A 121 -9.78 0.26 14.95
CA PRO A 121 -10.52 -0.57 14.00
C PRO A 121 -10.01 -0.41 12.57
N LEU A 122 -8.94 0.34 12.42
CA LEU A 122 -8.34 0.57 11.09
C LEU A 122 -6.90 0.06 11.05
N THR A 123 -6.30 0.11 9.86
CA THR A 123 -4.93 -0.35 9.68
C THR A 123 -4.29 0.33 8.48
N PHE A 124 -3.24 1.11 8.74
CA PHE A 124 -2.53 1.81 7.68
C PHE A 124 -1.29 1.02 7.24
N TYR A 125 -0.69 1.45 6.13
CA TYR A 125 0.49 0.79 5.60
C TYR A 125 1.38 1.78 4.85
N TYR A 126 2.64 1.85 5.25
CA TYR A 126 3.59 2.76 4.61
C TYR A 126 4.83 2.01 4.14
N PRO A 127 5.42 2.49 3.04
CA PRO A 127 6.62 1.88 2.45
C PRO A 127 7.86 2.07 3.32
N GLY A 128 8.09 1.13 4.22
CA GLY A 128 9.25 1.22 5.10
C GLY A 128 9.40 2.60 5.71
N SER A 129 8.67 2.86 6.79
CA SER A 129 8.73 4.15 7.47
C SER A 129 10.17 4.52 7.81
N SER A 130 10.97 3.52 8.15
CA SER A 130 12.36 3.73 8.50
C SER A 130 13.20 3.98 7.26
N MET A 1 5.32 17.50 -11.89
CA MET A 1 6.43 16.68 -12.35
C MET A 1 6.10 15.19 -12.24
N ASN A 2 6.97 14.35 -12.77
CA ASN A 2 6.77 12.91 -12.73
C ASN A 2 7.38 12.31 -11.47
N ASP A 3 6.97 11.08 -11.14
CA ASP A 3 7.47 10.40 -9.96
C ASP A 3 7.93 8.98 -10.30
N ILE A 4 8.50 8.29 -9.32
CA ILE A 4 8.97 6.93 -9.53
C ILE A 4 8.25 5.96 -8.59
N ARG A 5 8.18 4.70 -8.99
CA ARG A 5 7.53 3.67 -8.18
C ARG A 5 8.15 3.60 -6.79
N ILE A 6 7.31 3.34 -5.80
CA ILE A 6 7.78 3.23 -4.42
C ILE A 6 8.16 1.80 -4.07
N VAL A 7 7.39 0.85 -4.58
CA VAL A 7 7.65 -0.57 -4.33
C VAL A 7 7.07 -1.44 -5.44
N PRO A 8 7.92 -1.84 -6.39
CA PRO A 8 7.51 -2.68 -7.51
C PRO A 8 7.17 -4.11 -7.08
N GLN A 9 6.61 -4.88 -8.01
CA GLN A 9 6.24 -6.26 -7.72
C GLN A 9 7.42 -7.03 -7.16
N ILE A 10 7.17 -8.28 -6.77
CA ILE A 10 8.22 -9.13 -6.21
C ILE A 10 8.36 -10.43 -7.01
N THR A 11 9.58 -10.71 -7.47
CA THR A 11 9.83 -11.92 -8.25
C THR A 11 9.89 -13.15 -7.34
N ASP A 12 10.04 -14.31 -7.96
CA ASP A 12 10.12 -15.57 -7.21
C ASP A 12 11.26 -15.53 -6.19
N GLU A 13 12.33 -14.83 -6.56
CA GLU A 13 13.49 -14.71 -5.67
C GLU A 13 13.18 -13.83 -4.47
N GLU A 14 12.24 -12.92 -4.64
CA GLU A 14 11.84 -12.01 -3.56
C GLU A 14 10.68 -12.59 -2.77
N PHE A 15 9.96 -13.53 -3.38
CA PHE A 15 8.82 -14.16 -2.73
C PHE A 15 9.23 -15.47 -2.05
N LYS A 16 10.26 -16.10 -2.59
CA LYS A 16 10.77 -17.36 -2.04
C LYS A 16 11.69 -17.10 -0.86
N THR A 17 11.83 -15.84 -0.48
CA THR A 17 12.68 -15.46 0.63
C THR A 17 12.00 -15.72 1.97
N ILE A 18 10.68 -15.88 1.93
CA ILE A 18 9.90 -16.13 3.13
C ILE A 18 9.36 -17.56 3.15
N PRO A 19 9.47 -18.22 4.32
CA PRO A 19 9.01 -19.60 4.49
C PRO A 19 7.48 -19.70 4.45
N LYS A 20 6.98 -20.90 4.18
CA LYS A 20 5.54 -21.13 4.12
C LYS A 20 4.89 -20.84 5.47
N TYR A 21 5.68 -20.86 6.52
CA TYR A 21 5.18 -20.59 7.87
C TYR A 21 4.64 -19.17 7.98
N GLN A 22 5.01 -18.33 7.01
CA GLN A 22 4.55 -16.95 7.00
C GLN A 22 3.55 -16.71 5.88
N LEU A 23 3.73 -17.42 4.76
CA LEU A 23 2.85 -17.30 3.62
C LEU A 23 1.42 -17.69 3.98
N GLY A 24 1.25 -18.94 4.41
CA GLY A 24 -0.07 -19.42 4.79
C GLY A 24 -1.04 -19.43 3.63
N ARG A 25 -0.91 -20.42 2.76
CA ARG A 25 -1.78 -20.54 1.59
C ARG A 25 -1.56 -19.39 0.63
N LEU A 26 -0.46 -18.67 0.82
CA LEU A 26 -0.12 -17.54 -0.04
C LEU A 26 0.70 -17.99 -1.24
N THR A 27 0.58 -17.26 -2.34
CA THR A 27 1.31 -17.58 -3.56
C THR A 27 1.88 -16.33 -4.22
N LEU A 28 2.91 -16.51 -5.04
CA LEU A 28 3.54 -15.40 -5.73
C LEU A 28 2.50 -14.52 -6.41
N GLU A 29 1.54 -15.15 -7.06
CA GLU A 29 0.48 -14.42 -7.75
C GLU A 29 -0.28 -13.52 -6.78
N MET A 30 -0.53 -14.03 -5.58
CA MET A 30 -1.25 -13.27 -4.56
C MET A 30 -0.48 -12.00 -4.18
N MET A 31 0.82 -12.16 -3.93
CA MET A 31 1.66 -11.03 -3.56
C MET A 31 1.95 -10.14 -4.77
N ASN A 32 2.03 -10.76 -5.94
CA ASN A 32 2.30 -10.02 -7.17
C ASN A 32 1.24 -8.96 -7.42
N GLU A 33 -0.02 -9.32 -7.19
CA GLU A 33 -1.12 -8.39 -7.39
C GLU A 33 -1.25 -7.44 -6.20
N ILE A 34 -0.83 -7.91 -5.03
CA ILE A 34 -0.91 -7.10 -3.82
C ILE A 34 0.13 -5.98 -3.85
N VAL A 35 1.36 -6.32 -4.25
CA VAL A 35 2.44 -5.35 -4.31
C VAL A 35 2.26 -4.42 -5.52
N SER A 36 1.62 -4.94 -6.56
CA SER A 36 1.38 -4.17 -7.78
C SER A 36 0.29 -3.12 -7.56
N LYS A 37 -0.78 -3.53 -6.90
CA LYS A 37 -1.90 -2.63 -6.63
C LYS A 37 -1.50 -1.56 -5.61
N MET A 38 -0.88 -1.99 -4.52
CA MET A 38 -0.44 -1.07 -3.48
C MET A 38 0.52 -0.03 -4.04
N ASP A 39 1.40 -0.46 -4.93
CA ASP A 39 2.36 0.44 -5.56
C ASP A 39 1.67 1.43 -6.48
N ASP A 40 0.56 1.00 -7.07
CA ASP A 40 -0.20 1.85 -7.98
C ASP A 40 -0.78 3.05 -7.24
N PHE A 41 -1.57 2.77 -6.20
CA PHE A 41 -2.20 3.82 -5.42
C PHE A 41 -1.15 4.74 -4.80
N LEU A 42 -0.12 4.15 -4.20
CA LEU A 42 0.95 4.91 -3.58
C LEU A 42 1.70 5.75 -4.61
N MET A 43 1.88 5.18 -5.80
CA MET A 43 2.57 5.88 -6.88
C MET A 43 1.84 7.16 -7.26
N LYS A 44 0.52 7.12 -7.22
CA LYS A 44 -0.29 8.28 -7.57
C LYS A 44 -0.18 9.35 -6.48
N LYS A 45 -0.13 8.91 -5.23
CA LYS A 45 -0.03 9.83 -4.10
C LYS A 45 1.25 10.66 -4.19
N SER A 46 2.38 9.97 -4.32
CA SER A 46 3.67 10.66 -4.41
C SER A 46 3.73 11.55 -5.64
N LYS A 47 2.99 11.17 -6.68
CA LYS A 47 2.95 11.94 -7.92
C LYS A 47 2.19 13.24 -7.72
N ILE A 48 1.23 13.23 -6.80
CA ILE A 48 0.43 14.41 -6.52
C ILE A 48 1.19 15.39 -5.63
N LEU A 49 2.02 14.86 -4.75
CA LEU A 49 2.80 15.69 -3.84
C LEU A 49 3.78 16.57 -4.61
N GLY A 50 4.06 16.18 -5.86
CA GLY A 50 4.98 16.96 -6.68
C GLY A 50 4.25 17.82 -7.70
N LYS A 51 3.15 17.31 -8.22
CA LYS A 51 2.35 18.04 -9.20
C LYS A 51 2.02 19.44 -8.70
N THR A 52 1.43 20.25 -9.58
CA THR A 52 1.06 21.61 -9.23
C THR A 52 -0.43 21.83 -9.40
N ASN A 53 -0.90 23.04 -9.09
CA ASN A 53 -2.31 23.38 -9.22
C ASN A 53 -2.74 23.35 -10.68
N LYS A 54 -1.78 23.46 -11.58
CA LYS A 54 -2.07 23.44 -13.01
C LYS A 54 -2.49 22.05 -13.47
N GLN A 55 -1.79 21.03 -12.98
CA GLN A 55 -2.09 19.65 -13.34
C GLN A 55 -3.14 19.07 -12.40
N LEU A 56 -3.11 19.50 -11.15
CA LEU A 56 -4.07 19.02 -10.16
C LEU A 56 -5.50 19.11 -10.68
N THR A 57 -6.21 18.00 -10.65
CA THR A 57 -7.59 17.95 -11.12
C THR A 57 -8.53 17.38 -10.05
N ARG A 58 -9.79 17.17 -10.43
CA ARG A 58 -10.77 16.64 -9.50
C ARG A 58 -10.24 15.39 -8.81
N SER A 59 -9.75 14.44 -9.60
CA SER A 59 -9.21 13.19 -9.06
C SER A 59 -8.16 13.47 -7.99
N ASP A 60 -7.41 14.55 -8.17
CA ASP A 60 -6.37 14.93 -7.22
C ASP A 60 -6.97 15.54 -5.97
N ARG A 61 -8.09 16.26 -6.13
CA ARG A 61 -8.76 16.90 -5.01
C ARG A 61 -9.53 15.87 -4.19
N GLU A 62 -10.14 14.91 -4.87
CA GLU A 62 -10.91 13.86 -4.19
C GLU A 62 -9.98 12.94 -3.41
N VAL A 63 -8.85 12.61 -4.00
CA VAL A 63 -7.87 11.72 -3.36
C VAL A 63 -7.21 12.41 -2.16
N LEU A 64 -6.91 13.69 -2.32
CA LEU A 64 -6.28 14.47 -1.25
C LEU A 64 -7.21 14.61 -0.05
N ASP A 65 -8.48 14.90 -0.32
CA ASP A 65 -9.47 15.05 0.73
C ASP A 65 -9.70 13.74 1.47
N ASN A 66 -9.64 12.63 0.74
CA ASN A 66 -9.83 11.31 1.33
C ASN A 66 -8.60 10.90 2.13
N TRP A 67 -7.44 11.06 1.54
CA TRP A 67 -6.18 10.69 2.20
C TRP A 67 -6.07 11.35 3.56
N ARG A 68 -6.34 12.66 3.61
CA ARG A 68 -6.27 13.40 4.86
C ARG A 68 -7.46 13.08 5.76
N GLU A 69 -8.54 12.58 5.15
CA GLU A 69 -9.74 12.22 5.89
C GLU A 69 -9.53 10.94 6.69
N LEU A 70 -8.88 9.95 6.06
CA LEU A 70 -8.62 8.68 6.70
C LEU A 70 -7.48 8.80 7.71
N GLU A 71 -6.55 9.71 7.43
CA GLU A 71 -5.41 9.92 8.31
C GLU A 71 -5.85 10.66 9.58
N MET A 72 -6.89 11.45 9.47
CA MET A 72 -7.41 12.21 10.61
C MET A 72 -8.46 11.40 11.37
N LYS A 73 -9.11 10.49 10.66
CA LYS A 73 -10.14 9.64 11.26
C LYS A 73 -9.50 8.47 12.01
N ALA A 74 -8.23 8.21 11.73
CA ALA A 74 -7.52 7.12 12.38
C ALA A 74 -7.21 7.44 13.83
N ARG A 75 -7.63 8.63 14.26
CA ARG A 75 -7.40 9.06 15.64
C ARG A 75 -5.94 8.84 16.04
N LYS A 76 -5.02 9.30 15.20
CA LYS A 76 -3.60 9.16 15.47
C LYS A 76 -2.77 9.77 14.33
N ARG A 77 -1.92 10.72 14.67
CA ARG A 77 -1.07 11.37 13.69
C ARG A 77 0.13 10.50 13.33
N LEU A 78 -0.03 9.66 12.32
CA LEU A 78 1.04 8.77 11.89
C LEU A 78 2.26 9.56 11.45
N PRO A 79 3.45 8.94 11.55
CA PRO A 79 4.71 9.57 11.17
C PRO A 79 4.84 9.75 9.66
N THR A 80 4.57 8.69 8.92
CA THR A 80 4.65 8.73 7.47
C THR A 80 3.43 9.42 6.87
N THR A 81 3.58 9.97 5.67
CA THR A 81 2.50 10.65 4.99
C THR A 81 2.21 10.02 3.63
N LEU A 82 3.02 9.02 3.26
CA LEU A 82 2.85 8.34 1.99
C LEU A 82 2.32 6.92 2.21
N PHE A 83 1.09 6.82 2.70
CA PHE A 83 0.47 5.53 2.95
C PHE A 83 -0.93 5.46 2.33
N PHE A 84 -1.63 4.37 2.60
CA PHE A 84 -2.97 4.18 2.06
C PHE A 84 -3.81 3.29 2.98
N ILE A 85 -5.12 3.31 2.78
CA ILE A 85 -6.03 2.51 3.60
C ILE A 85 -6.45 1.25 2.87
N GLU A 86 -6.62 0.16 3.61
CA GLU A 86 -7.03 -1.12 3.03
C GLU A 86 -8.34 -0.97 2.27
N THR A 87 -9.13 0.03 2.64
CA THR A 87 -10.41 0.28 2.01
C THR A 87 -10.23 0.90 0.63
N ASP A 88 -9.00 1.28 0.32
CA ASP A 88 -8.69 1.89 -0.97
C ASP A 88 -7.96 0.91 -1.88
N ILE A 89 -7.40 -0.14 -1.29
CA ILE A 89 -6.67 -1.15 -2.03
C ILE A 89 -7.48 -2.44 -2.15
N ARG A 90 -8.29 -2.72 -1.13
CA ARG A 90 -9.11 -3.93 -1.12
C ARG A 90 -9.89 -4.06 -2.43
N PRO A 91 -10.73 -3.05 -2.72
CA PRO A 91 -11.55 -3.03 -3.93
C PRO A 91 -10.71 -2.83 -5.19
N MET A 92 -9.40 -2.83 -5.03
CA MET A 92 -8.48 -2.66 -6.16
C MET A 92 -7.83 -3.99 -6.54
N LEU A 93 -7.57 -4.82 -5.54
CA LEU A 93 -6.95 -6.12 -5.77
C LEU A 93 -7.88 -7.02 -6.58
N GLN A 94 -8.29 -8.13 -5.97
CA GLN A 94 -9.17 -9.08 -6.64
C GLN A 94 -10.22 -9.62 -5.67
N ASP A 95 -11.44 -9.79 -6.15
CA ASP A 95 -12.53 -10.31 -5.32
C ASP A 95 -12.30 -11.78 -4.98
N ARG A 96 -11.52 -12.46 -5.81
CA ARG A 96 -11.22 -13.86 -5.60
C ARG A 96 -9.83 -14.04 -4.99
N LEU A 97 -9.15 -12.92 -4.75
CA LEU A 97 -7.81 -12.95 -4.18
C LEU A 97 -7.84 -13.52 -2.76
N ARG A 98 -9.02 -13.52 -2.15
CA ARG A 98 -9.19 -14.04 -0.80
C ARG A 98 -8.36 -13.23 0.19
N PRO A 99 -8.67 -13.38 1.49
CA PRO A 99 -7.97 -12.68 2.56
C PRO A 99 -6.54 -13.19 2.75
N SER A 100 -5.68 -12.92 1.77
CA SER A 100 -4.30 -13.35 1.82
C SER A 100 -3.39 -12.23 2.29
N PHE A 101 -3.83 -10.99 2.07
CA PHE A 101 -3.06 -9.82 2.46
C PHE A 101 -2.66 -9.91 3.94
N ALA A 102 -3.63 -10.17 4.79
CA ALA A 102 -3.37 -10.29 6.23
C ALA A 102 -2.29 -11.31 6.51
N LYS A 103 -2.07 -12.23 5.57
CA LYS A 103 -1.06 -13.26 5.72
C LYS A 103 0.25 -12.84 5.04
N ALA A 104 0.15 -11.91 4.09
CA ALA A 104 1.31 -11.42 3.36
C ALA A 104 1.96 -10.26 4.10
N ILE A 105 1.21 -9.65 5.01
CA ILE A 105 1.72 -8.52 5.78
C ILE A 105 3.10 -8.82 6.36
N PRO A 106 3.22 -9.97 7.03
CA PRO A 106 4.49 -10.41 7.64
C PRO A 106 5.53 -10.80 6.60
N CYS A 107 5.06 -11.34 5.47
CA CYS A 107 5.95 -11.76 4.39
C CYS A 107 6.49 -10.54 3.64
N LEU A 108 5.82 -9.41 3.79
CA LEU A 108 6.24 -8.18 3.12
C LEU A 108 7.19 -7.38 4.00
N ARG A 109 6.92 -7.37 5.31
CA ARG A 109 7.75 -6.63 6.25
C ARG A 109 9.00 -7.43 6.60
N HIS A 110 8.87 -8.76 6.60
CA HIS A 110 9.99 -9.64 6.92
C HIS A 110 11.19 -9.36 6.01
N ILE A 111 10.91 -8.75 4.86
CA ILE A 111 11.97 -8.42 3.90
C ILE A 111 12.28 -6.93 3.93
N ARG A 112 11.46 -6.17 4.64
CA ARG A 112 11.66 -4.72 4.74
C ARG A 112 11.31 -4.03 3.43
N ARG A 113 10.11 -4.27 2.93
CA ARG A 113 9.67 -3.68 1.67
C ARG A 113 8.54 -2.69 1.91
N ILE A 114 7.76 -2.93 2.95
CA ILE A 114 6.63 -2.06 3.28
C ILE A 114 6.36 -2.08 4.78
N ARG A 115 5.34 -1.33 5.20
CA ARG A 115 4.97 -1.26 6.61
C ARG A 115 3.45 -1.27 6.77
N GLU A 116 2.99 -1.39 8.01
CA GLU A 116 1.56 -1.42 8.30
C GLU A 116 1.28 -0.82 9.68
N GLU A 117 0.34 0.13 9.72
CA GLU A 117 -0.03 0.78 10.97
C GLU A 117 -1.48 0.49 11.33
N ARG A 118 -1.69 -0.37 12.31
CA ARG A 118 -3.03 -0.74 12.75
C ARG A 118 -3.68 0.41 13.52
N CYS A 119 -4.60 1.11 12.87
CA CYS A 119 -5.29 2.22 13.51
C CYS A 119 -6.80 1.98 13.53
N GLY A 120 -7.26 1.23 14.53
CA GLY A 120 -8.66 0.94 14.65
C GLY A 120 -9.18 0.06 13.52
N PRO A 121 -10.39 0.37 13.03
CA PRO A 121 -11.01 -0.39 11.94
C PRO A 121 -10.32 -0.17 10.61
N LEU A 122 -9.25 0.62 10.63
CA LEU A 122 -8.49 0.92 9.41
C LEU A 122 -7.05 0.42 9.55
N THR A 123 -6.29 0.52 8.45
CA THR A 123 -4.90 0.08 8.44
C THR A 123 -4.11 0.81 7.37
N PHE A 124 -3.03 1.48 7.79
CA PHE A 124 -2.18 2.22 6.87
C PHE A 124 -1.01 1.37 6.40
N TYR A 125 -0.37 1.79 5.32
CA TYR A 125 0.79 1.06 4.78
C TYR A 125 1.74 2.01 4.07
N TYR A 126 2.96 2.10 4.58
CA TYR A 126 3.97 2.98 4.00
C TYR A 126 5.24 2.19 3.66
N PRO A 127 6.04 2.75 2.73
CA PRO A 127 7.30 2.11 2.31
C PRO A 127 8.36 2.13 3.39
N GLY A 128 8.50 1.01 4.10
CA GLY A 128 9.49 0.92 5.16
C GLY A 128 9.43 2.10 6.11
N SER A 129 10.53 2.36 6.80
CA SER A 129 10.60 3.46 7.75
C SER A 129 11.80 4.36 7.45
N SER A 130 11.71 5.62 7.89
CA SER A 130 12.79 6.58 7.67
C SER A 130 13.96 6.29 8.60
N MET A 1 6.78 15.59 -13.86
CA MET A 1 7.61 15.45 -12.67
C MET A 1 7.05 14.36 -11.75
N ASN A 2 6.41 13.36 -12.34
CA ASN A 2 5.83 12.27 -11.58
C ASN A 2 6.88 11.62 -10.68
N ASP A 3 6.45 11.18 -9.50
CA ASP A 3 7.36 10.55 -8.55
C ASP A 3 7.69 9.13 -8.98
N ILE A 4 8.88 8.66 -8.59
CA ILE A 4 9.31 7.32 -8.94
C ILE A 4 8.54 6.26 -8.16
N ARG A 5 8.63 5.02 -8.60
CA ARG A 5 7.95 3.91 -7.94
C ARG A 5 8.44 3.73 -6.51
N ILE A 6 7.53 3.34 -5.62
CA ILE A 6 7.88 3.14 -4.22
C ILE A 6 8.16 1.65 -3.93
N VAL A 7 7.41 0.78 -4.59
CA VAL A 7 7.57 -0.65 -4.41
C VAL A 7 7.07 -1.42 -5.63
N PRO A 8 8.01 -1.81 -6.51
CA PRO A 8 7.68 -2.56 -7.73
C PRO A 8 7.22 -3.98 -7.43
N GLN A 9 6.73 -4.67 -8.46
CA GLN A 9 6.26 -6.04 -8.31
C GLN A 9 7.36 -6.94 -7.78
N ILE A 10 6.97 -8.05 -7.14
CA ILE A 10 7.93 -8.99 -6.58
C ILE A 10 7.80 -10.35 -7.25
N THR A 11 8.84 -10.75 -7.97
CA THR A 11 8.84 -12.05 -8.65
C THR A 11 9.37 -13.16 -7.75
N ASP A 12 9.59 -14.33 -8.32
CA ASP A 12 10.10 -15.47 -7.56
C ASP A 12 11.40 -15.11 -6.84
N GLU A 13 12.09 -14.10 -7.36
CA GLU A 13 13.35 -13.66 -6.76
C GLU A 13 13.13 -13.12 -5.35
N GLU A 14 11.95 -12.57 -5.11
CA GLU A 14 11.61 -12.01 -3.80
C GLU A 14 10.65 -12.94 -3.06
N PHE A 15 9.66 -13.46 -3.77
CA PHE A 15 8.68 -14.36 -3.17
C PHE A 15 9.36 -15.58 -2.55
N LYS A 16 10.55 -15.90 -3.07
CA LYS A 16 11.30 -17.05 -2.56
C LYS A 16 11.91 -16.75 -1.20
N THR A 17 11.88 -15.48 -0.81
CA THR A 17 12.43 -15.06 0.47
C THR A 17 11.46 -15.38 1.61
N ILE A 18 10.21 -15.67 1.26
CA ILE A 18 9.19 -16.00 2.24
C ILE A 18 8.59 -17.37 1.98
N PRO A 19 9.13 -18.41 2.64
CA PRO A 19 8.66 -19.78 2.50
C PRO A 19 7.28 -19.99 3.10
N LYS A 20 6.76 -21.22 2.99
CA LYS A 20 5.45 -21.54 3.53
C LYS A 20 5.36 -21.17 5.01
N TYR A 21 6.51 -21.12 5.67
CA TYR A 21 6.55 -20.77 7.08
C TYR A 21 6.05 -19.35 7.31
N GLN A 22 6.12 -18.53 6.27
CA GLN A 22 5.68 -17.14 6.34
C GLN A 22 4.39 -16.94 5.56
N LEU A 23 4.32 -17.52 4.36
CA LEU A 23 3.15 -17.40 3.51
C LEU A 23 1.96 -18.15 4.12
N GLY A 24 2.17 -19.43 4.41
CA GLY A 24 1.11 -20.24 4.99
C GLY A 24 0.14 -20.76 3.95
N ARG A 25 -0.43 -19.84 3.16
CA ARG A 25 -1.39 -20.22 2.12
C ARG A 25 -1.42 -19.16 1.02
N LEU A 26 -0.35 -18.38 0.92
CA LEU A 26 -0.26 -17.34 -0.10
C LEU A 26 0.60 -17.80 -1.27
N THR A 27 0.52 -17.06 -2.37
CA THR A 27 1.29 -17.39 -3.56
C THR A 27 1.84 -16.13 -4.23
N LEU A 28 2.79 -16.31 -5.14
CA LEU A 28 3.40 -15.20 -5.85
C LEU A 28 2.33 -14.31 -6.49
N GLU A 29 1.32 -14.95 -7.07
CA GLU A 29 0.23 -14.22 -7.72
C GLU A 29 -0.49 -13.32 -6.73
N MET A 30 -0.70 -13.83 -5.51
CA MET A 30 -1.37 -13.07 -4.47
C MET A 30 -0.55 -11.85 -4.05
N MET A 31 0.75 -12.07 -3.89
CA MET A 31 1.66 -10.98 -3.48
C MET A 31 1.94 -10.06 -4.66
N ASN A 32 1.92 -10.61 -5.87
CA ASN A 32 2.18 -9.83 -7.07
C ASN A 32 1.10 -8.78 -7.28
N GLU A 33 -0.15 -9.16 -7.01
CA GLU A 33 -1.27 -8.24 -7.17
C GLU A 33 -1.39 -7.31 -5.97
N ILE A 34 -0.98 -7.81 -4.80
CA ILE A 34 -1.04 -7.03 -3.57
C ILE A 34 -0.03 -5.90 -3.59
N VAL A 35 1.21 -6.22 -3.94
CA VAL A 35 2.28 -5.23 -4.00
C VAL A 35 2.11 -4.31 -5.21
N SER A 36 1.51 -4.85 -6.27
CA SER A 36 1.29 -4.08 -7.49
C SER A 36 0.27 -2.97 -7.25
N LYS A 37 -0.89 -3.34 -6.72
CA LYS A 37 -1.94 -2.38 -6.43
C LYS A 37 -1.50 -1.37 -5.39
N MET A 38 -0.95 -1.87 -4.29
CA MET A 38 -0.47 -1.00 -3.21
C MET A 38 0.46 0.08 -3.75
N ASP A 39 1.37 -0.31 -4.63
CA ASP A 39 2.32 0.62 -5.23
C ASP A 39 1.60 1.62 -6.12
N ASP A 40 0.51 1.19 -6.73
CA ASP A 40 -0.27 2.06 -7.62
C ASP A 40 -0.82 3.26 -6.86
N PHE A 41 -1.60 3.00 -5.82
CA PHE A 41 -2.20 4.06 -5.02
C PHE A 41 -1.11 4.93 -4.39
N LEU A 42 -0.09 4.28 -3.84
CA LEU A 42 1.01 5.00 -3.19
C LEU A 42 1.80 5.81 -4.22
N MET A 43 1.81 5.33 -5.46
CA MET A 43 2.52 6.02 -6.53
C MET A 43 1.86 7.35 -6.87
N LYS A 44 0.53 7.35 -6.87
CA LYS A 44 -0.23 8.56 -7.18
C LYS A 44 -0.13 9.57 -6.04
N LYS A 45 -0.09 9.06 -4.81
CA LYS A 45 0.01 9.91 -3.63
C LYS A 45 1.32 10.69 -3.63
N SER A 46 2.43 9.96 -3.75
CA SER A 46 3.75 10.56 -3.75
C SER A 46 3.92 11.50 -4.95
N LYS A 47 3.15 11.23 -6.01
CA LYS A 47 3.22 12.05 -7.21
C LYS A 47 2.53 13.39 -6.99
N ILE A 48 1.54 13.41 -6.09
CA ILE A 48 0.82 14.63 -5.78
C ILE A 48 1.59 15.51 -4.80
N LEU A 49 2.34 14.87 -3.92
CA LEU A 49 3.13 15.58 -2.92
C LEU A 49 4.29 16.33 -3.57
N GLY A 50 4.53 16.03 -4.84
CA GLY A 50 5.61 16.67 -5.57
C GLY A 50 5.20 17.11 -6.97
N LYS A 51 3.93 17.49 -7.12
CA LYS A 51 3.42 17.92 -8.40
C LYS A 51 2.91 19.36 -8.33
N THR A 52 2.33 19.83 -9.42
CA THR A 52 1.81 21.20 -9.48
C THR A 52 0.36 21.22 -9.94
N ASN A 53 -0.27 22.38 -9.85
CA ASN A 53 -1.67 22.52 -10.26
C ASN A 53 -1.83 22.31 -11.76
N LYS A 54 -0.71 22.30 -12.47
CA LYS A 54 -0.72 22.12 -13.92
C LYS A 54 -1.14 20.69 -14.28
N GLN A 55 -0.46 19.71 -13.70
CA GLN A 55 -0.77 18.31 -13.96
C GLN A 55 -1.90 17.83 -13.05
N LEU A 56 -1.98 18.41 -11.87
CA LEU A 56 -3.02 18.04 -10.90
C LEU A 56 -4.39 17.98 -11.57
N THR A 57 -5.01 16.81 -11.54
CA THR A 57 -6.32 16.61 -12.14
C THR A 57 -7.36 16.27 -11.09
N ARG A 58 -8.56 15.94 -11.54
CA ARG A 58 -9.66 15.59 -10.63
C ARG A 58 -9.27 14.40 -9.75
N SER A 59 -8.69 13.38 -10.38
CA SER A 59 -8.28 12.18 -9.66
C SER A 59 -7.43 12.54 -8.44
N ASP A 60 -6.68 13.63 -8.55
CA ASP A 60 -5.82 14.08 -7.46
C ASP A 60 -6.66 14.70 -6.34
N ARG A 61 -7.74 15.36 -6.71
CA ARG A 61 -8.62 16.00 -5.74
C ARG A 61 -9.43 14.96 -4.96
N GLU A 62 -9.82 13.90 -5.66
CA GLU A 62 -10.60 12.83 -5.04
C GLU A 62 -9.75 12.02 -4.07
N VAL A 63 -8.49 11.80 -4.44
CA VAL A 63 -7.57 11.04 -3.60
C VAL A 63 -7.11 11.87 -2.41
N LEU A 64 -6.86 13.16 -2.64
CA LEU A 64 -6.42 14.05 -1.58
C LEU A 64 -7.49 14.18 -0.49
N ASP A 65 -8.74 14.31 -0.91
CA ASP A 65 -9.85 14.45 0.02
C ASP A 65 -10.07 13.15 0.79
N ASN A 66 -9.86 12.03 0.12
CA ASN A 66 -10.03 10.71 0.74
C ASN A 66 -8.88 10.41 1.69
N TRP A 67 -7.67 10.75 1.28
CA TRP A 67 -6.49 10.52 2.10
C TRP A 67 -6.58 11.28 3.41
N ARG A 68 -7.01 12.53 3.34
CA ARG A 68 -7.13 13.37 4.53
C ARG A 68 -8.34 12.95 5.37
N GLU A 69 -9.29 12.27 4.72
CA GLU A 69 -10.49 11.81 5.42
C GLU A 69 -10.16 10.66 6.37
N LEU A 70 -9.35 9.72 5.89
CA LEU A 70 -8.96 8.57 6.71
C LEU A 70 -7.90 8.96 7.73
N GLU A 71 -7.10 9.96 7.39
CA GLU A 71 -6.05 10.44 8.28
C GLU A 71 -6.64 11.23 9.44
N MET A 72 -7.76 11.90 9.19
CA MET A 72 -8.42 12.69 10.23
C MET A 72 -9.39 11.83 11.03
N LYS A 73 -9.78 10.69 10.47
CA LYS A 73 -10.70 9.78 11.14
C LYS A 73 -9.94 8.74 11.96
N ALA A 74 -8.64 8.65 11.73
CA ALA A 74 -7.80 7.70 12.45
C ALA A 74 -7.58 8.15 13.90
N ARG A 75 -8.14 9.30 14.24
CA ARG A 75 -8.01 9.84 15.59
C ARG A 75 -6.55 9.81 16.04
N LYS A 76 -5.65 10.11 15.12
CA LYS A 76 -4.21 10.11 15.42
C LYS A 76 -3.40 10.56 14.21
N ARG A 77 -2.41 11.41 14.44
CA ARG A 77 -1.56 11.89 13.36
C ARG A 77 -0.37 10.97 13.15
N LEU A 78 -0.53 10.00 12.25
CA LEU A 78 0.54 9.04 11.96
C LEU A 78 1.84 9.78 11.63
N PRO A 79 2.96 9.06 11.79
CA PRO A 79 4.29 9.62 11.51
C PRO A 79 4.52 9.85 10.01
N THR A 80 4.25 8.82 9.22
CA THR A 80 4.43 8.90 7.76
C THR A 80 3.26 9.63 7.11
N THR A 81 3.45 10.06 5.87
CA THR A 81 2.42 10.77 5.13
C THR A 81 1.99 9.98 3.89
N LEU A 82 2.83 9.04 3.47
CA LEU A 82 2.55 8.22 2.30
C LEU A 82 1.96 6.87 2.70
N PHE A 83 0.76 6.90 3.26
CA PHE A 83 0.09 5.68 3.69
C PHE A 83 -1.35 5.64 3.19
N PHE A 84 -1.89 4.44 3.04
CA PHE A 84 -3.26 4.27 2.57
C PHE A 84 -4.02 3.31 3.47
N ILE A 85 -5.31 3.14 3.20
CA ILE A 85 -6.16 2.25 3.99
C ILE A 85 -6.50 0.99 3.21
N GLU A 86 -6.62 -0.13 3.93
CA GLU A 86 -6.94 -1.41 3.31
C GLU A 86 -8.25 -1.31 2.51
N THR A 87 -9.12 -0.39 2.92
CA THR A 87 -10.39 -0.20 2.25
C THR A 87 -10.21 0.51 0.91
N ASP A 88 -8.99 0.97 0.66
CA ASP A 88 -8.69 1.67 -0.59
C ASP A 88 -7.82 0.80 -1.50
N ILE A 89 -7.43 -0.38 -1.01
CA ILE A 89 -6.61 -1.29 -1.78
C ILE A 89 -7.28 -2.65 -1.93
N ARG A 90 -7.92 -3.11 -0.86
CA ARG A 90 -8.60 -4.39 -0.87
C ARG A 90 -9.59 -4.48 -2.03
N PRO A 91 -10.50 -3.48 -2.09
CA PRO A 91 -11.51 -3.42 -3.14
C PRO A 91 -10.92 -3.10 -4.52
N MET A 92 -9.60 -2.99 -4.57
CA MET A 92 -8.91 -2.69 -5.81
C MET A 92 -8.20 -3.93 -6.36
N LEU A 93 -7.76 -4.80 -5.45
CA LEU A 93 -7.07 -6.03 -5.84
C LEU A 93 -8.00 -6.94 -6.65
N GLN A 94 -8.34 -8.08 -6.06
CA GLN A 94 -9.22 -9.04 -6.72
C GLN A 94 -10.31 -9.53 -5.76
N ASP A 95 -11.51 -9.68 -6.29
CA ASP A 95 -12.65 -10.14 -5.48
C ASP A 95 -12.45 -11.59 -5.05
N ARG A 96 -11.64 -12.32 -5.80
CA ARG A 96 -11.37 -13.72 -5.50
C ARG A 96 -10.02 -13.87 -4.81
N LEU A 97 -9.32 -12.76 -4.63
CA LEU A 97 -8.01 -12.77 -3.99
C LEU A 97 -8.12 -13.16 -2.52
N ARG A 98 -9.32 -12.98 -1.96
CA ARG A 98 -9.56 -13.32 -0.56
C ARG A 98 -8.67 -12.50 0.35
N PRO A 99 -9.05 -12.42 1.64
CA PRO A 99 -8.30 -11.66 2.64
C PRO A 99 -6.97 -12.32 2.98
N SER A 100 -6.03 -12.28 2.03
CA SER A 100 -4.72 -12.88 2.23
C SER A 100 -3.70 -11.83 2.66
N PHE A 101 -4.04 -10.56 2.43
CA PHE A 101 -3.15 -9.46 2.80
C PHE A 101 -2.69 -9.59 4.24
N ALA A 102 -3.64 -9.79 5.15
CA ALA A 102 -3.32 -9.93 6.56
C ALA A 102 -2.27 -11.00 6.79
N LYS A 103 -2.18 -11.94 5.85
CA LYS A 103 -1.22 -13.03 5.95
C LYS A 103 0.08 -12.67 5.23
N ALA A 104 -0.02 -11.77 4.27
CA ALA A 104 1.15 -11.33 3.52
C ALA A 104 1.88 -10.19 4.24
N ILE A 105 1.20 -9.58 5.20
CA ILE A 105 1.78 -8.48 5.96
C ILE A 105 3.19 -8.82 6.43
N PRO A 106 3.34 -9.99 7.07
CA PRO A 106 4.63 -10.46 7.58
C PRO A 106 5.59 -10.85 6.46
N CYS A 107 5.03 -11.31 5.34
CA CYS A 107 5.84 -11.70 4.20
C CYS A 107 6.32 -10.49 3.41
N LEU A 108 5.70 -9.34 3.68
CA LEU A 108 6.05 -8.11 2.99
C LEU A 108 7.05 -7.30 3.82
N ARG A 109 6.91 -7.36 5.14
CA ARG A 109 7.79 -6.63 6.04
C ARG A 109 9.07 -7.43 6.30
N HIS A 110 8.96 -8.76 6.25
CA HIS A 110 10.11 -9.62 6.47
C HIS A 110 11.25 -9.29 5.52
N ILE A 111 10.91 -8.64 4.41
CA ILE A 111 11.91 -8.26 3.42
C ILE A 111 12.27 -6.79 3.55
N ARG A 112 11.49 -6.06 4.34
CA ARG A 112 11.74 -4.63 4.54
C ARG A 112 11.39 -3.84 3.29
N ARG A 113 10.14 -3.94 2.86
CA ARG A 113 9.68 -3.22 1.67
C ARG A 113 8.50 -2.32 2.01
N ILE A 114 7.68 -2.74 2.97
CA ILE A 114 6.53 -1.96 3.38
C ILE A 114 6.28 -2.10 4.89
N ARG A 115 5.25 -1.42 5.37
CA ARG A 115 4.91 -1.46 6.79
C ARG A 115 3.41 -1.31 7.00
N GLU A 116 2.97 -1.39 8.25
CA GLU A 116 1.55 -1.26 8.57
C GLU A 116 1.37 -0.51 9.88
N GLU A 117 0.38 0.38 9.91
CA GLU A 117 0.10 1.17 11.11
C GLU A 117 -1.24 0.77 11.72
N ARG A 118 -1.18 0.05 12.84
CA ARG A 118 -2.39 -0.40 13.52
C ARG A 118 -2.94 0.69 14.44
N CYS A 119 -3.98 1.39 13.98
CA CYS A 119 -4.58 2.45 14.76
C CYS A 119 -6.10 2.28 14.84
N GLY A 120 -6.55 1.53 15.83
CA GLY A 120 -7.97 1.29 16.01
C GLY A 120 -8.56 0.48 14.87
N PRO A 121 -9.83 0.75 14.55
CA PRO A 121 -10.54 0.05 13.47
C PRO A 121 -10.02 0.44 12.09
N LEU A 122 -8.72 0.70 12.01
CA LEU A 122 -8.10 1.07 10.75
C LEU A 122 -6.75 0.38 10.58
N THR A 123 -6.25 0.34 9.35
CA THR A 123 -4.98 -0.29 9.05
C THR A 123 -4.27 0.41 7.90
N PHE A 124 -3.24 1.19 8.22
CA PHE A 124 -2.49 1.92 7.21
C PHE A 124 -1.24 1.14 6.81
N TYR A 125 -0.55 1.63 5.77
CA TYR A 125 0.65 0.97 5.28
C TYR A 125 1.60 1.99 4.64
N TYR A 126 2.84 2.03 5.13
CA TYR A 126 3.84 2.95 4.61
C TYR A 126 5.05 2.20 4.07
N PRO A 127 5.68 2.76 3.03
CA PRO A 127 6.86 2.15 2.41
C PRO A 127 8.08 2.22 3.31
N GLY A 128 8.25 1.21 4.15
CA GLY A 128 9.39 1.17 5.05
C GLY A 128 9.63 2.49 5.74
N SER A 129 8.55 3.25 5.95
CA SER A 129 8.64 4.55 6.61
C SER A 129 8.65 4.40 8.12
N SER A 130 8.69 5.53 8.82
CA SER A 130 8.70 5.52 10.28
C SER A 130 7.87 6.68 10.83
#